data_1G6Z
#
_entry.id   1G6Z
#
_cell.length_a   1.000
_cell.length_b   1.000
_cell.length_c   1.000
_cell.angle_alpha   90.00
_cell.angle_beta   90.00
_cell.angle_gamma   90.00
#
_symmetry.space_group_name_H-M   'P 1'
#
_entity_poly.entity_id   1
_entity_poly.type   'polypeptide(L)'
_entity_poly.pdbx_seq_one_letter_code
;ISSPKQEEYEVERIVDEKLDRNGAVKLYRIRWLNYSSRSDTWEPPENLSGCSAVLAEWKRRKRRLKGSNS
;
_entity_poly.pdbx_strand_id   A
#
# COMPACT_ATOMS: atom_id res chain seq x y z
N ILE A 1 0.52 -18.14 18.24
CA ILE A 1 -0.71 -18.71 17.63
C ILE A 1 -0.58 -20.21 17.43
N SER A 2 0.39 -20.61 16.62
CA SER A 2 0.62 -22.03 16.33
C SER A 2 2.10 -22.31 16.07
N SER A 3 2.72 -21.45 15.28
CA SER A 3 4.14 -21.61 14.95
C SER A 3 4.93 -20.37 15.36
N PRO A 4 6.15 -20.57 15.92
CA PRO A 4 6.99 -19.47 16.35
C PRO A 4 7.94 -18.98 15.26
N LYS A 5 7.46 -19.03 14.01
CA LYS A 5 8.25 -18.60 12.88
C LYS A 5 8.22 -17.08 12.74
N GLN A 6 9.12 -16.54 11.93
CA GLN A 6 9.19 -15.11 11.69
C GLN A 6 7.81 -14.46 11.66
N GLU A 7 7.06 -14.70 10.59
CA GLU A 7 5.72 -14.17 10.43
C GLU A 7 5.25 -14.32 8.99
N GLU A 8 4.21 -15.14 8.80
CA GLU A 8 3.66 -15.38 7.48
C GLU A 8 3.33 -14.07 6.77
N TYR A 9 2.63 -14.16 5.65
CA TYR A 9 2.25 -12.98 4.87
C TYR A 9 1.84 -11.81 5.78
N GLU A 10 2.80 -10.93 6.05
CA GLU A 10 2.55 -9.77 6.91
C GLU A 10 1.99 -8.61 6.08
N VAL A 11 0.67 -8.50 6.04
CA VAL A 11 0.01 -7.44 5.28
C VAL A 11 0.60 -7.29 3.88
N GLU A 12 0.16 -6.27 3.17
CA GLU A 12 0.65 -5.99 1.84
C GLU A 12 1.25 -4.59 1.81
N ARG A 13 1.48 -4.05 0.62
CA ARG A 13 2.07 -2.73 0.50
C ARG A 13 1.20 -1.84 -0.39
N ILE A 14 0.19 -1.24 0.25
CA ILE A 14 -0.81 -0.39 -0.42
C ILE A 14 -1.97 -1.25 -0.90
N VAL A 15 -3.12 -1.08 -0.29
CA VAL A 15 -4.30 -1.85 -0.67
C VAL A 15 -5.24 -1.05 -1.57
N ASP A 16 -5.10 0.27 -1.55
CA ASP A 16 -5.94 1.12 -2.39
C ASP A 16 -5.37 2.51 -2.48
N GLU A 17 -5.92 3.34 -3.36
CA GLU A 17 -5.40 4.68 -3.53
C GLU A 17 -6.47 5.65 -4.03
N LYS A 18 -6.37 6.90 -3.59
CA LYS A 18 -7.27 7.95 -4.01
C LYS A 18 -6.52 9.03 -4.76
N LEU A 19 -6.87 9.18 -6.02
CA LEU A 19 -6.29 10.19 -6.88
C LEU A 19 -7.14 11.44 -6.83
N ASP A 20 -6.70 12.46 -7.58
CA ASP A 20 -7.44 13.71 -7.66
C ASP A 20 -7.85 13.98 -9.11
N ARG A 21 -8.49 15.12 -9.36
CA ARG A 21 -8.89 15.48 -10.74
C ARG A 21 -7.65 15.72 -11.60
N ASN A 22 -6.50 15.76 -10.94
CA ASN A 22 -5.23 15.96 -11.59
C ASN A 22 -4.71 14.63 -12.10
N GLY A 23 -5.40 13.56 -11.72
CA GLY A 23 -5.04 12.23 -12.13
C GLY A 23 -3.89 11.71 -11.32
N ALA A 24 -3.46 12.50 -10.35
CA ALA A 24 -2.38 12.16 -9.49
C ALA A 24 -2.92 11.60 -8.19
N VAL A 25 -2.01 11.32 -7.29
CA VAL A 25 -2.37 10.75 -6.01
C VAL A 25 -2.88 11.82 -5.06
N LYS A 26 -3.16 11.42 -3.84
CA LYS A 26 -3.63 12.31 -2.81
C LYS A 26 -3.63 11.57 -1.49
N LEU A 27 -4.09 10.31 -1.55
CA LEU A 27 -4.16 9.47 -0.35
C LEU A 27 -4.03 8.00 -0.69
N TYR A 28 -3.69 7.16 0.30
CA TYR A 28 -3.56 5.72 0.06
C TYR A 28 -4.18 4.93 1.21
N ARG A 29 -4.63 3.72 0.90
CA ARG A 29 -5.20 2.82 1.88
C ARG A 29 -4.25 1.66 2.11
N ILE A 30 -3.95 1.42 3.39
CA ILE A 30 -3.05 0.33 3.80
C ILE A 30 -3.77 -0.65 4.73
N ARG A 31 -3.86 -1.91 4.32
CA ARG A 31 -4.49 -2.94 5.13
C ARG A 31 -3.49 -3.64 6.04
N TRP A 32 -4.00 -4.27 7.11
CA TRP A 32 -3.16 -4.98 8.06
C TRP A 32 -4.00 -5.87 8.97
N LEU A 33 -4.32 -7.07 8.51
CA LEU A 33 -5.11 -8.01 9.29
C LEU A 33 -4.23 -8.78 10.27
N ASN A 34 -3.07 -9.23 9.81
CA ASN A 34 -2.14 -9.97 10.67
C ASN A 34 -1.93 -9.24 11.99
N TYR A 35 -1.81 -7.92 11.91
CA TYR A 35 -1.60 -7.08 13.09
C TYR A 35 -2.84 -7.00 13.97
N SER A 36 -3.75 -6.08 13.64
CA SER A 36 -4.97 -5.89 14.41
C SER A 36 -6.09 -6.82 13.96
N SER A 37 -6.00 -7.29 12.72
CA SER A 37 -7.00 -8.20 12.17
C SER A 37 -8.36 -7.54 12.03
N ARG A 38 -8.41 -6.21 12.14
CA ARG A 38 -9.67 -5.49 12.02
C ARG A 38 -9.48 -4.02 11.67
N SER A 39 -10.10 -3.61 10.56
CA SER A 39 -10.04 -2.23 10.10
C SER A 39 -8.67 -1.82 9.57
N ASP A 40 -8.68 -1.03 8.49
CA ASP A 40 -7.47 -0.51 7.86
C ASP A 40 -7.44 1.00 8.04
N THR A 41 -6.34 1.66 7.70
CA THR A 41 -6.28 3.11 7.83
C THR A 41 -5.69 3.74 6.58
N TRP A 42 -5.91 5.04 6.43
CA TRP A 42 -5.43 5.76 5.26
C TRP A 42 -4.30 6.71 5.63
N GLU A 43 -3.36 6.84 4.72
CA GLU A 43 -2.21 7.71 4.88
C GLU A 43 -1.85 8.37 3.55
N PRO A 44 -1.40 9.64 3.57
CA PRO A 44 -1.02 10.34 2.34
C PRO A 44 0.33 9.87 1.79
N PRO A 45 0.60 10.19 0.51
CA PRO A 45 1.85 9.79 -0.19
C PRO A 45 3.13 10.34 0.45
N GLU A 46 3.11 11.63 0.72
CA GLU A 46 4.28 12.32 1.29
C GLU A 46 4.86 11.59 2.51
N ASN A 47 4.04 10.85 3.25
CA ASN A 47 4.49 10.13 4.41
C ASN A 47 5.18 8.85 4.00
N LEU A 48 4.85 8.38 2.80
CA LEU A 48 5.46 7.17 2.28
C LEU A 48 6.81 7.48 1.67
N SER A 49 7.46 8.49 2.17
CA SER A 49 8.80 8.86 1.70
C SER A 49 9.85 8.04 2.44
N GLY A 50 9.43 6.86 2.89
CA GLY A 50 10.29 5.93 3.61
C GLY A 50 9.87 4.49 3.38
N CYS A 51 8.67 4.33 2.84
CA CYS A 51 8.09 3.04 2.52
C CYS A 51 8.48 2.63 1.10
N SER A 52 9.65 3.07 0.70
CA SER A 52 10.20 2.81 -0.63
C SER A 52 9.88 1.38 -1.09
N ALA A 53 10.05 0.42 -0.18
CA ALA A 53 9.76 -0.97 -0.50
C ALA A 53 8.26 -1.15 -0.73
N VAL A 54 7.47 -0.71 0.25
CA VAL A 54 6.02 -0.80 0.17
C VAL A 54 5.51 -0.17 -1.13
N LEU A 55 5.93 1.07 -1.36
CA LEU A 55 5.55 1.76 -2.56
C LEU A 55 5.98 0.96 -3.77
N ALA A 56 7.12 0.28 -3.63
CA ALA A 56 7.66 -0.53 -4.70
C ALA A 56 6.75 -1.68 -5.10
N GLU A 57 6.18 -2.40 -4.12
CA GLU A 57 5.32 -3.51 -4.50
C GLU A 57 4.08 -2.93 -5.16
N TRP A 58 3.60 -1.82 -4.60
CA TRP A 58 2.42 -1.17 -5.15
C TRP A 58 2.62 -0.82 -6.61
N LYS A 59 3.64 0.00 -6.92
CA LYS A 59 3.91 0.37 -8.31
C LYS A 59 3.94 -0.87 -9.19
N ARG A 60 4.76 -1.85 -8.81
CA ARG A 60 4.85 -3.08 -9.58
C ARG A 60 3.47 -3.68 -9.79
N ARG A 61 2.58 -3.43 -8.82
CA ARG A 61 1.22 -3.95 -8.87
C ARG A 61 0.26 -3.02 -9.59
N LYS A 62 0.57 -1.73 -9.60
CA LYS A 62 -0.28 -0.74 -10.26
C LYS A 62 -0.64 -1.18 -11.67
N ARG A 63 0.25 -1.94 -12.27
CA ARG A 63 0.05 -2.44 -13.63
C ARG A 63 -1.03 -3.50 -13.66
N ARG A 64 -0.87 -4.48 -12.80
CA ARG A 64 -1.82 -5.59 -12.72
C ARG A 64 -3.20 -5.13 -12.26
N LEU A 65 -3.29 -4.65 -11.03
CA LEU A 65 -4.56 -4.20 -10.47
C LEU A 65 -5.27 -3.23 -11.40
N LYS A 66 -6.50 -3.58 -11.79
CA LYS A 66 -7.30 -2.74 -12.67
C LYS A 66 -6.70 -2.72 -14.08
N GLY A 67 -5.56 -2.06 -14.22
CA GLY A 67 -4.91 -1.98 -15.51
C GLY A 67 -5.57 -1.01 -16.46
N SER A 68 -5.01 0.18 -16.57
CA SER A 68 -5.55 1.21 -17.46
C SER A 68 -4.44 2.05 -18.08
N ASN A 69 -3.85 2.94 -17.27
CA ASN A 69 -2.78 3.79 -17.75
C ASN A 69 -2.22 4.64 -16.61
N SER A 70 -3.10 5.22 -15.81
CA SER A 70 -2.69 6.06 -14.69
C SER A 70 -2.37 5.20 -13.47
N ILE A 1 22.73 -8.54 12.36
CA ILE A 1 22.76 -10.02 12.49
C ILE A 1 21.83 -10.49 13.61
N SER A 2 21.51 -11.77 13.62
CA SER A 2 20.62 -12.33 14.63
C SER A 2 19.22 -11.72 14.50
N SER A 3 18.76 -11.59 13.27
CA SER A 3 17.45 -11.02 12.99
C SER A 3 17.40 -9.57 13.47
N PRO A 4 17.89 -8.64 12.64
CA PRO A 4 17.89 -7.22 12.98
C PRO A 4 16.50 -6.61 13.00
N LYS A 5 16.37 -5.44 13.61
CA LYS A 5 15.09 -4.76 13.70
C LYS A 5 14.72 -4.13 12.36
N GLN A 6 13.85 -4.81 11.62
CA GLN A 6 13.42 -4.34 10.30
C GLN A 6 11.98 -3.80 10.37
N GLU A 7 11.03 -4.70 10.56
CA GLU A 7 9.61 -4.34 10.64
C GLU A 7 8.73 -5.56 10.42
N GLU A 8 8.01 -5.95 11.45
CA GLU A 8 7.13 -7.10 11.37
C GLU A 8 6.03 -6.85 10.35
N TYR A 9 5.05 -7.74 10.29
CA TYR A 9 3.94 -7.59 9.36
C TYR A 9 3.16 -6.31 9.67
N GLU A 10 3.55 -5.21 9.04
CA GLU A 10 2.89 -3.92 9.26
C GLU A 10 1.85 -3.64 8.19
N VAL A 11 2.02 -4.23 7.01
CA VAL A 11 1.07 -4.01 5.91
C VAL A 11 1.42 -4.85 4.67
N GLU A 12 2.05 -4.23 3.66
CA GLU A 12 2.41 -4.94 2.44
C GLU A 12 2.89 -3.98 1.34
N ARG A 13 1.98 -3.09 0.89
CA ARG A 13 2.31 -2.14 -0.17
C ARG A 13 1.05 -1.44 -0.69
N ILE A 14 0.22 -0.93 0.22
CA ILE A 14 -1.02 -0.25 -0.16
C ILE A 14 -2.13 -1.25 -0.46
N VAL A 15 -3.29 -1.01 0.11
CA VAL A 15 -4.46 -1.86 -0.13
C VAL A 15 -5.37 -1.18 -1.15
N ASP A 16 -5.25 0.14 -1.27
CA ASP A 16 -6.05 0.91 -2.20
C ASP A 16 -5.48 2.30 -2.34
N GLU A 17 -5.98 3.09 -3.27
CA GLU A 17 -5.43 4.42 -3.48
C GLU A 17 -6.47 5.37 -4.08
N LYS A 18 -6.34 6.64 -3.72
CA LYS A 18 -7.23 7.69 -4.21
C LYS A 18 -6.44 8.75 -4.95
N LEU A 19 -6.82 9.00 -6.19
CA LEU A 19 -6.17 10.01 -6.99
C LEU A 19 -7.14 11.12 -7.34
N ASP A 20 -6.58 12.22 -7.83
CA ASP A 20 -7.39 13.37 -8.22
C ASP A 20 -7.66 13.34 -9.73
N ARG A 21 -8.24 14.42 -10.24
CA ARG A 21 -8.52 14.53 -11.68
C ARG A 21 -7.24 14.87 -12.45
N ASN A 22 -6.17 15.09 -11.70
CA ASN A 22 -4.87 15.44 -12.26
C ASN A 22 -4.05 14.18 -12.49
N GLY A 23 -4.49 13.07 -11.90
CA GLY A 23 -3.80 11.82 -12.04
C GLY A 23 -2.74 11.65 -10.97
N ALA A 24 -2.69 12.61 -10.06
CA ALA A 24 -1.75 12.61 -8.97
C ALA A 24 -2.33 11.87 -7.79
N VAL A 25 -1.46 11.32 -6.97
CA VAL A 25 -1.89 10.57 -5.81
C VAL A 25 -2.12 11.48 -4.61
N LYS A 26 -3.38 11.58 -4.19
CA LYS A 26 -3.75 12.44 -3.08
C LYS A 26 -3.87 11.67 -1.77
N LEU A 27 -4.19 10.38 -1.85
CA LEU A 27 -4.35 9.58 -0.65
C LEU A 27 -4.16 8.10 -0.91
N TYR A 28 -3.91 7.34 0.13
CA TYR A 28 -3.74 5.89 0.02
C TYR A 28 -4.50 5.19 1.13
N ARG A 29 -4.97 3.99 0.83
CA ARG A 29 -5.65 3.15 1.79
C ARG A 29 -4.69 2.05 2.21
N ILE A 30 -4.49 1.95 3.51
CA ILE A 30 -3.56 0.98 4.10
C ILE A 30 -4.23 0.05 5.11
N ARG A 31 -4.23 -1.24 4.81
CA ARG A 31 -4.81 -2.23 5.70
C ARG A 31 -3.73 -2.79 6.63
N TRP A 32 -4.12 -3.12 7.85
CA TRP A 32 -3.20 -3.66 8.83
C TRP A 32 -3.97 -4.22 10.03
N LEU A 33 -4.99 -5.04 9.74
CA LEU A 33 -5.81 -5.64 10.78
C LEU A 33 -4.98 -6.02 12.01
N ASN A 34 -3.76 -6.49 11.76
CA ASN A 34 -2.84 -6.88 12.82
C ASN A 34 -2.87 -5.89 13.99
N TYR A 35 -3.17 -4.63 13.68
CA TYR A 35 -3.22 -3.58 14.70
C TYR A 35 -4.54 -3.59 15.46
N SER A 36 -5.64 -3.33 14.74
CA SER A 36 -6.96 -3.28 15.36
C SER A 36 -8.00 -4.06 14.57
N SER A 37 -7.87 -5.39 14.56
CA SER A 37 -8.81 -6.25 13.84
C SER A 37 -9.16 -5.68 12.47
N ARG A 38 -10.27 -6.13 11.90
CA ARG A 38 -10.70 -5.66 10.59
C ARG A 38 -10.92 -4.15 10.60
N SER A 39 -9.88 -3.39 10.27
CA SER A 39 -9.98 -1.94 10.24
C SER A 39 -8.73 -1.30 9.61
N ASP A 40 -8.90 -0.67 8.46
CA ASP A 40 -7.80 0.00 7.76
C ASP A 40 -7.96 1.51 7.86
N THR A 41 -6.90 2.26 7.55
CA THR A 41 -6.94 3.72 7.59
C THR A 41 -6.22 4.29 6.38
N TRP A 42 -6.40 5.58 6.14
CA TRP A 42 -5.79 6.23 5.00
C TRP A 42 -4.67 7.19 5.41
N GLU A 43 -3.61 7.16 4.61
CA GLU A 43 -2.44 7.99 4.80
C GLU A 43 -2.01 8.59 3.47
N PRO A 44 -1.24 9.69 3.49
CA PRO A 44 -0.76 10.32 2.27
C PRO A 44 0.56 9.74 1.76
N PRO A 45 0.87 9.99 0.47
CA PRO A 45 2.10 9.47 -0.17
C PRO A 45 3.38 9.95 0.50
N GLU A 46 3.43 11.24 0.74
CA GLU A 46 4.59 11.88 1.36
C GLU A 46 4.93 11.25 2.72
N ASN A 47 3.97 10.57 3.31
CA ASN A 47 4.17 9.91 4.59
C ASN A 47 4.92 8.60 4.37
N LEU A 48 4.67 8.01 3.20
CA LEU A 48 5.29 6.76 2.81
C LEU A 48 6.70 6.98 2.31
N SER A 49 7.35 8.04 2.78
CA SER A 49 8.71 8.35 2.37
C SER A 49 9.74 7.50 3.11
N GLY A 50 9.34 6.29 3.49
CA GLY A 50 10.24 5.38 4.19
C GLY A 50 9.98 3.92 3.81
N CYS A 51 8.92 3.71 3.03
CA CYS A 51 8.53 2.39 2.57
C CYS A 51 8.92 2.18 1.12
N SER A 52 9.84 3.04 0.67
CA SER A 52 10.34 3.03 -0.71
C SER A 52 10.08 1.69 -1.43
N ALA A 53 10.63 0.60 -0.91
CA ALA A 53 10.45 -0.72 -1.52
C ALA A 53 8.98 -1.12 -1.52
N VAL A 54 8.32 -0.90 -0.40
CA VAL A 54 6.90 -1.21 -0.25
C VAL A 54 6.09 -0.50 -1.33
N LEU A 55 6.29 0.82 -1.40
CA LEU A 55 5.61 1.63 -2.40
C LEU A 55 5.91 1.09 -3.78
N ALA A 56 7.16 0.68 -3.95
CA ALA A 56 7.65 0.17 -5.21
C ALA A 56 6.96 -1.12 -5.62
N GLU A 57 6.55 -1.97 -4.67
CA GLU A 57 5.89 -3.19 -5.08
C GLU A 57 4.46 -2.82 -5.43
N TRP A 58 3.88 -1.86 -4.69
CA TRP A 58 2.53 -1.41 -4.98
C TRP A 58 2.45 -0.90 -6.42
N LYS A 59 3.27 0.12 -6.73
CA LYS A 59 3.27 0.71 -8.07
C LYS A 59 3.52 -0.36 -9.13
N ARG A 60 4.56 -1.16 -8.93
CA ARG A 60 4.90 -2.22 -9.87
C ARG A 60 3.72 -3.18 -10.05
N ARG A 61 2.90 -3.29 -9.01
CA ARG A 61 1.76 -4.17 -8.99
C ARG A 61 0.59 -3.66 -9.81
N LYS A 62 0.27 -2.38 -9.64
CA LYS A 62 -0.87 -1.78 -10.34
C LYS A 62 -0.76 -2.00 -11.83
N ARG A 63 0.35 -1.58 -12.40
CA ARG A 63 0.63 -1.70 -13.83
C ARG A 63 -0.47 -1.16 -14.76
N ARG A 64 -1.68 -1.01 -14.26
CA ARG A 64 -2.80 -0.50 -15.07
C ARG A 64 -3.35 -1.58 -16.02
N LEU A 65 -2.74 -2.77 -15.99
CA LEU A 65 -3.17 -3.87 -16.86
C LEU A 65 -4.69 -4.11 -16.76
N LYS A 66 -5.20 -4.96 -17.65
CA LYS A 66 -6.62 -5.27 -17.66
C LYS A 66 -6.85 -6.76 -17.41
N GLY A 67 -7.00 -7.15 -16.15
CA GLY A 67 -7.23 -8.54 -15.82
C GLY A 67 -6.24 -9.08 -14.82
N SER A 68 -6.26 -10.40 -14.63
CA SER A 68 -5.35 -11.05 -13.69
C SER A 68 -3.90 -10.92 -14.15
N ASN A 69 -3.51 -11.75 -15.11
CA ASN A 69 -2.15 -11.72 -15.63
C ASN A 69 -2.10 -12.28 -17.05
N SER A 70 -2.53 -13.53 -17.20
CA SER A 70 -2.54 -14.19 -18.50
C SER A 70 -3.86 -14.90 -18.74
N ILE A 1 10.76 -23.06 6.90
CA ILE A 1 11.33 -21.75 7.31
C ILE A 1 10.30 -20.90 8.03
N SER A 2 10.39 -20.86 9.36
CA SER A 2 9.46 -20.08 10.17
C SER A 2 9.86 -18.61 10.16
N SER A 3 8.98 -17.76 10.66
CA SER A 3 9.24 -16.33 10.70
C SER A 3 8.93 -15.76 12.09
N PRO A 4 9.66 -14.71 12.51
CA PRO A 4 9.45 -14.07 13.80
C PRO A 4 7.99 -13.69 14.01
N LYS A 5 7.31 -14.40 14.92
CA LYS A 5 5.90 -14.13 15.20
C LYS A 5 5.10 -14.09 13.90
N GLN A 6 3.86 -13.63 13.98
CA GLN A 6 2.98 -13.53 12.82
C GLN A 6 3.75 -13.03 11.60
N GLU A 7 4.09 -11.74 11.59
CA GLU A 7 4.82 -11.15 10.49
C GLU A 7 4.92 -9.63 10.66
N GLU A 8 5.99 -9.18 11.32
CA GLU A 8 6.20 -7.75 11.54
C GLU A 8 6.17 -7.00 10.22
N TYR A 9 6.03 -5.67 10.31
CA TYR A 9 5.99 -4.79 9.14
C TYR A 9 5.75 -5.53 7.83
N GLU A 10 4.70 -6.35 7.80
CA GLU A 10 4.36 -7.11 6.62
C GLU A 10 3.14 -6.49 5.95
N VAL A 11 1.95 -6.83 6.46
CA VAL A 11 0.69 -6.31 5.94
C VAL A 11 0.68 -6.24 4.41
N GLU A 12 0.01 -5.23 3.83
CA GLU A 12 -0.07 -5.11 2.37
C GLU A 12 0.40 -3.73 1.88
N ARG A 13 1.56 -3.71 1.23
CA ARG A 13 2.11 -2.46 0.69
C ARG A 13 1.08 -1.76 -0.19
N ILE A 14 0.35 -0.82 0.40
CA ILE A 14 -0.69 -0.09 -0.31
C ILE A 14 -1.80 -1.04 -0.78
N VAL A 15 -2.96 -0.95 -0.14
CA VAL A 15 -4.10 -1.80 -0.51
C VAL A 15 -5.04 -1.07 -1.46
N ASP A 16 -4.98 0.25 -1.47
CA ASP A 16 -5.86 1.04 -2.34
C ASP A 16 -5.34 2.45 -2.45
N GLU A 17 -5.91 3.25 -3.36
CA GLU A 17 -5.43 4.60 -3.56
C GLU A 17 -6.53 5.53 -4.05
N LYS A 18 -6.43 6.79 -3.62
CA LYS A 18 -7.35 7.84 -4.01
C LYS A 18 -6.62 8.91 -4.78
N LEU A 19 -7.00 9.11 -6.04
CA LEU A 19 -6.38 10.12 -6.88
C LEU A 19 -7.30 11.32 -7.05
N ASP A 20 -6.73 12.41 -7.52
CA ASP A 20 -7.47 13.63 -7.75
C ASP A 20 -7.84 13.79 -9.23
N ARG A 21 -8.46 14.92 -9.56
CA ARG A 21 -8.84 15.22 -10.95
C ARG A 21 -7.59 15.51 -11.80
N ASN A 22 -6.46 15.64 -11.13
CA ASN A 22 -5.20 15.92 -11.78
C ASN A 22 -4.48 14.62 -12.11
N GLY A 23 -4.99 13.52 -11.56
CA GLY A 23 -4.42 12.23 -11.79
C GLY A 23 -3.28 11.93 -10.83
N ALA A 24 -3.16 12.79 -9.82
CA ALA A 24 -2.14 12.66 -8.82
C ALA A 24 -2.66 11.86 -7.65
N VAL A 25 -1.76 11.30 -6.89
CA VAL A 25 -2.11 10.48 -5.74
C VAL A 25 -2.22 11.33 -4.49
N LYS A 26 -3.45 11.53 -4.02
CA LYS A 26 -3.68 12.35 -2.84
C LYS A 26 -3.70 11.53 -1.57
N LEU A 27 -4.18 10.29 -1.62
CA LEU A 27 -4.24 9.46 -0.42
C LEU A 27 -4.10 7.98 -0.73
N TYR A 28 -3.74 7.17 0.27
CA TYR A 28 -3.60 5.73 0.07
C TYR A 28 -4.26 4.96 1.21
N ARG A 29 -4.75 3.77 0.90
CA ARG A 29 -5.35 2.89 1.87
C ARG A 29 -4.37 1.80 2.19
N ILE A 30 -4.07 1.64 3.49
CA ILE A 30 -3.13 0.64 3.98
C ILE A 30 -3.83 -0.39 4.85
N ARG A 31 -3.68 -1.66 4.52
CA ARG A 31 -4.29 -2.73 5.29
C ARG A 31 -3.34 -3.30 6.33
N TRP A 32 -3.92 -3.92 7.35
CA TRP A 32 -3.17 -4.54 8.42
C TRP A 32 -4.13 -5.23 9.41
N LEU A 33 -4.77 -6.29 8.92
CA LEU A 33 -5.74 -7.06 9.71
C LEU A 33 -5.09 -7.69 10.93
N ASN A 34 -4.21 -8.66 10.68
CA ASN A 34 -3.52 -9.40 11.74
C ASN A 34 -3.26 -8.55 12.99
N TYR A 35 -2.81 -7.32 12.79
CA TYR A 35 -2.53 -6.42 13.92
C TYR A 35 -3.70 -6.37 14.89
N SER A 36 -4.91 -6.28 14.36
CA SER A 36 -6.11 -6.19 15.20
C SER A 36 -7.36 -6.01 14.36
N SER A 37 -8.51 -6.27 14.97
CA SER A 37 -9.80 -6.12 14.27
C SER A 37 -9.93 -4.73 13.67
N ARG A 38 -10.69 -4.62 12.57
CA ARG A 38 -10.91 -3.36 11.90
C ARG A 38 -9.68 -2.46 11.92
N SER A 39 -8.53 -3.10 11.85
CA SER A 39 -7.26 -2.38 11.84
C SER A 39 -6.87 -1.98 10.42
N ASP A 40 -7.44 -0.87 9.97
CA ASP A 40 -7.17 -0.37 8.63
C ASP A 40 -7.46 1.12 8.56
N THR A 41 -6.53 1.89 8.00
CA THR A 41 -6.70 3.34 7.90
C THR A 41 -6.00 3.87 6.65
N TRP A 42 -6.12 5.16 6.43
CA TRP A 42 -5.51 5.80 5.28
C TRP A 42 -4.45 6.81 5.71
N GLU A 43 -3.51 7.03 4.81
CA GLU A 43 -2.43 7.95 5.00
C GLU A 43 -2.06 8.56 3.66
N PRO A 44 -1.48 9.77 3.64
CA PRO A 44 -1.08 10.39 2.39
C PRO A 44 -0.01 9.54 1.70
N PRO A 45 0.42 9.93 0.49
CA PRO A 45 1.44 9.21 -0.25
C PRO A 45 2.84 9.66 0.12
N GLU A 46 2.98 10.96 0.25
CA GLU A 46 4.25 11.57 0.61
C GLU A 46 4.77 11.03 1.94
N ASN A 47 3.86 10.51 2.76
CA ASN A 47 4.21 9.93 4.03
C ASN A 47 4.96 8.63 3.79
N LEU A 48 4.58 7.96 2.71
CA LEU A 48 5.20 6.70 2.32
C LEU A 48 6.52 6.96 1.60
N SER A 49 7.15 8.09 1.90
CA SER A 49 8.42 8.43 1.27
C SER A 49 9.49 7.43 1.68
N GLY A 50 9.68 7.29 2.99
CA GLY A 50 10.69 6.38 3.51
C GLY A 50 10.31 4.92 3.33
N CYS A 51 9.08 4.66 2.92
CA CYS A 51 8.63 3.28 2.73
C CYS A 51 9.63 2.49 1.91
N SER A 52 9.75 2.81 0.63
CA SER A 52 10.67 2.15 -0.29
C SER A 52 10.18 0.79 -0.75
N ALA A 53 10.04 -0.15 0.17
CA ALA A 53 9.58 -1.49 -0.18
C ALA A 53 8.10 -1.45 -0.50
N VAL A 54 7.35 -0.83 0.40
CA VAL A 54 5.91 -0.71 0.25
C VAL A 54 5.55 -0.05 -1.08
N LEU A 55 6.18 1.09 -1.35
CA LEU A 55 5.93 1.80 -2.57
C LEU A 55 6.28 0.93 -3.76
N ALA A 56 7.41 0.28 -3.67
CA ALA A 56 7.85 -0.56 -4.77
C ALA A 56 6.87 -1.67 -5.13
N GLU A 57 6.21 -2.30 -4.14
CA GLU A 57 5.30 -3.36 -4.50
C GLU A 57 4.09 -2.74 -5.14
N TRP A 58 3.66 -1.61 -4.58
CA TRP A 58 2.50 -0.93 -5.12
C TRP A 58 2.71 -0.53 -6.58
N LYS A 59 3.72 0.31 -6.85
CA LYS A 59 3.99 0.71 -8.23
C LYS A 59 4.04 -0.49 -9.15
N ARG A 60 4.88 -1.47 -8.82
CA ARG A 60 4.97 -2.67 -9.63
C ARG A 60 3.58 -3.29 -9.83
N ARG A 61 2.70 -3.07 -8.84
CA ARG A 61 1.34 -3.62 -8.88
C ARG A 61 0.33 -2.67 -9.52
N LYS A 62 0.60 -1.37 -9.46
CA LYS A 62 -0.31 -0.36 -10.02
C LYS A 62 -0.75 -0.71 -11.43
N ARG A 63 0.01 -1.54 -12.13
CA ARG A 63 -0.34 -1.93 -13.48
C ARG A 63 -1.76 -2.50 -13.52
N ARG A 64 -1.96 -3.52 -12.73
CA ARG A 64 -3.25 -4.19 -12.62
C ARG A 64 -4.36 -3.20 -12.28
N LEU A 65 -4.21 -2.52 -11.15
CA LEU A 65 -5.17 -1.52 -10.65
C LEU A 65 -6.62 -1.78 -11.08
N LYS A 66 -7.50 -1.90 -10.08
CA LYS A 66 -8.92 -2.14 -10.32
C LYS A 66 -9.21 -3.61 -10.68
N GLY A 67 -8.17 -4.39 -10.96
CA GLY A 67 -8.36 -5.78 -11.30
C GLY A 67 -8.04 -6.71 -10.14
N SER A 68 -7.54 -6.14 -9.05
CA SER A 68 -7.19 -6.92 -7.86
C SER A 68 -7.81 -6.33 -6.61
N ASN A 69 -9.04 -5.82 -6.74
CA ASN A 69 -9.74 -5.23 -5.60
C ASN A 69 -10.56 -6.27 -4.86
N SER A 70 -11.17 -5.87 -3.75
CA SER A 70 -11.98 -6.77 -2.95
C SER A 70 -13.33 -7.02 -3.62
N ILE A 1 20.40 -0.11 25.83
CA ILE A 1 19.23 -0.81 26.43
C ILE A 1 17.92 -0.26 25.86
N SER A 2 17.73 -0.43 24.56
CA SER A 2 16.52 0.05 23.90
C SER A 2 15.62 -1.12 23.51
N SER A 3 16.22 -2.17 22.96
CA SER A 3 15.48 -3.35 22.54
C SER A 3 14.34 -2.98 21.60
N PRO A 4 14.61 -2.92 20.28
CA PRO A 4 13.59 -2.58 19.29
C PRO A 4 12.39 -3.52 19.36
N LYS A 5 11.41 -3.28 18.49
CA LYS A 5 10.22 -4.11 18.45
C LYS A 5 10.40 -5.30 17.52
N GLN A 6 10.11 -6.49 18.03
CA GLN A 6 10.24 -7.72 17.27
C GLN A 6 9.22 -7.76 16.12
N GLU A 7 8.97 -8.96 15.59
CA GLU A 7 8.03 -9.16 14.48
C GLU A 7 8.31 -8.19 13.33
N GLU A 8 8.98 -8.71 12.30
CA GLU A 8 9.32 -7.92 11.14
C GLU A 8 8.08 -7.48 10.39
N TYR A 9 8.28 -6.74 9.29
CA TYR A 9 7.17 -6.26 8.47
C TYR A 9 6.16 -7.37 8.20
N GLU A 10 5.10 -7.42 9.00
CA GLU A 10 4.06 -8.44 8.84
C GLU A 10 2.86 -7.89 8.08
N VAL A 11 2.85 -6.58 7.83
CA VAL A 11 1.75 -5.93 7.12
C VAL A 11 1.90 -6.10 5.61
N GLU A 12 1.20 -5.27 4.85
CA GLU A 12 1.25 -5.31 3.38
C GLU A 12 1.77 -3.99 2.82
N ARG A 13 1.70 -3.82 1.51
CA ARG A 13 2.17 -2.59 0.88
C ARG A 13 1.12 -1.99 -0.06
N ILE A 14 0.56 -0.85 0.38
CA ILE A 14 -0.49 -0.13 -0.36
C ILE A 14 -1.62 -1.05 -0.82
N VAL A 15 -2.80 -0.90 -0.21
CA VAL A 15 -3.95 -1.71 -0.57
C VAL A 15 -4.91 -0.95 -1.49
N ASP A 16 -4.85 0.38 -1.48
CA ASP A 16 -5.75 1.17 -2.34
C ASP A 16 -5.25 2.60 -2.48
N GLU A 17 -5.83 3.37 -3.39
CA GLU A 17 -5.37 4.72 -3.62
C GLU A 17 -6.49 5.66 -4.12
N LYS A 18 -6.38 6.91 -3.72
CA LYS A 18 -7.32 7.98 -4.10
C LYS A 18 -6.56 9.10 -4.79
N LEU A 19 -7.00 9.42 -6.00
CA LEU A 19 -6.39 10.48 -6.77
C LEU A 19 -7.31 11.69 -6.86
N ASP A 20 -6.75 12.79 -7.32
CA ASP A 20 -7.50 14.04 -7.48
C ASP A 20 -7.82 14.30 -8.94
N ARG A 21 -8.40 15.46 -9.22
CA ARG A 21 -8.74 15.83 -10.60
C ARG A 21 -7.48 16.10 -11.44
N ASN A 22 -6.32 16.07 -10.80
CA ASN A 22 -5.07 16.30 -11.47
C ASN A 22 -4.30 14.99 -11.64
N GLY A 23 -4.98 13.89 -11.42
CA GLY A 23 -4.36 12.59 -11.53
C GLY A 23 -3.24 12.43 -10.52
N ALA A 24 -3.30 13.26 -9.49
CA ALA A 24 -2.32 13.25 -8.43
C ALA A 24 -2.82 12.44 -7.26
N VAL A 25 -1.94 11.65 -6.69
CA VAL A 25 -2.30 10.80 -5.57
C VAL A 25 -2.42 11.60 -4.29
N LYS A 26 -3.64 11.71 -3.77
CA LYS A 26 -3.89 12.48 -2.56
C LYS A 26 -3.93 11.60 -1.32
N LEU A 27 -4.31 10.34 -1.47
CA LEU A 27 -4.40 9.44 -0.31
C LEU A 27 -4.20 7.98 -0.69
N TYR A 28 -3.81 7.17 0.27
CA TYR A 28 -3.61 5.74 0.04
C TYR A 28 -4.23 4.95 1.19
N ARG A 29 -4.70 3.76 0.89
CA ARG A 29 -5.26 2.88 1.88
C ARG A 29 -4.24 1.80 2.18
N ILE A 30 -3.95 1.61 3.49
CA ILE A 30 -2.97 0.63 3.94
C ILE A 30 -3.61 -0.45 4.81
N ARG A 31 -3.56 -1.69 4.34
CA ARG A 31 -4.11 -2.84 5.05
C ARG A 31 -3.11 -3.39 6.06
N TRP A 32 -3.65 -3.98 7.14
CA TRP A 32 -2.84 -4.57 8.20
C TRP A 32 -3.73 -5.05 9.34
N LEU A 33 -4.39 -6.19 9.13
CA LEU A 33 -5.28 -6.76 10.15
C LEU A 33 -4.50 -7.34 11.31
N ASN A 34 -3.50 -8.15 10.99
CA ASN A 34 -2.66 -8.82 11.98
C ASN A 34 -2.50 -8.01 13.27
N TYR A 35 -2.27 -6.72 13.13
CA TYR A 35 -2.08 -5.83 14.29
C TYR A 35 -3.24 -5.97 15.28
N SER A 36 -4.36 -5.34 14.95
CA SER A 36 -5.54 -5.37 15.81
C SER A 36 -6.70 -6.11 15.16
N SER A 37 -7.87 -6.08 15.79
CA SER A 37 -9.05 -6.73 15.26
C SER A 37 -9.46 -6.09 13.94
N ARG A 38 -9.17 -4.79 13.83
CA ARG A 38 -9.49 -4.03 12.63
C ARG A 38 -8.19 -3.61 11.94
N SER A 39 -7.48 -2.67 12.55
CA SER A 39 -6.21 -2.16 12.02
C SER A 39 -6.26 -1.99 10.51
N ASP A 40 -6.70 -0.80 10.10
CA ASP A 40 -6.82 -0.46 8.68
C ASP A 40 -7.20 1.01 8.57
N THR A 41 -6.35 1.83 7.97
CA THR A 41 -6.66 3.24 7.84
C THR A 41 -6.05 3.85 6.59
N TRP A 42 -6.30 5.15 6.43
CA TRP A 42 -5.80 5.90 5.30
C TRP A 42 -4.68 6.86 5.72
N GLU A 43 -3.72 7.00 4.84
CA GLU A 43 -2.59 7.87 5.05
C GLU A 43 -2.22 8.55 3.74
N PRO A 44 -1.52 9.69 3.77
CA PRO A 44 -1.12 10.36 2.54
C PRO A 44 -0.03 9.59 1.80
N PRO A 45 0.31 10.01 0.57
CA PRO A 45 1.36 9.37 -0.23
C PRO A 45 2.74 9.85 0.15
N GLU A 46 2.82 11.14 0.36
CA GLU A 46 4.09 11.78 0.72
C GLU A 46 4.66 11.12 1.98
N ASN A 47 3.78 10.55 2.80
CA ASN A 47 4.19 9.87 4.02
C ASN A 47 4.97 8.60 3.69
N LEU A 48 4.55 7.94 2.62
CA LEU A 48 5.16 6.69 2.20
C LEU A 48 6.60 6.89 1.71
N SER A 49 7.01 8.15 1.51
CA SER A 49 8.37 8.42 1.03
C SER A 49 9.39 7.47 1.67
N GLY A 50 9.43 7.49 3.00
CA GLY A 50 10.36 6.65 3.71
C GLY A 50 10.07 5.16 3.57
N CYS A 51 8.84 4.80 3.21
CA CYS A 51 8.49 3.39 3.06
C CYS A 51 9.48 2.65 2.16
N SER A 52 9.49 2.98 0.87
CA SER A 52 10.40 2.36 -0.09
C SER A 52 9.94 0.99 -0.57
N ALA A 53 9.87 0.03 0.35
CA ALA A 53 9.45 -1.31 -0.02
C ALA A 53 7.98 -1.31 -0.40
N VAL A 54 7.18 -0.71 0.45
CA VAL A 54 5.75 -0.64 0.23
C VAL A 54 5.41 0.01 -1.11
N LEU A 55 6.05 1.15 -1.40
CA LEU A 55 5.83 1.81 -2.66
C LEU A 55 6.23 0.89 -3.79
N ALA A 56 7.32 0.16 -3.58
CA ALA A 56 7.82 -0.74 -4.60
C ALA A 56 6.81 -1.81 -4.99
N GLU A 57 6.14 -2.46 -4.02
CA GLU A 57 5.19 -3.49 -4.40
C GLU A 57 4.03 -2.83 -5.12
N TRP A 58 3.61 -1.67 -4.61
CA TRP A 58 2.50 -0.98 -5.22
C TRP A 58 2.81 -0.68 -6.68
N LYS A 59 3.88 0.06 -6.98
CA LYS A 59 4.23 0.36 -8.36
C LYS A 59 4.19 -0.90 -9.20
N ARG A 60 4.98 -1.89 -8.81
CA ARG A 60 5.03 -3.16 -9.53
C ARG A 60 3.62 -3.71 -9.77
N ARG A 61 2.69 -3.38 -8.87
CA ARG A 61 1.31 -3.87 -8.96
C ARG A 61 0.36 -2.85 -9.63
N LYS A 62 0.71 -1.58 -9.53
CA LYS A 62 -0.12 -0.49 -10.09
C LYS A 62 -0.74 -0.79 -11.45
N ARG A 63 -0.20 -1.75 -12.19
CA ARG A 63 -0.76 -2.06 -13.52
C ARG A 63 -2.27 -2.19 -13.43
N ARG A 64 -2.68 -3.12 -12.59
CA ARG A 64 -4.09 -3.45 -12.35
C ARG A 64 -5.06 -2.28 -12.63
N LEU A 65 -4.77 -1.09 -12.08
CA LEU A 65 -5.68 0.05 -12.24
C LEU A 65 -6.12 0.30 -13.68
N LYS A 66 -7.19 1.08 -13.82
CA LYS A 66 -7.77 1.45 -15.12
C LYS A 66 -7.41 0.48 -16.25
N GLY A 67 -6.29 0.75 -16.92
CA GLY A 67 -5.87 -0.09 -18.02
C GLY A 67 -5.89 0.65 -19.34
N SER A 68 -5.46 -0.02 -20.42
CA SER A 68 -5.44 0.59 -21.74
C SER A 68 -4.39 1.69 -21.80
N ASN A 69 -4.66 2.81 -21.13
CA ASN A 69 -3.73 3.93 -21.10
C ASN A 69 -2.75 3.80 -19.95
N SER A 70 -1.79 4.71 -19.89
CA SER A 70 -0.78 4.70 -18.83
C SER A 70 0.13 3.48 -18.96
N ILE A 1 -2.81 -9.65 17.39
CA ILE A 1 -3.08 -10.96 18.01
C ILE A 1 -1.89 -11.45 18.83
N SER A 2 -1.10 -10.50 19.32
CA SER A 2 0.09 -10.81 20.12
C SER A 2 1.28 -11.23 19.26
N SER A 3 1.04 -11.47 17.98
CA SER A 3 2.11 -11.88 17.06
C SER A 3 2.78 -13.17 17.54
N PRO A 4 2.72 -14.24 16.74
CA PRO A 4 3.34 -15.51 17.08
C PRO A 4 4.84 -15.52 16.78
N LYS A 5 5.44 -16.71 16.80
CA LYS A 5 6.87 -16.86 16.52
C LYS A 5 7.26 -16.09 15.26
N GLN A 6 6.74 -16.54 14.13
CA GLN A 6 7.01 -15.89 12.84
C GLN A 6 5.86 -14.95 12.48
N GLU A 7 5.80 -14.54 11.23
CA GLU A 7 4.75 -13.65 10.77
C GLU A 7 4.69 -13.61 9.25
N GLU A 8 3.89 -14.51 8.68
CA GLU A 8 3.73 -14.59 7.25
C GLU A 8 3.29 -13.24 6.68
N TYR A 9 2.98 -13.22 5.38
CA TYR A 9 2.54 -11.99 4.72
C TYR A 9 1.51 -11.23 5.56
N GLU A 10 1.99 -10.29 6.36
CA GLU A 10 1.10 -9.50 7.21
C GLU A 10 0.51 -8.31 6.43
N VAL A 11 0.97 -7.10 6.74
CA VAL A 11 0.47 -5.91 6.06
C VAL A 11 0.71 -5.98 4.56
N GLU A 12 0.66 -4.83 3.88
CA GLU A 12 0.86 -4.78 2.44
C GLU A 12 1.29 -3.38 2.01
N ARG A 13 1.76 -3.25 0.77
CA ARG A 13 2.20 -1.96 0.27
C ARG A 13 1.07 -1.30 -0.53
N ILE A 14 0.14 -0.68 0.21
CA ILE A 14 -1.03 -0.02 -0.37
C ILE A 14 -2.11 -1.05 -0.71
N VAL A 15 -3.27 -0.95 -0.05
CA VAL A 15 -4.37 -1.84 -0.35
C VAL A 15 -5.33 -1.14 -1.32
N ASP A 16 -5.21 0.18 -1.40
CA ASP A 16 -6.04 0.98 -2.28
C ASP A 16 -5.45 2.37 -2.42
N GLU A 17 -5.97 3.17 -3.34
CA GLU A 17 -5.42 4.50 -3.54
C GLU A 17 -6.44 5.47 -4.13
N LYS A 18 -6.27 6.73 -3.78
CA LYS A 18 -7.13 7.81 -4.25
C LYS A 18 -6.30 8.86 -4.97
N LEU A 19 -6.71 9.16 -6.20
CA LEU A 19 -6.06 10.16 -7.02
C LEU A 19 -6.98 11.33 -7.28
N ASP A 20 -6.40 12.44 -7.71
CA ASP A 20 -7.14 13.65 -8.00
C ASP A 20 -7.38 13.79 -9.50
N ARG A 21 -7.89 14.94 -9.91
CA ARG A 21 -8.15 15.20 -11.33
C ARG A 21 -6.85 15.46 -12.09
N ASN A 22 -5.74 15.47 -11.36
CA ASN A 22 -4.44 15.70 -11.93
C ASN A 22 -3.72 14.38 -12.21
N GLY A 23 -4.26 13.30 -11.64
CA GLY A 23 -3.66 12.01 -11.82
C GLY A 23 -2.61 11.73 -10.76
N ALA A 24 -2.45 12.70 -9.86
CA ALA A 24 -1.51 12.60 -8.78
C ALA A 24 -2.19 11.93 -7.60
N VAL A 25 -1.41 11.22 -6.81
CA VAL A 25 -1.94 10.50 -5.68
C VAL A 25 -2.11 11.40 -4.46
N LYS A 26 -3.33 11.52 -3.98
CA LYS A 26 -3.63 12.36 -2.83
C LYS A 26 -3.80 11.54 -1.56
N LEU A 27 -4.15 10.26 -1.69
CA LEU A 27 -4.33 9.42 -0.51
C LEU A 27 -4.16 7.93 -0.81
N TYR A 28 -3.91 7.13 0.22
CA TYR A 28 -3.74 5.69 0.06
C TYR A 28 -4.44 4.95 1.18
N ARG A 29 -4.89 3.75 0.89
CA ARG A 29 -5.54 2.91 1.88
C ARG A 29 -4.61 1.77 2.22
N ILE A 30 -4.38 1.60 3.53
CA ILE A 30 -3.52 0.55 4.06
C ILE A 30 -4.27 -0.30 5.08
N ARG A 31 -4.43 -1.59 4.79
CA ARG A 31 -5.13 -2.48 5.69
C ARG A 31 -4.13 -3.22 6.57
N TRP A 32 -4.51 -3.45 7.83
CA TRP A 32 -3.64 -4.15 8.77
C TRP A 32 -4.43 -4.88 9.84
N LEU A 33 -4.55 -6.19 9.68
CA LEU A 33 -5.25 -7.02 10.64
C LEU A 33 -4.42 -7.15 11.92
N ASN A 34 -3.31 -7.87 11.79
CA ASN A 34 -2.39 -8.08 12.91
C ASN A 34 -2.13 -6.77 13.65
N TYR A 35 -1.90 -5.70 12.90
CA TYR A 35 -1.63 -4.39 13.49
C TYR A 35 -2.90 -3.74 14.01
N SER A 36 -2.77 -2.49 14.45
CA SER A 36 -3.88 -1.69 14.97
C SER A 36 -5.09 -2.54 15.37
N SER A 37 -6.12 -2.58 14.50
CA SER A 37 -7.32 -3.36 14.80
C SER A 37 -8.31 -3.29 13.64
N ARG A 38 -9.57 -3.63 13.93
CA ARG A 38 -10.65 -3.62 12.93
C ARG A 38 -10.56 -2.40 12.01
N SER A 39 -10.92 -2.62 10.75
CA SER A 39 -10.93 -1.56 9.73
C SER A 39 -9.51 -1.06 9.40
N ASP A 40 -9.36 -0.53 8.19
CA ASP A 40 -8.08 0.00 7.72
C ASP A 40 -8.07 1.51 7.88
N THR A 41 -6.93 2.14 7.61
CA THR A 41 -6.82 3.60 7.72
C THR A 41 -6.22 4.20 6.46
N TRP A 42 -6.43 5.49 6.27
CA TRP A 42 -5.93 6.20 5.11
C TRP A 42 -4.76 7.12 5.48
N GLU A 43 -3.73 7.07 4.65
CA GLU A 43 -2.55 7.88 4.81
C GLU A 43 -2.07 8.40 3.45
N PRO A 44 -1.49 9.59 3.38
CA PRO A 44 -1.01 10.14 2.12
C PRO A 44 0.28 9.48 1.62
N PRO A 45 0.73 9.85 0.41
CA PRO A 45 1.95 9.31 -0.20
C PRO A 45 3.23 9.82 0.44
N GLU A 46 3.26 11.11 0.61
CA GLU A 46 4.42 11.79 1.19
C GLU A 46 4.87 11.11 2.50
N ASN A 47 3.96 10.42 3.17
CA ASN A 47 4.27 9.73 4.40
C ASN A 47 4.94 8.40 4.11
N LEU A 48 4.71 7.90 2.91
CA LEU A 48 5.28 6.63 2.48
C LEU A 48 6.63 6.84 1.82
N SER A 49 7.30 7.92 2.18
CA SER A 49 8.61 8.22 1.62
C SER A 49 9.62 7.17 2.07
N GLY A 50 9.76 7.00 3.39
CA GLY A 50 10.69 6.01 3.91
C GLY A 50 10.22 4.59 3.64
N CYS A 51 9.09 4.46 2.95
CA CYS A 51 8.52 3.18 2.59
C CYS A 51 8.87 2.85 1.13
N SER A 52 9.90 3.53 0.65
CA SER A 52 10.38 3.37 -0.73
C SER A 52 10.04 1.99 -1.31
N ALA A 53 10.55 0.94 -0.69
CA ALA A 53 10.30 -0.42 -1.15
C ALA A 53 8.81 -0.73 -1.21
N VAL A 54 8.10 -0.36 -0.15
CA VAL A 54 6.66 -0.58 -0.09
C VAL A 54 5.99 0.03 -1.30
N LEU A 55 6.26 1.30 -1.53
CA LEU A 55 5.70 1.98 -2.68
C LEU A 55 6.07 1.24 -3.94
N ALA A 56 7.27 0.68 -3.93
CA ALA A 56 7.78 -0.05 -5.07
C ALA A 56 7.00 -1.31 -5.38
N GLU A 57 6.49 -2.04 -4.37
CA GLU A 57 5.75 -3.23 -4.70
C GLU A 57 4.39 -2.80 -5.20
N TRP A 58 3.85 -1.74 -4.59
CA TRP A 58 2.55 -1.24 -5.01
C TRP A 58 2.62 -0.84 -6.49
N LYS A 59 3.51 0.09 -6.83
CA LYS A 59 3.63 0.53 -8.22
C LYS A 59 3.77 -0.66 -9.15
N ARG A 60 4.71 -1.56 -8.83
CA ARG A 60 4.91 -2.75 -9.64
C ARG A 60 3.58 -3.49 -9.82
N ARG A 61 2.73 -3.39 -8.81
CA ARG A 61 1.42 -4.04 -8.82
C ARG A 61 0.41 -3.20 -9.60
N LYS A 62 0.25 -1.97 -9.18
CA LYS A 62 -0.70 -1.04 -9.79
C LYS A 62 -0.67 -1.08 -11.31
N ARG A 63 0.46 -1.48 -11.87
CA ARG A 63 0.67 -1.55 -13.33
C ARG A 63 -0.45 -2.17 -14.15
N ARG A 64 -1.52 -2.69 -13.57
CA ARG A 64 -2.58 -3.29 -14.37
C ARG A 64 -3.81 -2.38 -14.44
N LEU A 65 -3.82 -1.31 -13.63
CA LEU A 65 -4.95 -0.38 -13.56
C LEU A 65 -5.76 -0.29 -14.86
N LYS A 66 -7.08 -0.16 -14.69
CA LYS A 66 -8.04 -0.04 -15.79
C LYS A 66 -7.61 -0.79 -17.06
N GLY A 67 -8.34 -1.86 -17.38
CA GLY A 67 -8.03 -2.63 -18.57
C GLY A 67 -8.16 -1.80 -19.82
N SER A 68 -8.89 -0.69 -19.73
CA SER A 68 -9.08 0.21 -20.86
C SER A 68 -8.68 1.63 -20.48
N ASN A 69 -9.03 2.59 -21.33
CA ASN A 69 -8.69 3.99 -21.07
C ASN A 69 -9.94 4.79 -20.69
N SER A 70 -10.84 4.16 -19.95
CA SER A 70 -12.07 4.82 -19.52
C SER A 70 -11.93 5.38 -18.11
N ILE A 1 19.84 -6.48 7.67
CA ILE A 1 18.98 -7.62 7.26
C ILE A 1 19.30 -8.86 8.07
N SER A 2 19.14 -8.76 9.39
CA SER A 2 19.40 -9.87 10.28
C SER A 2 18.11 -10.61 10.62
N SER A 3 17.01 -9.88 10.63
CA SER A 3 15.70 -10.45 10.93
C SER A 3 14.71 -10.17 9.80
N PRO A 4 13.53 -10.81 9.83
CA PRO A 4 12.51 -10.61 8.81
C PRO A 4 11.79 -9.27 8.97
N LYS A 5 12.22 -8.27 8.21
CA LYS A 5 11.63 -6.94 8.29
C LYS A 5 10.67 -6.70 7.12
N GLN A 6 10.00 -7.76 6.67
CA GLN A 6 9.06 -7.64 5.56
C GLN A 6 7.61 -7.69 6.08
N GLU A 7 6.97 -8.86 6.04
CA GLU A 7 5.60 -9.05 6.51
C GLU A 7 4.89 -10.08 5.67
N GLU A 8 4.43 -11.15 6.30
CA GLU A 8 3.72 -12.22 5.63
C GLU A 8 2.54 -11.68 4.83
N TYR A 9 1.67 -12.56 4.38
CA TYR A 9 0.48 -12.19 3.62
C TYR A 9 -0.42 -11.19 4.36
N GLU A 10 -0.04 -10.81 5.58
CA GLU A 10 -0.84 -9.87 6.37
C GLU A 10 -1.13 -8.58 5.58
N VAL A 11 -0.43 -7.50 5.88
CA VAL A 11 -0.63 -6.24 5.17
C VAL A 11 -0.33 -6.41 3.68
N GLU A 12 -0.03 -5.31 2.99
CA GLU A 12 0.26 -5.37 1.55
C GLU A 12 0.61 -4.00 1.01
N ARG A 13 1.91 -3.66 1.02
CA ARG A 13 2.43 -2.38 0.52
C ARG A 13 1.39 -1.63 -0.32
N ILE A 14 0.48 -0.93 0.37
CA ILE A 14 -0.58 -0.18 -0.28
C ILE A 14 -1.72 -1.09 -0.71
N VAL A 15 -2.83 -1.05 0.01
CA VAL A 15 -3.99 -1.90 -0.29
C VAL A 15 -4.96 -1.22 -1.25
N ASP A 16 -4.92 0.12 -1.31
CA ASP A 16 -5.81 0.85 -2.20
C ASP A 16 -5.26 2.25 -2.40
N GLU A 17 -5.83 3.00 -3.34
CA GLU A 17 -5.31 4.34 -3.61
C GLU A 17 -6.40 5.32 -4.05
N LYS A 18 -6.19 6.56 -3.68
CA LYS A 18 -7.09 7.66 -4.02
C LYS A 18 -6.35 8.74 -4.77
N LEU A 19 -6.80 8.99 -5.99
CA LEU A 19 -6.20 10.01 -6.83
C LEU A 19 -7.15 11.19 -7.01
N ASP A 20 -6.63 12.25 -7.60
CA ASP A 20 -7.42 13.45 -7.84
C ASP A 20 -7.89 13.51 -9.30
N ARG A 21 -8.35 14.68 -9.73
CA ARG A 21 -8.83 14.85 -11.09
C ARG A 21 -7.68 15.12 -12.08
N ASN A 22 -6.50 15.38 -11.54
CA ASN A 22 -5.33 15.65 -12.35
C ASN A 22 -4.49 14.39 -12.53
N GLY A 23 -4.81 13.38 -11.74
CA GLY A 23 -4.08 12.13 -11.81
C GLY A 23 -2.95 12.10 -10.80
N ALA A 24 -3.04 12.98 -9.82
CA ALA A 24 -2.04 13.10 -8.77
C ALA A 24 -2.52 12.34 -7.54
N VAL A 25 -1.70 11.44 -7.06
CA VAL A 25 -2.03 10.64 -5.90
C VAL A 25 -2.11 11.49 -4.64
N LYS A 26 -3.32 11.61 -4.09
CA LYS A 26 -3.52 12.42 -2.89
C LYS A 26 -3.47 11.59 -1.62
N LEU A 27 -3.95 10.35 -1.67
CA LEU A 27 -3.98 9.51 -0.47
C LEU A 27 -3.92 8.03 -0.82
N TYR A 28 -3.48 7.19 0.12
CA TYR A 28 -3.41 5.74 -0.09
C TYR A 28 -4.08 5.03 1.06
N ARG A 29 -4.72 3.92 0.78
CA ARG A 29 -5.38 3.13 1.80
C ARG A 29 -4.51 1.97 2.22
N ILE A 30 -4.23 1.90 3.52
CA ILE A 30 -3.41 0.84 4.09
C ILE A 30 -4.22 -0.03 5.06
N ARG A 31 -4.12 -1.33 4.90
CA ARG A 31 -4.84 -2.28 5.76
C ARG A 31 -3.84 -3.23 6.41
N TRP A 32 -4.24 -3.83 7.52
CA TRP A 32 -3.38 -4.78 8.22
C TRP A 32 -4.17 -6.00 8.66
N LEU A 33 -5.21 -5.77 9.47
CA LEU A 33 -6.07 -6.85 9.94
C LEU A 33 -5.32 -7.81 10.86
N ASN A 34 -4.46 -8.63 10.27
CA ASN A 34 -3.69 -9.62 11.03
C ASN A 34 -2.91 -9.00 12.19
N TYR A 35 -2.31 -7.83 11.96
CA TYR A 35 -1.52 -7.16 12.99
C TYR A 35 -2.22 -7.17 14.34
N SER A 36 -3.52 -6.90 14.34
CA SER A 36 -4.28 -6.86 15.58
C SER A 36 -5.75 -7.16 15.34
N SER A 37 -6.53 -6.12 15.03
CA SER A 37 -7.96 -6.27 14.79
C SER A 37 -8.42 -5.25 13.75
N ARG A 38 -9.73 -5.02 13.69
CA ARG A 38 -10.30 -4.06 12.74
C ARG A 38 -9.50 -2.75 12.76
N SER A 39 -8.45 -2.69 11.94
CA SER A 39 -7.61 -1.51 11.88
C SER A 39 -7.17 -1.20 10.45
N ASP A 40 -7.76 -0.17 9.88
CA ASP A 40 -7.45 0.26 8.52
C ASP A 40 -7.73 1.75 8.38
N THR A 41 -6.86 2.49 7.71
CA THR A 41 -7.07 3.92 7.55
C THR A 41 -6.40 4.44 6.28
N TRP A 42 -6.47 5.75 6.09
CA TRP A 42 -5.89 6.41 4.94
C TRP A 42 -4.66 7.22 5.36
N GLU A 43 -3.71 7.30 4.46
CA GLU A 43 -2.47 8.00 4.69
C GLU A 43 -1.98 8.61 3.38
N PRO A 44 -1.59 9.89 3.37
CA PRO A 44 -1.09 10.51 2.14
C PRO A 44 0.01 9.66 1.51
N PRO A 45 0.47 10.04 0.32
CA PRO A 45 1.55 9.33 -0.39
C PRO A 45 2.92 9.80 0.07
N GLU A 46 2.96 11.07 0.38
CA GLU A 46 4.19 11.71 0.86
C GLU A 46 4.61 11.08 2.18
N ASN A 47 3.63 10.60 2.94
CA ASN A 47 3.90 9.94 4.21
C ASN A 47 4.71 8.68 3.96
N LEU A 48 4.26 7.91 2.96
CA LEU A 48 4.92 6.67 2.59
C LEU A 48 6.42 6.88 2.35
N SER A 49 6.87 8.15 2.25
CA SER A 49 8.28 8.44 2.07
C SER A 49 9.07 7.47 2.94
N GLY A 50 10.33 7.18 2.63
CA GLY A 50 11.04 6.24 3.46
C GLY A 50 10.69 4.79 3.13
N CYS A 51 9.46 4.55 2.65
CA CYS A 51 9.03 3.20 2.34
C CYS A 51 10.01 2.49 1.43
N SER A 52 10.07 2.92 0.17
CA SER A 52 10.94 2.33 -0.84
C SER A 52 10.43 0.96 -1.30
N ALA A 53 10.41 -0.01 -0.39
CA ALA A 53 9.94 -1.34 -0.75
C ALA A 53 8.43 -1.32 -0.95
N VAL A 54 7.74 -0.75 0.02
CA VAL A 54 6.29 -0.66 -0.02
C VAL A 54 5.80 0.00 -1.31
N LEU A 55 6.33 1.19 -1.59
CA LEU A 55 5.94 1.89 -2.81
C LEU A 55 6.27 1.04 -4.00
N ALA A 56 7.44 0.43 -3.99
CA ALA A 56 7.88 -0.39 -5.10
C ALA A 56 6.93 -1.53 -5.41
N GLU A 57 6.37 -2.22 -4.40
CA GLU A 57 5.49 -3.31 -4.72
C GLU A 57 4.22 -2.73 -5.30
N TRP A 58 3.76 -1.63 -4.71
CA TRP A 58 2.53 -1.01 -5.20
C TRP A 58 2.67 -0.61 -6.66
N LYS A 59 3.63 0.26 -6.99
CA LYS A 59 3.82 0.67 -8.39
C LYS A 59 3.84 -0.55 -9.30
N ARG A 60 4.72 -1.50 -9.00
CA ARG A 60 4.81 -2.70 -9.81
C ARG A 60 3.45 -3.38 -9.93
N ARG A 61 2.61 -3.20 -8.91
CA ARG A 61 1.28 -3.81 -8.88
C ARG A 61 0.24 -2.98 -9.62
N LYS A 62 0.16 -1.69 -9.27
CA LYS A 62 -0.80 -0.77 -9.87
C LYS A 62 -1.09 -1.13 -11.32
N ARG A 63 -0.03 -1.48 -12.02
CA ARG A 63 -0.06 -1.88 -13.42
C ARG A 63 -1.18 -2.86 -13.78
N ARG A 64 -1.98 -3.30 -12.82
CA ARG A 64 -3.07 -4.24 -13.11
C ARG A 64 -4.44 -3.63 -12.76
N LEU A 65 -4.48 -2.86 -11.66
CA LEU A 65 -5.72 -2.23 -11.15
C LEU A 65 -7.00 -2.75 -11.81
N LYS A 66 -7.34 -4.00 -11.52
CA LYS A 66 -8.55 -4.61 -12.06
C LYS A 66 -9.34 -5.30 -10.94
N GLY A 67 -9.99 -4.51 -10.09
CA GLY A 67 -10.76 -5.07 -9.00
C GLY A 67 -12.05 -4.31 -8.75
N SER A 68 -12.29 -3.93 -7.49
CA SER A 68 -13.49 -3.20 -7.11
C SER A 68 -13.18 -1.74 -6.78
N ASN A 69 -14.13 -1.07 -6.14
CA ASN A 69 -13.95 0.33 -5.75
C ASN A 69 -14.35 0.54 -4.30
N SER A 70 -15.50 0.02 -3.92
CA SER A 70 -16.00 0.16 -2.55
C SER A 70 -17.08 -0.88 -2.24
N ILE A 1 8.41 -9.65 27.57
CA ILE A 1 8.33 -8.20 27.24
C ILE A 1 7.74 -7.99 25.85
N SER A 2 7.34 -6.75 25.57
CA SER A 2 6.75 -6.40 24.28
C SER A 2 7.15 -4.98 23.87
N SER A 3 8.38 -4.84 23.40
CA SER A 3 8.88 -3.53 22.97
C SER A 3 9.77 -3.64 21.73
N PRO A 4 9.17 -3.57 20.53
CA PRO A 4 9.91 -3.67 19.27
C PRO A 4 10.56 -2.33 18.89
N LYS A 5 11.60 -2.40 18.06
CA LYS A 5 12.29 -1.19 17.62
C LYS A 5 11.60 -0.55 16.42
N GLN A 6 11.81 -1.13 15.24
CA GLN A 6 11.19 -0.63 14.02
C GLN A 6 10.26 -1.69 13.43
N GLU A 7 9.82 -1.47 12.20
CA GLU A 7 8.92 -2.40 11.55
C GLU A 7 9.13 -2.40 10.04
N GLU A 8 10.15 -3.10 9.57
CA GLU A 8 10.44 -3.18 8.15
C GLU A 8 9.23 -3.75 7.41
N TYR A 9 9.37 -3.99 6.11
CA TYR A 9 8.28 -4.54 5.28
C TYR A 9 7.18 -5.17 6.13
N GLU A 10 5.94 -4.75 5.92
CA GLU A 10 4.81 -5.27 6.68
C GLU A 10 3.49 -4.80 6.07
N VAL A 11 2.47 -5.65 6.13
CA VAL A 11 1.15 -5.33 5.59
C VAL A 11 1.17 -5.23 4.06
N GLU A 12 0.10 -5.67 3.41
CA GLU A 12 0.02 -5.61 1.94
C GLU A 12 0.35 -4.20 1.46
N ARG A 13 1.64 -3.97 1.17
CA ARG A 13 2.12 -2.67 0.71
C ARG A 13 1.11 -1.98 -0.21
N ILE A 14 0.46 -0.95 0.33
CA ILE A 14 -0.58 -0.21 -0.38
C ILE A 14 -1.72 -1.14 -0.79
N VAL A 15 -2.89 -0.97 -0.17
CA VAL A 15 -4.06 -1.80 -0.50
C VAL A 15 -5.01 -1.08 -1.44
N ASP A 16 -4.98 0.24 -1.45
CA ASP A 16 -5.86 1.02 -2.33
C ASP A 16 -5.34 2.44 -2.45
N GLU A 17 -5.90 3.21 -3.37
CA GLU A 17 -5.40 4.57 -3.58
C GLU A 17 -6.49 5.53 -4.05
N LYS A 18 -6.37 6.77 -3.58
CA LYS A 18 -7.29 7.85 -3.94
C LYS A 18 -6.54 8.96 -4.66
N LEU A 19 -6.94 9.24 -5.88
CA LEU A 19 -6.32 10.29 -6.67
C LEU A 19 -7.31 11.43 -6.91
N ASP A 20 -6.80 12.55 -7.38
CA ASP A 20 -7.63 13.72 -7.64
C ASP A 20 -7.90 13.85 -9.14
N ARG A 21 -8.44 15.02 -9.54
CA ARG A 21 -8.76 15.29 -10.94
C ARG A 21 -7.49 15.60 -11.76
N ASN A 22 -6.37 15.66 -11.07
CA ASN A 22 -5.09 15.96 -11.70
C ASN A 22 -4.32 14.67 -11.97
N GLY A 23 -4.78 13.58 -11.40
CA GLY A 23 -4.11 12.32 -11.57
C GLY A 23 -3.00 12.15 -10.54
N ALA A 24 -2.99 13.06 -9.57
CA ALA A 24 -2.02 13.05 -8.50
C ALA A 24 -2.58 12.28 -7.32
N VAL A 25 -1.70 11.61 -6.61
CA VAL A 25 -2.12 10.80 -5.47
C VAL A 25 -2.27 11.64 -4.21
N LYS A 26 -3.52 11.76 -3.74
CA LYS A 26 -3.81 12.55 -2.55
C LYS A 26 -3.89 11.69 -1.29
N LEU A 27 -4.26 10.42 -1.44
CA LEU A 27 -4.38 9.54 -0.28
C LEU A 27 -4.18 8.08 -0.66
N TYR A 28 -3.82 7.24 0.33
CA TYR A 28 -3.63 5.81 0.09
C TYR A 28 -4.28 5.01 1.21
N ARG A 29 -4.70 3.81 0.88
CA ARG A 29 -5.30 2.91 1.85
C ARG A 29 -4.32 1.81 2.18
N ILE A 30 -4.07 1.62 3.49
CA ILE A 30 -3.13 0.61 3.98
C ILE A 30 -3.80 -0.34 4.98
N ARG A 31 -3.96 -1.59 4.59
CA ARG A 31 -4.56 -2.59 5.45
C ARG A 31 -3.49 -3.32 6.25
N TRP A 32 -3.85 -3.77 7.45
CA TRP A 32 -2.93 -4.49 8.31
C TRP A 32 -3.69 -5.32 9.34
N LEU A 33 -4.21 -6.46 8.91
CA LEU A 33 -4.96 -7.33 9.82
C LEU A 33 -4.15 -7.59 11.09
N ASN A 34 -3.10 -8.38 10.92
CA ASN A 34 -2.22 -8.76 12.03
C ASN A 34 -1.97 -7.57 12.98
N TYR A 35 -1.69 -6.41 12.40
CA TYR A 35 -1.43 -5.20 13.18
C TYR A 35 -2.74 -4.54 13.63
N SER A 36 -2.61 -3.35 14.20
CA SER A 36 -3.75 -2.56 14.68
C SER A 36 -4.80 -3.41 15.38
N SER A 37 -5.95 -2.80 15.64
CA SER A 37 -7.04 -3.47 16.32
C SER A 37 -8.40 -2.88 15.92
N ARG A 38 -8.40 -2.01 14.92
CA ARG A 38 -9.65 -1.38 14.48
C ARG A 38 -9.68 -1.21 12.96
N SER A 39 -9.44 -2.30 12.23
CA SER A 39 -9.46 -2.28 10.77
C SER A 39 -8.28 -1.48 10.20
N ASP A 40 -8.34 -1.22 8.89
CA ASP A 40 -7.30 -0.49 8.18
C ASP A 40 -7.52 1.01 8.28
N THR A 41 -6.54 1.80 7.87
CA THR A 41 -6.65 3.25 7.89
C THR A 41 -5.99 3.82 6.64
N TRP A 42 -6.19 5.13 6.42
CA TRP A 42 -5.62 5.78 5.26
C TRP A 42 -4.53 6.77 5.67
N GLU A 43 -3.57 6.92 4.78
CA GLU A 43 -2.45 7.81 4.96
C GLU A 43 -2.08 8.43 3.63
N PRO A 44 -1.66 9.70 3.59
CA PRO A 44 -1.26 10.33 2.34
C PRO A 44 -0.14 9.55 1.65
N PRO A 45 0.33 10.01 0.49
CA PRO A 45 1.41 9.37 -0.25
C PRO A 45 2.79 9.85 0.19
N GLU A 46 2.88 11.14 0.37
CA GLU A 46 4.13 11.78 0.77
C GLU A 46 4.74 11.08 1.98
N ASN A 47 3.88 10.60 2.88
CA ASN A 47 4.34 9.91 4.06
C ASN A 47 5.02 8.60 3.69
N LEU A 48 4.64 8.05 2.54
CA LEU A 48 5.20 6.79 2.09
C LEU A 48 6.65 6.96 1.63
N SER A 49 7.05 8.18 1.31
CA SER A 49 8.43 8.41 0.88
C SER A 49 9.37 7.45 1.58
N GLY A 50 9.34 7.48 2.92
CA GLY A 50 10.19 6.61 3.70
C GLY A 50 9.88 5.13 3.55
N CYS A 51 8.67 4.77 3.11
CA CYS A 51 8.32 3.37 2.94
C CYS A 51 9.37 2.63 2.13
N SER A 52 9.47 2.95 0.84
CA SER A 52 10.43 2.34 -0.07
C SER A 52 9.97 0.96 -0.56
N ALA A 53 9.85 0.01 0.36
CA ALA A 53 9.40 -1.32 -0.01
C ALA A 53 7.94 -1.31 -0.41
N VAL A 54 7.14 -0.68 0.43
CA VAL A 54 5.72 -0.59 0.18
C VAL A 54 5.40 0.03 -1.16
N LEU A 55 6.00 1.18 -1.43
CA LEU A 55 5.77 1.84 -2.71
C LEU A 55 6.20 0.92 -3.83
N ALA A 56 7.34 0.28 -3.66
CA ALA A 56 7.85 -0.60 -4.69
C ALA A 56 6.87 -1.72 -5.07
N GLU A 57 6.20 -2.36 -4.10
CA GLU A 57 5.30 -3.43 -4.49
C GLU A 57 4.11 -2.83 -5.20
N TRP A 58 3.63 -1.71 -4.68
CA TRP A 58 2.48 -1.06 -5.27
C TRP A 58 2.75 -0.69 -6.72
N LYS A 59 3.77 0.13 -6.99
CA LYS A 59 4.09 0.49 -8.37
C LYS A 59 4.17 -0.75 -9.25
N ARG A 60 5.02 -1.69 -8.85
CA ARG A 60 5.18 -2.92 -9.62
C ARG A 60 3.83 -3.59 -9.88
N ARG A 61 2.88 -3.37 -8.98
CA ARG A 61 1.54 -3.98 -9.11
C ARG A 61 0.53 -3.04 -9.77
N LYS A 62 0.74 -1.74 -9.62
CA LYS A 62 -0.18 -0.74 -10.17
C LYS A 62 -0.32 -0.78 -11.68
N ARG A 63 0.75 -1.12 -12.38
CA ARG A 63 0.70 -1.11 -13.86
C ARG A 63 -0.62 -1.65 -14.37
N ARG A 64 -0.87 -2.89 -14.05
CA ARG A 64 -2.10 -3.55 -14.49
C ARG A 64 -3.35 -2.96 -13.83
N LEU A 65 -3.38 -2.97 -12.50
CA LEU A 65 -4.51 -2.43 -11.73
C LEU A 65 -5.87 -2.92 -12.24
N LYS A 66 -6.86 -2.89 -11.36
CA LYS A 66 -8.21 -3.34 -11.70
C LYS A 66 -9.15 -2.15 -11.92
N GLY A 67 -10.44 -2.44 -12.11
CA GLY A 67 -11.41 -1.39 -12.33
C GLY A 67 -12.11 -0.94 -11.07
N SER A 68 -11.35 -0.32 -10.16
CA SER A 68 -11.92 0.17 -8.91
C SER A 68 -12.01 1.69 -8.92
N ASN A 69 -13.11 2.21 -9.44
CA ASN A 69 -13.32 3.65 -9.51
C ASN A 69 -12.10 4.36 -10.08
N SER A 70 -12.00 4.37 -11.41
CA SER A 70 -10.88 5.01 -12.08
C SER A 70 -11.20 6.46 -12.44
N ILE A 1 15.86 -19.61 7.38
CA ILE A 1 15.45 -20.09 8.71
C ILE A 1 14.50 -19.10 9.40
N SER A 2 13.25 -19.07 8.91
CA SER A 2 12.23 -18.18 9.46
C SER A 2 12.39 -16.73 8.97
N SER A 3 13.63 -16.32 8.70
CA SER A 3 13.90 -14.98 8.24
C SER A 3 13.69 -13.95 9.35
N PRO A 4 14.38 -12.79 9.27
CA PRO A 4 14.27 -11.74 10.27
C PRO A 4 13.12 -10.79 9.99
N LYS A 5 11.94 -11.37 9.74
CA LYS A 5 10.75 -10.57 9.46
C LYS A 5 9.65 -10.88 10.49
N GLN A 6 10.04 -11.02 11.75
CA GLN A 6 9.10 -11.32 12.81
C GLN A 6 7.90 -10.39 12.78
N GLU A 7 6.72 -10.98 12.65
CA GLU A 7 5.45 -10.26 12.60
C GLU A 7 5.61 -8.88 11.95
N GLU A 8 6.46 -8.79 10.93
CA GLU A 8 6.69 -7.52 10.25
C GLU A 8 5.37 -6.98 9.71
N TYR A 9 5.45 -5.97 8.86
CA TYR A 9 4.27 -5.35 8.28
C TYR A 9 3.24 -6.41 7.87
N GLU A 10 2.37 -6.78 8.80
CA GLU A 10 1.33 -7.76 8.50
C GLU A 10 0.22 -7.09 7.70
N VAL A 11 0.56 -6.67 6.48
CA VAL A 11 -0.39 -5.97 5.61
C VAL A 11 -0.11 -6.32 4.14
N GLU A 12 0.18 -5.31 3.30
CA GLU A 12 0.46 -5.54 1.88
C GLU A 12 0.73 -4.21 1.17
N ARG A 13 2.01 -3.80 1.16
CA ARG A 13 2.45 -2.55 0.52
C ARG A 13 1.34 -1.89 -0.30
N ILE A 14 0.65 -0.94 0.32
CA ILE A 14 -0.46 -0.22 -0.31
C ILE A 14 -1.58 -1.17 -0.74
N VAL A 15 -2.76 -1.00 -0.13
CA VAL A 15 -3.91 -1.84 -0.45
C VAL A 15 -4.89 -1.13 -1.37
N ASP A 16 -4.90 0.21 -1.33
CA ASP A 16 -5.81 0.96 -2.19
C ASP A 16 -5.32 2.40 -2.33
N GLU A 17 -5.88 3.19 -3.24
CA GLU A 17 -5.40 4.55 -3.42
C GLU A 17 -6.46 5.46 -4.04
N LYS A 18 -6.38 6.73 -3.68
CA LYS A 18 -7.26 7.77 -4.20
C LYS A 18 -6.44 8.81 -4.94
N LEU A 19 -6.73 8.99 -6.21
CA LEU A 19 -6.05 9.97 -7.02
C LEU A 19 -6.96 11.17 -7.27
N ASP A 20 -6.39 12.26 -7.71
CA ASP A 20 -7.15 13.47 -7.99
C ASP A 20 -7.48 13.57 -9.48
N ARG A 21 -8.07 14.68 -9.89
CA ARG A 21 -8.40 14.89 -11.31
C ARG A 21 -7.14 15.23 -12.12
N ASN A 22 -6.02 15.38 -11.41
CA ASN A 22 -4.76 15.70 -11.99
C ASN A 22 -3.95 14.43 -12.24
N GLY A 23 -4.40 13.33 -11.65
CA GLY A 23 -3.72 12.06 -11.79
C GLY A 23 -2.65 11.88 -10.73
N ALA A 24 -2.66 12.77 -9.74
CA ALA A 24 -1.71 12.74 -8.66
C ALA A 24 -2.30 11.96 -7.49
N VAL A 25 -1.46 11.27 -6.77
CA VAL A 25 -1.90 10.46 -5.65
C VAL A 25 -2.12 11.32 -4.41
N LYS A 26 -3.38 11.45 -4.00
CA LYS A 26 -3.72 12.27 -2.86
C LYS A 26 -3.76 11.46 -1.56
N LEU A 27 -4.19 10.21 -1.64
CA LEU A 27 -4.27 9.39 -0.43
C LEU A 27 -4.12 7.90 -0.73
N TYR A 28 -3.78 7.11 0.30
CA TYR A 28 -3.63 5.67 0.13
C TYR A 28 -4.33 4.94 1.28
N ARG A 29 -4.83 3.75 0.98
CA ARG A 29 -5.47 2.91 1.97
C ARG A 29 -4.53 1.81 2.38
N ILE A 30 -4.32 1.70 3.69
CA ILE A 30 -3.45 0.69 4.28
C ILE A 30 -4.20 -0.09 5.36
N ARG A 31 -4.65 -1.28 5.00
CA ARG A 31 -5.39 -2.13 5.92
C ARG A 31 -4.43 -2.98 6.76
N TRP A 32 -4.89 -3.41 7.92
CA TRP A 32 -4.06 -4.25 8.80
C TRP A 32 -4.93 -5.00 9.80
N LEU A 33 -5.42 -6.15 9.38
CA LEU A 33 -6.26 -6.98 10.25
C LEU A 33 -5.53 -7.31 11.56
N ASN A 34 -4.50 -8.14 11.44
CA ASN A 34 -3.70 -8.59 12.58
C ASN A 34 -3.61 -7.51 13.67
N TYR A 35 -3.35 -6.26 13.27
CA TYR A 35 -3.26 -5.15 14.23
C TYR A 35 -4.65 -4.62 14.57
N SER A 36 -4.72 -3.74 15.56
CA SER A 36 -5.99 -3.14 15.97
C SER A 36 -7.09 -4.20 16.03
N SER A 37 -8.34 -3.76 15.92
CA SER A 37 -9.49 -4.69 15.96
C SER A 37 -10.13 -4.80 14.58
N ARG A 38 -9.54 -5.63 13.72
CA ARG A 38 -10.06 -5.84 12.37
C ARG A 38 -10.35 -4.50 11.67
N SER A 39 -9.55 -3.49 12.01
CA SER A 39 -9.74 -2.16 11.43
C SER A 39 -8.66 -1.83 10.39
N ASP A 40 -8.93 -0.79 9.63
CA ASP A 40 -8.03 -0.30 8.58
C ASP A 40 -8.16 1.21 8.51
N THR A 41 -7.15 1.92 8.01
CA THR A 41 -7.25 3.37 7.94
C THR A 41 -6.49 3.89 6.71
N TRP A 42 -6.61 5.19 6.47
CA TRP A 42 -5.97 5.82 5.34
C TRP A 42 -4.89 6.79 5.80
N GLU A 43 -3.88 6.91 4.94
CA GLU A 43 -2.75 7.78 5.17
C GLU A 43 -2.36 8.44 3.86
N PRO A 44 -1.69 9.59 3.88
CA PRO A 44 -1.25 10.25 2.66
C PRO A 44 -0.13 9.46 1.99
N PRO A 45 0.32 9.88 0.79
CA PRO A 45 1.40 9.21 0.08
C PRO A 45 2.76 9.71 0.53
N GLU A 46 2.85 11.02 0.66
CA GLU A 46 4.08 11.67 1.07
C GLU A 46 4.64 11.03 2.34
N ASN A 47 3.75 10.43 3.15
CA ASN A 47 4.15 9.76 4.37
C ASN A 47 4.95 8.52 4.04
N LEU A 48 4.67 7.95 2.87
CA LEU A 48 5.34 6.75 2.41
C LEU A 48 6.61 7.11 1.63
N SER A 49 7.16 8.29 1.91
CA SER A 49 8.36 8.73 1.24
C SER A 49 9.51 7.76 1.48
N GLY A 50 9.71 7.41 2.74
CA GLY A 50 10.79 6.50 3.10
C GLY A 50 10.40 5.04 2.98
N CYS A 51 9.16 4.75 2.58
CA CYS A 51 8.73 3.36 2.47
C CYS A 51 9.74 2.56 1.64
N SER A 52 9.83 2.84 0.35
CA SER A 52 10.76 2.17 -0.56
C SER A 52 10.30 0.79 -1.00
N ALA A 53 10.18 -0.14 -0.07
CA ALA A 53 9.72 -1.47 -0.41
C ALA A 53 8.25 -1.44 -0.74
N VAL A 54 7.51 -0.81 0.14
CA VAL A 54 6.07 -0.70 0.00
C VAL A 54 5.69 -0.02 -1.31
N LEU A 55 6.26 1.15 -1.54
CA LEU A 55 5.95 1.89 -2.74
C LEU A 55 6.32 1.08 -3.96
N ALA A 56 7.46 0.44 -3.92
CA ALA A 56 7.91 -0.35 -5.05
C ALA A 56 6.97 -1.49 -5.41
N GLU A 57 6.42 -2.22 -4.42
CA GLU A 57 5.54 -3.32 -4.77
C GLU A 57 4.29 -2.74 -5.37
N TRP A 58 3.82 -1.64 -4.78
CA TRP A 58 2.61 -1.01 -5.26
C TRP A 58 2.75 -0.56 -6.70
N LYS A 59 3.74 0.28 -6.99
CA LYS A 59 3.95 0.76 -8.36
C LYS A 59 3.97 -0.40 -9.34
N ARG A 60 4.81 -1.41 -9.07
CA ARG A 60 4.89 -2.55 -9.95
C ARG A 60 3.54 -3.28 -10.06
N ARG A 61 2.75 -3.18 -9.00
CA ARG A 61 1.44 -3.83 -8.93
C ARG A 61 0.31 -2.97 -9.50
N LYS A 62 0.49 -1.66 -9.47
CA LYS A 62 -0.50 -0.72 -9.99
C LYS A 62 -0.92 -1.07 -11.43
N ARG A 63 -0.09 -1.85 -12.10
CA ARG A 63 -0.37 -2.27 -13.47
C ARG A 63 -1.21 -3.54 -13.51
N ARG A 64 -0.93 -4.41 -12.56
CA ARG A 64 -1.61 -5.70 -12.46
C ARG A 64 -3.11 -5.58 -12.24
N LEU A 65 -3.51 -5.02 -11.10
CA LEU A 65 -4.92 -4.86 -10.76
C LEU A 65 -5.52 -3.58 -11.33
N LYS A 66 -6.86 -3.53 -11.34
CA LYS A 66 -7.59 -2.37 -11.86
C LYS A 66 -7.04 -1.92 -13.21
N GLY A 67 -7.68 -2.39 -14.29
CA GLY A 67 -7.25 -2.05 -15.62
C GLY A 67 -6.65 -3.23 -16.35
N SER A 68 -7.18 -4.41 -16.07
CA SER A 68 -6.70 -5.65 -16.69
C SER A 68 -7.87 -6.58 -17.01
N ASN A 69 -8.24 -6.63 -18.28
CA ASN A 69 -9.34 -7.47 -18.75
C ASN A 69 -10.69 -6.79 -18.55
N SER A 70 -10.87 -6.12 -17.41
CA SER A 70 -12.12 -5.43 -17.12
C SER A 70 -11.99 -3.93 -17.42
N ILE A 1 11.94 -26.04 13.27
CA ILE A 1 11.40 -26.03 11.89
C ILE A 1 9.99 -25.44 11.84
N SER A 2 9.73 -24.60 10.86
CA SER A 2 8.42 -23.97 10.71
C SER A 2 8.26 -23.39 9.31
N SER A 3 8.78 -24.10 8.31
CA SER A 3 8.69 -23.65 6.93
C SER A 3 9.39 -22.30 6.75
N PRO A 4 9.79 -21.97 5.51
CA PRO A 4 10.47 -20.71 5.22
C PRO A 4 9.52 -19.51 5.18
N LYS A 5 8.59 -19.45 6.14
CA LYS A 5 7.62 -18.36 6.19
C LYS A 5 7.66 -17.68 7.57
N GLN A 6 8.75 -16.97 7.85
CA GLN A 6 8.90 -16.28 9.11
C GLN A 6 7.78 -15.27 9.32
N GLU A 7 7.95 -14.06 8.80
CA GLU A 7 6.95 -13.02 8.92
C GLU A 7 7.40 -11.75 8.20
N GLU A 8 7.95 -11.92 7.00
CA GLU A 8 8.42 -10.80 6.22
C GLU A 8 7.27 -9.87 5.88
N TYR A 9 7.61 -8.71 5.28
CA TYR A 9 6.62 -7.70 4.88
C TYR A 9 5.20 -8.07 5.30
N GLU A 10 4.91 -7.97 6.60
CA GLU A 10 3.60 -8.30 7.13
C GLU A 10 2.52 -7.49 6.41
N VAL A 11 2.48 -6.20 6.71
CA VAL A 11 1.50 -5.30 6.11
C VAL A 11 1.67 -5.21 4.59
N GLU A 12 0.58 -5.38 3.88
CA GLU A 12 0.60 -5.29 2.43
C GLU A 12 0.94 -3.86 2.00
N ARG A 13 1.88 -3.73 1.06
CA ARG A 13 2.32 -2.43 0.59
C ARG A 13 1.24 -1.75 -0.26
N ILE A 14 0.48 -0.85 0.37
CA ILE A 14 -0.61 -0.12 -0.31
C ILE A 14 -1.75 -1.07 -0.71
N VAL A 15 -2.94 -0.86 -0.13
CA VAL A 15 -4.09 -1.69 -0.47
C VAL A 15 -5.05 -0.95 -1.39
N ASP A 16 -4.97 0.38 -1.41
CA ASP A 16 -5.84 1.17 -2.29
C ASP A 16 -5.30 2.58 -2.44
N GLU A 17 -5.85 3.36 -3.36
CA GLU A 17 -5.34 4.70 -3.60
C GLU A 17 -6.43 5.65 -4.11
N LYS A 18 -6.32 6.91 -3.68
CA LYS A 18 -7.23 7.98 -4.08
C LYS A 18 -6.47 9.08 -4.79
N LEU A 19 -6.88 9.36 -6.04
CA LEU A 19 -6.29 10.42 -6.83
C LEU A 19 -7.28 11.56 -6.99
N ASP A 20 -6.78 12.73 -7.33
CA ASP A 20 -7.64 13.90 -7.50
C ASP A 20 -7.91 14.19 -8.98
N ARG A 21 -8.53 15.33 -9.24
CA ARG A 21 -8.84 15.76 -10.61
C ARG A 21 -7.57 16.01 -11.43
N ASN A 22 -6.42 15.87 -10.78
CA ASN A 22 -5.13 16.07 -11.42
C ASN A 22 -4.46 14.75 -11.79
N GLY A 23 -5.06 13.66 -11.31
CA GLY A 23 -4.50 12.35 -11.57
C GLY A 23 -3.35 12.05 -10.63
N ALA A 24 -3.09 12.99 -9.73
CA ALA A 24 -2.05 12.86 -8.75
C ALA A 24 -2.58 12.10 -7.55
N VAL A 25 -1.70 11.58 -6.74
CA VAL A 25 -2.11 10.79 -5.58
C VAL A 25 -2.21 11.64 -4.33
N LYS A 26 -3.44 11.78 -3.83
CA LYS A 26 -3.69 12.56 -2.63
C LYS A 26 -3.81 11.68 -1.39
N LEU A 27 -4.12 10.39 -1.58
CA LEU A 27 -4.25 9.51 -0.41
C LEU A 27 -4.12 8.03 -0.78
N TYR A 28 -3.91 7.18 0.23
CA TYR A 28 -3.78 5.74 0.03
C TYR A 28 -4.40 4.98 1.19
N ARG A 29 -4.80 3.75 0.91
CA ARG A 29 -5.37 2.87 1.91
C ARG A 29 -4.38 1.76 2.23
N ILE A 30 -4.16 1.54 3.54
CA ILE A 30 -3.23 0.53 4.03
C ILE A 30 -3.92 -0.40 5.03
N ARG A 31 -4.16 -1.64 4.63
CA ARG A 31 -4.79 -2.61 5.53
C ARG A 31 -3.70 -3.36 6.30
N TRP A 32 -3.97 -3.62 7.58
CA TRP A 32 -3.00 -4.32 8.44
C TRP A 32 -3.71 -4.98 9.61
N LEU A 33 -3.71 -6.31 9.64
CA LEU A 33 -4.35 -7.05 10.72
C LEU A 33 -3.40 -7.26 11.89
N ASN A 34 -2.16 -7.67 11.60
CA ASN A 34 -1.16 -7.90 12.64
C ASN A 34 -0.97 -6.65 13.50
N TYR A 35 -0.87 -5.50 12.85
CA TYR A 35 -0.67 -4.24 13.54
C TYR A 35 -1.99 -3.70 14.08
N SER A 36 -1.94 -2.51 14.65
CA SER A 36 -3.13 -1.87 15.18
C SER A 36 -3.94 -2.85 16.03
N SER A 37 -5.22 -2.55 16.21
CA SER A 37 -6.11 -3.40 16.99
C SER A 37 -7.42 -3.67 16.26
N ARG A 38 -7.33 -4.38 15.13
CA ARG A 38 -8.50 -4.72 14.33
C ARG A 38 -9.06 -3.49 13.61
N SER A 39 -8.19 -2.75 12.94
CA SER A 39 -8.61 -1.57 12.20
C SER A 39 -7.52 -1.06 11.26
N ASP A 40 -7.91 -0.78 10.02
CA ASP A 40 -6.98 -0.28 9.00
C ASP A 40 -7.20 1.21 8.81
N THR A 41 -6.22 1.93 8.28
CA THR A 41 -6.37 3.36 8.08
C THR A 41 -5.78 3.83 6.76
N TRP A 42 -6.05 5.10 6.45
CA TRP A 42 -5.57 5.73 5.23
C TRP A 42 -4.45 6.70 5.56
N GLU A 43 -3.46 6.75 4.70
CA GLU A 43 -2.33 7.63 4.83
C GLU A 43 -1.99 8.24 3.48
N PRO A 44 -1.37 9.43 3.44
CA PRO A 44 -1.00 10.06 2.18
C PRO A 44 0.20 9.38 1.52
N PRO A 45 0.57 9.82 0.32
CA PRO A 45 1.72 9.27 -0.41
C PRO A 45 3.05 9.72 0.17
N GLU A 46 3.13 11.01 0.36
CA GLU A 46 4.34 11.63 0.90
C GLU A 46 4.71 11.04 2.25
N ASN A 47 3.75 10.43 2.93
CA ASN A 47 4.01 9.81 4.22
C ASN A 47 4.76 8.51 3.98
N LEU A 48 4.49 7.90 2.83
CA LEU A 48 5.11 6.65 2.43
C LEU A 48 6.47 6.90 1.78
N SER A 49 7.11 7.98 2.17
CA SER A 49 8.42 8.32 1.63
C SER A 49 9.42 7.22 1.97
N GLY A 50 9.52 6.91 3.27
CA GLY A 50 10.42 5.87 3.72
C GLY A 50 9.91 4.49 3.38
N CYS A 51 8.76 4.43 2.71
CA CYS A 51 8.14 3.18 2.30
C CYS A 51 8.52 2.84 0.87
N SER A 52 9.61 3.43 0.42
CA SER A 52 10.14 3.23 -0.93
C SER A 52 9.95 1.78 -1.38
N ALA A 53 10.15 0.85 -0.45
CA ALA A 53 9.97 -0.57 -0.75
C ALA A 53 8.48 -0.84 -0.93
N VAL A 54 7.71 -0.42 0.06
CA VAL A 54 6.26 -0.58 0.04
C VAL A 54 5.70 0.00 -1.26
N LEU A 55 6.06 1.24 -1.54
CA LEU A 55 5.62 1.89 -2.74
C LEU A 55 6.05 1.09 -3.95
N ALA A 56 7.23 0.49 -3.85
CA ALA A 56 7.76 -0.29 -4.95
C ALA A 56 6.92 -1.53 -5.26
N GLU A 57 6.38 -2.22 -4.25
CA GLU A 57 5.59 -3.40 -4.56
C GLU A 57 4.28 -2.92 -5.18
N TRP A 58 3.75 -1.83 -4.62
CA TRP A 58 2.51 -1.26 -5.11
C TRP A 58 2.63 -0.92 -6.60
N LYS A 59 3.59 -0.05 -6.94
CA LYS A 59 3.78 0.32 -8.34
C LYS A 59 3.89 -0.92 -9.22
N ARG A 60 4.78 -1.84 -8.83
CA ARG A 60 4.94 -3.07 -9.58
C ARG A 60 3.59 -3.77 -9.77
N ARG A 61 2.71 -3.58 -8.79
CA ARG A 61 1.37 -4.17 -8.83
C ARG A 61 0.39 -3.29 -9.59
N LYS A 62 0.61 -1.99 -9.54
CA LYS A 62 -0.25 -1.02 -10.22
C LYS A 62 -0.24 -1.28 -11.71
N ARG A 63 0.96 -1.30 -12.27
CA ARG A 63 1.21 -1.51 -13.69
C ARG A 63 0.42 -2.64 -14.37
N ARG A 64 -0.38 -3.39 -13.62
CA ARG A 64 -1.18 -4.45 -14.23
C ARG A 64 -2.67 -4.15 -14.00
N LEU A 65 -2.98 -3.51 -12.87
CA LEU A 65 -4.34 -3.12 -12.48
C LEU A 65 -5.44 -4.07 -12.98
N LYS A 66 -6.67 -3.57 -13.05
CA LYS A 66 -7.82 -4.37 -13.47
C LYS A 66 -7.79 -4.66 -14.96
N GLY A 67 -7.67 -3.61 -15.77
CA GLY A 67 -7.67 -3.78 -17.21
C GLY A 67 -8.91 -4.51 -17.69
N SER A 68 -10.00 -3.78 -17.83
CA SER A 68 -11.27 -4.37 -18.28
C SER A 68 -11.78 -5.37 -17.24
N ASN A 69 -12.89 -6.03 -17.56
CA ASN A 69 -13.46 -7.02 -16.66
C ASN A 69 -13.77 -8.32 -17.40
N SER A 70 -13.43 -9.44 -16.77
CA SER A 70 -13.67 -10.75 -17.37
C SER A 70 -12.97 -10.87 -18.73
N ILE A 1 16.46 -17.68 -5.29
CA ILE A 1 17.56 -16.80 -4.79
C ILE A 1 17.57 -16.73 -3.27
N SER A 2 16.41 -16.96 -2.66
CA SER A 2 16.29 -16.92 -1.19
C SER A 2 16.40 -15.49 -0.67
N SER A 3 15.56 -15.15 0.29
CA SER A 3 15.55 -13.82 0.88
C SER A 3 15.17 -13.87 2.36
N PRO A 4 16.01 -13.31 3.24
CA PRO A 4 15.73 -13.30 4.68
C PRO A 4 14.32 -12.82 4.99
N LYS A 5 13.84 -13.14 6.19
CA LYS A 5 12.49 -12.76 6.60
C LYS A 5 11.46 -13.45 5.71
N GLN A 6 10.56 -14.20 6.33
CA GLN A 6 9.53 -14.91 5.57
C GLN A 6 8.33 -14.00 5.33
N GLU A 7 7.55 -13.74 6.38
CA GLU A 7 6.37 -12.89 6.29
C GLU A 7 5.58 -13.18 5.01
N GLU A 8 4.81 -14.26 5.03
CA GLU A 8 4.02 -14.63 3.88
C GLU A 8 3.05 -13.51 3.50
N TYR A 9 2.15 -13.81 2.58
CA TYR A 9 1.16 -12.82 2.12
C TYR A 9 0.33 -12.30 3.29
N GLU A 10 0.84 -11.29 3.98
CA GLU A 10 0.14 -10.69 5.11
C GLU A 10 -0.20 -9.22 4.82
N VAL A 11 0.74 -8.32 5.11
CA VAL A 11 0.53 -6.89 4.88
C VAL A 11 0.77 -6.54 3.41
N GLU A 12 1.07 -5.28 3.14
CA GLU A 12 1.33 -4.81 1.78
C GLU A 12 1.72 -3.35 1.80
N ARG A 13 2.10 -2.81 0.65
CA ARG A 13 2.49 -1.41 0.57
C ARG A 13 1.27 -0.52 0.53
N ILE A 14 0.28 -1.04 -0.12
CA ILE A 14 -0.98 -0.34 -0.32
C ILE A 14 -2.11 -1.30 -0.67
N VAL A 15 -3.33 -0.96 -0.25
CA VAL A 15 -4.49 -1.77 -0.59
C VAL A 15 -5.44 -0.97 -1.50
N ASP A 16 -5.26 0.35 -1.53
CA ASP A 16 -6.09 1.20 -2.38
C ASP A 16 -5.45 2.57 -2.54
N GLU A 17 -5.97 3.38 -3.45
CA GLU A 17 -5.36 4.69 -3.68
C GLU A 17 -6.39 5.69 -4.23
N LYS A 18 -6.20 6.95 -3.84
CA LYS A 18 -7.06 8.05 -4.27
C LYS A 18 -6.24 9.10 -4.98
N LEU A 19 -6.65 9.39 -6.21
CA LEU A 19 -6.00 10.38 -7.05
C LEU A 19 -6.79 11.67 -7.10
N ASP A 20 -6.25 12.64 -7.82
CA ASP A 20 -6.88 13.94 -8.00
C ASP A 20 -7.08 14.20 -9.49
N ARG A 21 -7.74 15.30 -9.82
CA ARG A 21 -7.98 15.65 -11.23
C ARG A 21 -6.67 15.82 -12.00
N ASN A 22 -5.54 15.72 -11.31
CA ASN A 22 -4.24 15.86 -11.91
C ASN A 22 -3.55 14.51 -11.98
N GLY A 23 -4.34 13.44 -11.83
CA GLY A 23 -3.82 12.09 -11.87
C GLY A 23 -2.80 11.84 -10.78
N ALA A 24 -2.68 12.81 -9.88
CA ALA A 24 -1.76 12.74 -8.78
C ALA A 24 -2.39 11.98 -7.63
N VAL A 25 -1.56 11.33 -6.86
CA VAL A 25 -2.04 10.55 -5.73
C VAL A 25 -2.13 11.42 -4.47
N LYS A 26 -3.34 11.57 -3.96
CA LYS A 26 -3.56 12.39 -2.78
C LYS A 26 -3.82 11.54 -1.54
N LEU A 27 -4.08 10.25 -1.73
CA LEU A 27 -4.31 9.39 -0.58
C LEU A 27 -4.11 7.91 -0.89
N TYR A 28 -4.00 7.10 0.15
CA TYR A 28 -3.79 5.67 0.02
C TYR A 28 -4.50 4.91 1.13
N ARG A 29 -4.85 3.67 0.83
CA ARG A 29 -5.49 2.78 1.78
C ARG A 29 -4.54 1.65 2.08
N ILE A 30 -4.39 1.33 3.39
CA ILE A 30 -3.51 0.24 3.84
C ILE A 30 -4.22 -0.72 4.79
N ARG A 31 -4.45 -1.94 4.32
CA ARG A 31 -5.10 -2.97 5.13
C ARG A 31 -4.08 -3.86 5.83
N TRP A 32 -4.32 -4.13 7.11
CA TRP A 32 -3.46 -4.98 7.92
C TRP A 32 -4.26 -5.66 9.02
N LEU A 33 -4.78 -6.85 8.76
CA LEU A 33 -5.55 -7.56 9.79
C LEU A 33 -4.71 -7.74 11.04
N ASN A 34 -3.46 -8.16 10.84
CA ASN A 34 -2.52 -8.35 11.94
C ASN A 34 -2.44 -7.08 12.80
N TYR A 35 -2.40 -5.93 12.13
CA TYR A 35 -2.33 -4.64 12.80
C TYR A 35 -3.72 -4.06 12.99
N SER A 36 -3.79 -2.88 13.60
CA SER A 36 -5.06 -2.20 13.82
C SER A 36 -6.05 -3.08 14.59
N SER A 37 -6.68 -2.50 15.60
CA SER A 37 -7.65 -3.23 16.41
C SER A 37 -9.08 -2.85 16.02
N ARG A 38 -9.26 -2.47 14.76
CA ARG A 38 -10.58 -2.08 14.26
C ARG A 38 -10.68 -2.30 12.75
N SER A 39 -9.78 -1.67 11.99
CA SER A 39 -9.79 -1.80 10.54
C SER A 39 -8.59 -1.09 9.92
N ASP A 40 -8.61 -0.94 8.59
CA ASP A 40 -7.53 -0.27 7.87
C ASP A 40 -7.72 1.23 7.91
N THR A 41 -6.65 1.96 7.62
CA THR A 41 -6.71 3.42 7.60
C THR A 41 -6.06 3.98 6.35
N TRP A 42 -6.33 5.26 6.10
CA TRP A 42 -5.81 5.94 4.93
C TRP A 42 -4.67 6.88 5.29
N GLU A 43 -3.57 6.73 4.56
CA GLU A 43 -2.38 7.55 4.73
C GLU A 43 -1.96 8.10 3.39
N PRO A 44 -1.22 9.22 3.36
CA PRO A 44 -0.77 9.83 2.11
C PRO A 44 0.57 9.29 1.62
N PRO A 45 0.92 9.62 0.37
CA PRO A 45 2.18 9.20 -0.25
C PRO A 45 3.38 9.84 0.41
N GLU A 46 3.29 11.14 0.55
CA GLU A 46 4.37 11.92 1.15
C GLU A 46 4.76 11.34 2.52
N ASN A 47 3.84 10.60 3.13
CA ASN A 47 4.08 9.95 4.41
C ASN A 47 4.93 8.70 4.20
N LEU A 48 4.86 8.16 2.99
CA LEU A 48 5.59 6.96 2.62
C LEU A 48 6.94 7.31 2.00
N SER A 49 7.48 8.46 2.38
CA SER A 49 8.77 8.91 1.86
C SER A 49 9.95 8.17 2.49
N GLY A 50 9.73 6.90 2.84
CA GLY A 50 10.78 6.08 3.44
C GLY A 50 10.52 4.59 3.26
N CYS A 51 9.46 4.27 2.51
CA CYS A 51 9.07 2.90 2.24
C CYS A 51 9.37 2.54 0.79
N SER A 52 10.26 3.33 0.21
CA SER A 52 10.70 3.19 -1.20
C SER A 52 10.37 1.81 -1.79
N ALA A 53 10.90 0.74 -1.20
CA ALA A 53 10.65 -0.62 -1.70
C ALA A 53 9.17 -0.98 -1.58
N VAL A 54 8.60 -0.74 -0.40
CA VAL A 54 7.20 -0.98 -0.17
C VAL A 54 6.38 -0.26 -1.25
N LEU A 55 6.67 1.03 -1.39
CA LEU A 55 6.04 1.86 -2.41
C LEU A 55 6.10 1.15 -3.76
N ALA A 56 7.29 0.67 -4.08
CA ALA A 56 7.55 -0.03 -5.32
C ALA A 56 6.69 -1.28 -5.41
N GLU A 57 6.30 -1.87 -4.28
CA GLU A 57 5.49 -3.07 -4.35
C GLU A 57 4.07 -2.70 -4.78
N TRP A 58 3.48 -1.65 -4.19
CA TRP A 58 2.13 -1.25 -4.62
C TRP A 58 2.11 -0.90 -6.10
N LYS A 59 2.91 0.10 -6.47
CA LYS A 59 2.94 0.54 -7.87
C LYS A 59 3.26 -0.60 -8.83
N ARG A 60 4.34 -1.32 -8.57
CA ARG A 60 4.71 -2.45 -9.41
C ARG A 60 3.54 -3.39 -9.57
N ARG A 61 2.76 -3.51 -8.51
CA ARG A 61 1.59 -4.38 -8.50
C ARG A 61 0.46 -3.75 -9.30
N LYS A 62 0.29 -2.46 -9.11
CA LYS A 62 -0.75 -1.68 -9.78
C LYS A 62 -0.59 -1.59 -11.28
N ARG A 63 0.61 -1.83 -11.78
CA ARG A 63 0.92 -1.75 -13.21
C ARG A 63 0.10 -2.65 -14.11
N ARG A 64 -0.78 -3.50 -13.59
CA ARG A 64 -1.57 -4.37 -14.46
C ARG A 64 -2.15 -3.62 -15.65
N LEU A 65 -2.97 -2.61 -15.38
CA LEU A 65 -3.59 -1.83 -16.45
C LEU A 65 -2.55 -1.12 -17.31
N LYS A 66 -3.01 -0.43 -18.35
CA LYS A 66 -2.12 0.29 -19.27
C LYS A 66 -1.21 1.25 -18.50
N GLY A 67 -1.76 2.38 -18.07
CA GLY A 67 -0.99 3.38 -17.34
C GLY A 67 -1.64 4.74 -17.37
N SER A 68 -0.83 5.78 -17.55
CA SER A 68 -1.36 7.14 -17.61
C SER A 68 -0.24 8.14 -17.91
N ASN A 69 0.73 7.72 -18.71
CA ASN A 69 1.84 8.59 -19.08
C ASN A 69 1.83 8.89 -20.57
N SER A 70 2.69 9.81 -20.99
CA SER A 70 2.78 10.19 -22.39
C SER A 70 3.44 9.09 -23.22
N ILE A 1 2.09 -17.48 7.59
CA ILE A 1 3.29 -17.69 8.44
C ILE A 1 3.63 -19.18 8.56
N SER A 2 2.90 -20.02 7.82
CA SER A 2 3.14 -21.45 7.86
C SER A 2 4.08 -21.87 6.74
N SER A 3 3.74 -21.48 5.51
CA SER A 3 4.56 -21.82 4.35
C SER A 3 4.39 -20.79 3.24
N PRO A 4 5.41 -20.62 2.39
CA PRO A 4 5.37 -19.66 1.28
C PRO A 4 4.08 -19.80 0.48
N LYS A 5 3.88 -18.91 -0.48
CA LYS A 5 2.69 -18.94 -1.32
C LYS A 5 2.77 -17.92 -2.45
N GLN A 6 1.92 -18.09 -3.46
CA GLN A 6 1.86 -17.20 -4.60
C GLN A 6 1.70 -15.74 -4.16
N GLU A 7 1.44 -14.85 -5.12
CA GLU A 7 1.27 -13.42 -4.86
C GLU A 7 2.42 -12.89 -4.01
N GLU A 8 3.34 -12.21 -4.67
CA GLU A 8 4.52 -11.63 -4.02
C GLU A 8 4.16 -10.87 -2.74
N TYR A 9 5.18 -10.26 -2.14
CA TYR A 9 5.03 -9.48 -0.91
C TYR A 9 3.71 -8.73 -0.84
N GLU A 10 3.04 -8.84 0.30
CA GLU A 10 1.77 -8.17 0.53
C GLU A 10 1.42 -8.20 2.01
N VAL A 11 1.50 -7.04 2.66
CA VAL A 11 1.19 -6.93 4.09
C VAL A 11 0.73 -5.52 4.43
N GLU A 12 1.66 -4.57 4.44
CA GLU A 12 1.32 -3.18 4.71
C GLU A 12 1.87 -2.28 3.61
N ARG A 13 1.74 -2.74 2.37
CA ARG A 13 2.21 -1.98 1.22
C ARG A 13 1.03 -1.62 0.30
N ILE A 14 0.68 -0.34 0.31
CA ILE A 14 -0.45 0.23 -0.46
C ILE A 14 -1.47 -0.81 -0.95
N VAL A 15 -2.62 -0.83 -0.28
CA VAL A 15 -3.71 -1.75 -0.66
C VAL A 15 -4.70 -1.05 -1.59
N ASP A 16 -4.71 0.29 -1.58
CA ASP A 16 -5.62 1.05 -2.43
C ASP A 16 -5.18 2.50 -2.54
N GLU A 17 -5.80 3.26 -3.43
CA GLU A 17 -5.38 4.65 -3.62
C GLU A 17 -6.52 5.53 -4.13
N LYS A 18 -6.47 6.80 -3.72
CA LYS A 18 -7.43 7.80 -4.15
C LYS A 18 -6.69 8.89 -4.89
N LEU A 19 -7.05 9.06 -6.15
CA LEU A 19 -6.44 10.09 -6.98
C LEU A 19 -7.39 11.25 -7.14
N ASP A 20 -6.88 12.35 -7.67
CA ASP A 20 -7.69 13.54 -7.87
C ASP A 20 -8.12 13.66 -9.35
N ARG A 21 -8.73 14.77 -9.70
CA ARG A 21 -9.20 14.99 -11.08
C ARG A 21 -8.03 15.23 -12.03
N ASN A 22 -6.86 15.50 -11.45
CA ASN A 22 -5.66 15.76 -12.22
C ASN A 22 -4.86 14.47 -12.42
N GLY A 23 -5.32 13.42 -11.76
CA GLY A 23 -4.65 12.15 -11.85
C GLY A 23 -3.49 12.06 -10.88
N ALA A 24 -3.54 12.91 -9.87
CA ALA A 24 -2.52 12.97 -8.85
C ALA A 24 -2.95 12.13 -7.65
N VAL A 25 -1.98 11.57 -6.97
CA VAL A 25 -2.25 10.73 -5.82
C VAL A 25 -2.43 11.55 -4.55
N LYS A 26 -3.67 11.61 -4.06
CA LYS A 26 -3.98 12.36 -2.87
C LYS A 26 -3.91 11.51 -1.60
N LEU A 27 -4.31 10.24 -1.68
CA LEU A 27 -4.30 9.38 -0.50
C LEU A 27 -4.11 7.92 -0.82
N TYR A 28 -3.64 7.12 0.15
CA TYR A 28 -3.43 5.69 -0.05
C TYR A 28 -3.96 4.87 1.13
N ARG A 29 -4.36 3.64 0.85
CA ARG A 29 -4.86 2.72 1.86
C ARG A 29 -3.87 1.60 2.07
N ILE A 30 -3.62 1.28 3.35
CA ILE A 30 -2.69 0.20 3.71
C ILE A 30 -3.37 -0.79 4.67
N ARG A 31 -3.70 -1.98 4.18
CA ARG A 31 -4.34 -3.00 5.00
C ARG A 31 -3.37 -4.12 5.34
N TRP A 32 -3.46 -4.61 6.57
CA TRP A 32 -2.58 -5.69 7.06
C TRP A 32 -3.42 -6.94 7.31
N LEU A 33 -3.91 -7.54 6.23
CA LEU A 33 -4.72 -8.73 6.31
C LEU A 33 -3.95 -9.88 6.96
N ASN A 34 -2.99 -10.41 6.22
CA ASN A 34 -2.16 -11.53 6.68
C ASN A 34 -1.92 -11.47 8.18
N TYR A 35 -1.60 -10.28 8.69
CA TYR A 35 -1.32 -10.08 10.11
C TYR A 35 -2.60 -10.12 10.94
N SER A 36 -3.29 -8.98 11.03
CA SER A 36 -4.51 -8.87 11.81
C SER A 36 -5.74 -9.31 11.00
N SER A 37 -6.92 -8.85 11.43
CA SER A 37 -8.15 -9.21 10.75
C SER A 37 -8.63 -8.08 9.84
N ARG A 38 -9.03 -6.97 10.44
CA ARG A 38 -9.52 -5.84 9.67
C ARG A 38 -9.02 -4.51 10.23
N SER A 39 -7.75 -4.48 10.64
CA SER A 39 -7.16 -3.27 11.18
C SER A 39 -6.31 -2.55 10.14
N ASP A 40 -6.97 -1.77 9.30
CA ASP A 40 -6.30 -1.02 8.24
C ASP A 40 -6.65 0.46 8.33
N THR A 41 -5.77 1.33 7.84
CA THR A 41 -6.03 2.76 7.86
C THR A 41 -5.47 3.44 6.62
N TRP A 42 -5.73 4.73 6.48
CA TRP A 42 -5.28 5.49 5.34
C TRP A 42 -4.18 6.48 5.72
N GLU A 43 -3.25 6.65 4.80
CA GLU A 43 -2.14 7.55 4.94
C GLU A 43 -1.90 8.29 3.62
N PRO A 44 -1.14 9.39 3.65
CA PRO A 44 -0.82 10.13 2.44
C PRO A 44 0.26 9.41 1.63
N PRO A 45 0.55 9.88 0.40
CA PRO A 45 1.58 9.29 -0.45
C PRO A 45 2.97 9.75 -0.07
N GLU A 46 3.06 11.02 0.21
CA GLU A 46 4.32 11.64 0.60
C GLU A 46 4.86 10.97 1.87
N ASN A 47 3.94 10.54 2.72
CA ASN A 47 4.30 9.86 3.98
C ASN A 47 5.09 8.59 3.67
N LEU A 48 4.66 7.89 2.64
CA LEU A 48 5.27 6.63 2.25
C LEU A 48 6.69 6.82 1.71
N SER A 49 7.15 8.06 1.58
CA SER A 49 8.49 8.32 1.06
C SER A 49 9.52 7.41 1.73
N GLY A 50 9.55 7.46 3.06
CA GLY A 50 10.49 6.65 3.80
C GLY A 50 10.23 5.16 3.67
N CYS A 51 8.98 4.79 3.38
CA CYS A 51 8.62 3.38 3.24
C CYS A 51 9.58 2.64 2.33
N SER A 52 9.55 2.96 1.04
CA SER A 52 10.44 2.34 0.04
C SER A 52 9.93 0.96 -0.42
N ALA A 53 9.86 0.02 0.51
CA ALA A 53 9.37 -1.32 0.16
C ALA A 53 7.91 -1.26 -0.24
N VAL A 54 7.13 -0.62 0.61
CA VAL A 54 5.70 -0.46 0.37
C VAL A 54 5.43 0.16 -0.99
N LEU A 55 6.11 1.27 -1.28
CA LEU A 55 5.93 1.92 -2.56
C LEU A 55 6.28 0.95 -3.67
N ALA A 56 7.29 0.13 -3.42
CA ALA A 56 7.72 -0.83 -4.40
C ALA A 56 6.61 -1.81 -4.77
N GLU A 57 5.94 -2.45 -3.78
CA GLU A 57 4.91 -3.39 -4.15
C GLU A 57 3.84 -2.66 -4.94
N TRP A 58 3.51 -1.44 -4.51
CA TRP A 58 2.50 -0.69 -5.21
C TRP A 58 2.89 -0.42 -6.66
N LYS A 59 3.99 0.30 -6.91
CA LYS A 59 4.39 0.58 -8.28
C LYS A 59 4.32 -0.68 -9.11
N ARG A 60 4.57 -1.82 -8.47
CA ARG A 60 4.52 -3.10 -9.15
C ARG A 60 3.05 -3.50 -9.44
N ARG A 61 2.15 -3.10 -8.56
CA ARG A 61 0.72 -3.43 -8.69
C ARG A 61 -0.11 -2.31 -9.34
N LYS A 62 0.36 -1.08 -9.20
CA LYS A 62 -0.31 0.11 -9.74
C LYS A 62 -1.07 -0.11 -11.05
N ARG A 63 -0.58 -1.04 -11.86
CA ARG A 63 -1.24 -1.35 -13.13
C ARG A 63 -0.84 -2.71 -13.69
N ARG A 64 0.28 -3.23 -13.22
CA ARG A 64 0.83 -4.52 -13.66
C ARG A 64 2.32 -4.34 -13.92
N LEU A 65 2.62 -3.36 -14.79
CA LEU A 65 3.99 -2.97 -15.20
C LEU A 65 5.10 -3.87 -14.65
N LYS A 66 6.34 -3.46 -14.90
CA LYS A 66 7.51 -4.21 -14.44
C LYS A 66 7.64 -4.04 -12.93
N GLY A 67 8.64 -4.70 -12.34
CA GLY A 67 8.83 -4.58 -10.90
C GLY A 67 10.28 -4.35 -10.51
N SER A 68 10.97 -5.43 -10.15
CA SER A 68 12.37 -5.34 -9.76
C SER A 68 13.23 -4.87 -10.93
N ASN A 69 13.44 -3.56 -11.01
CA ASN A 69 14.24 -2.98 -12.08
C ASN A 69 15.71 -2.88 -11.66
N SER A 70 15.93 -2.33 -10.46
CA SER A 70 17.28 -2.17 -9.93
C SER A 70 17.26 -1.98 -8.43
N ILE A 1 10.67 -26.34 -15.97
CA ILE A 1 11.30 -25.22 -15.22
C ILE A 1 10.35 -24.03 -15.13
N SER A 2 10.31 -23.40 -13.97
CA SER A 2 9.45 -22.24 -13.74
C SER A 2 10.05 -21.31 -12.70
N SER A 3 9.32 -20.24 -12.38
CA SER A 3 9.79 -19.29 -11.38
C SER A 3 9.30 -19.68 -9.99
N PRO A 4 10.18 -19.63 -8.97
CA PRO A 4 9.82 -19.99 -7.60
C PRO A 4 8.57 -19.26 -7.13
N LYS A 5 8.17 -19.52 -5.89
CA LYS A 5 6.99 -18.88 -5.31
C LYS A 5 7.30 -18.32 -3.93
N GLN A 6 7.94 -17.15 -3.91
CA GLN A 6 8.29 -16.49 -2.66
C GLN A 6 7.06 -15.80 -2.07
N GLU A 7 7.26 -14.71 -1.32
CA GLU A 7 6.15 -13.99 -0.71
C GLU A 7 6.62 -12.66 -0.17
N GLU A 8 6.24 -11.59 -0.85
CA GLU A 8 6.62 -10.24 -0.46
C GLU A 8 6.25 -9.97 1.00
N TYR A 9 6.39 -8.71 1.41
CA TYR A 9 6.10 -8.31 2.78
C TYR A 9 4.74 -8.80 3.26
N GLU A 10 3.78 -8.92 2.34
CA GLU A 10 2.44 -9.38 2.70
C GLU A 10 1.70 -8.30 3.48
N VAL A 11 2.22 -7.97 4.67
CA VAL A 11 1.64 -6.95 5.55
C VAL A 11 0.75 -5.97 4.77
N GLU A 12 1.33 -4.91 4.23
CA GLU A 12 0.55 -3.95 3.47
C GLU A 12 1.42 -2.87 2.85
N ARG A 13 1.23 -2.69 1.55
CA ARG A 13 1.98 -1.69 0.81
C ARG A 13 1.08 -1.13 -0.30
N ILE A 14 0.21 -0.21 0.10
CA ILE A 14 -0.75 0.41 -0.79
C ILE A 14 -1.74 -0.62 -1.34
N VAL A 15 -2.84 -0.78 -0.62
CA VAL A 15 -3.88 -1.72 -1.03
C VAL A 15 -4.93 -1.01 -1.88
N ASP A 16 -4.96 0.32 -1.81
CA ASP A 16 -5.92 1.12 -2.56
C ASP A 16 -5.41 2.56 -2.61
N GLU A 17 -6.03 3.41 -3.42
CA GLU A 17 -5.55 4.79 -3.52
C GLU A 17 -6.66 5.78 -3.88
N LYS A 18 -6.50 7.00 -3.36
CA LYS A 18 -7.43 8.09 -3.61
C LYS A 18 -6.73 9.24 -4.30
N LEU A 19 -7.19 9.58 -5.49
CA LEU A 19 -6.64 10.67 -6.26
C LEU A 19 -7.64 11.81 -6.34
N ASP A 20 -7.15 12.97 -6.72
CA ASP A 20 -8.00 14.16 -6.84
C ASP A 20 -8.44 14.41 -8.29
N ARG A 21 -9.03 15.56 -8.54
CA ARG A 21 -9.48 15.94 -9.89
C ARG A 21 -8.27 16.24 -10.81
N ASN A 22 -7.08 16.20 -10.21
CA ASN A 22 -5.84 16.47 -10.93
C ASN A 22 -5.16 15.17 -11.32
N GLY A 23 -5.65 14.06 -10.77
CA GLY A 23 -5.06 12.78 -11.06
C GLY A 23 -3.85 12.54 -10.18
N ALA A 24 -3.67 13.44 -9.20
CA ALA A 24 -2.58 13.36 -8.26
C ALA A 24 -3.02 12.52 -7.07
N VAL A 25 -2.06 11.97 -6.37
CA VAL A 25 -2.36 11.11 -5.24
C VAL A 25 -2.43 11.89 -3.93
N LYS A 26 -3.63 12.00 -3.38
CA LYS A 26 -3.84 12.72 -2.14
C LYS A 26 -3.84 11.78 -0.94
N LEU A 27 -4.23 10.53 -1.14
CA LEU A 27 -4.27 9.56 -0.03
C LEU A 27 -4.12 8.13 -0.51
N TYR A 28 -3.70 7.25 0.38
CA TYR A 28 -3.55 5.82 0.04
C TYR A 28 -4.18 4.98 1.13
N ARG A 29 -4.71 3.82 0.72
CA ARG A 29 -5.32 2.89 1.65
C ARG A 29 -4.39 1.74 1.90
N ILE A 30 -4.11 1.49 3.18
CA ILE A 30 -3.24 0.41 3.59
C ILE A 30 -4.04 -0.59 4.43
N ARG A 31 -3.77 -1.89 4.26
CA ARG A 31 -4.50 -2.93 5.00
C ARG A 31 -3.54 -4.02 5.47
N TRP A 32 -3.33 -4.10 6.78
CA TRP A 32 -2.43 -5.09 7.35
C TRP A 32 -3.18 -6.32 7.85
N LEU A 33 -3.51 -7.25 6.94
CA LEU A 33 -4.20 -8.48 7.37
C LEU A 33 -3.24 -9.30 8.22
N ASN A 34 -2.00 -9.34 7.76
CA ASN A 34 -0.93 -10.07 8.42
C ASN A 34 -1.02 -9.92 9.94
N TYR A 35 -1.54 -8.78 10.39
CA TYR A 35 -1.69 -8.50 11.81
C TYR A 35 -3.08 -8.86 12.34
N SER A 36 -4.08 -8.07 11.97
CA SER A 36 -5.46 -8.30 12.45
C SER A 36 -6.38 -8.77 11.33
N SER A 37 -6.27 -8.17 10.15
CA SER A 37 -7.12 -8.53 9.00
C SER A 37 -8.49 -7.90 9.12
N ARG A 38 -8.52 -6.58 9.30
CA ARG A 38 -9.77 -5.83 9.41
C ARG A 38 -9.51 -4.39 9.86
N SER A 39 -8.74 -4.25 10.93
CA SER A 39 -8.42 -2.93 11.47
C SER A 39 -7.22 -2.32 10.76
N ASP A 40 -7.51 -1.43 9.81
CA ASP A 40 -6.46 -0.76 9.04
C ASP A 40 -6.81 0.72 8.86
N THR A 41 -5.96 1.48 8.18
CA THR A 41 -6.24 2.90 7.97
C THR A 41 -5.62 3.43 6.67
N TRP A 42 -5.77 4.73 6.47
CA TRP A 42 -5.25 5.41 5.31
C TRP A 42 -4.11 6.35 5.69
N GLU A 43 -3.21 6.54 4.76
CA GLU A 43 -2.07 7.39 4.92
C GLU A 43 -1.76 8.09 3.60
N PRO A 44 -1.40 9.37 3.61
CA PRO A 44 -1.07 10.10 2.40
C PRO A 44 0.06 9.39 1.63
N PRO A 45 0.46 9.94 0.48
CA PRO A 45 1.53 9.38 -0.34
C PRO A 45 2.90 9.87 0.08
N GLU A 46 2.96 11.16 0.34
CA GLU A 46 4.20 11.81 0.75
C GLU A 46 4.82 11.08 1.94
N ASN A 47 3.98 10.53 2.81
CA ASN A 47 4.43 9.80 3.96
C ASN A 47 5.19 8.55 3.54
N LEU A 48 4.77 7.98 2.41
CA LEU A 48 5.37 6.77 1.87
C LEU A 48 6.81 7.00 1.44
N SER A 49 7.20 8.26 1.22
CA SER A 49 8.56 8.56 0.79
C SER A 49 9.56 7.68 1.51
N GLY A 50 9.62 7.83 2.83
CA GLY A 50 10.53 7.02 3.61
C GLY A 50 10.24 5.54 3.50
N CYS A 51 9.00 5.18 3.19
CA CYS A 51 8.62 3.78 3.07
C CYS A 51 9.57 3.02 2.14
N SER A 52 9.56 3.34 0.86
CA SER A 52 10.43 2.71 -0.15
C SER A 52 9.93 1.33 -0.57
N ALA A 53 9.91 0.38 0.36
CA ALA A 53 9.46 -0.96 0.04
C ALA A 53 7.98 -0.94 -0.34
N VAL A 54 7.18 -0.38 0.54
CA VAL A 54 5.74 -0.30 0.30
C VAL A 54 5.45 0.22 -1.10
N LEU A 55 6.04 1.35 -1.43
CA LEU A 55 5.87 1.93 -2.75
C LEU A 55 6.28 0.93 -3.81
N ALA A 56 7.34 0.19 -3.54
CA ALA A 56 7.83 -0.80 -4.48
C ALA A 56 6.76 -1.84 -4.81
N GLU A 57 6.06 -2.39 -3.81
CA GLU A 57 5.06 -3.38 -4.12
C GLU A 57 4.00 -2.72 -4.97
N TRP A 58 3.55 -1.55 -4.55
CA TRP A 58 2.50 -0.84 -5.28
C TRP A 58 2.87 -0.66 -6.76
N LYS A 59 3.98 0.01 -7.04
CA LYS A 59 4.40 0.22 -8.43
C LYS A 59 4.38 -1.08 -9.23
N ARG A 60 5.12 -2.07 -8.76
CA ARG A 60 5.23 -3.35 -9.45
C ARG A 60 3.88 -4.07 -9.59
N ARG A 61 2.98 -3.82 -8.64
CA ARG A 61 1.68 -4.48 -8.62
C ARG A 61 0.66 -3.79 -9.52
N LYS A 62 0.79 -2.48 -9.67
CA LYS A 62 -0.14 -1.71 -10.50
C LYS A 62 -0.43 -2.47 -11.79
N ARG A 63 0.58 -3.16 -12.28
CA ARG A 63 0.48 -3.93 -13.51
C ARG A 63 -0.60 -5.01 -13.45
N ARG A 64 -1.20 -5.22 -12.27
CA ARG A 64 -2.25 -6.22 -12.14
C ARG A 64 -3.50 -5.64 -11.49
N LEU A 65 -3.41 -5.26 -10.21
CA LEU A 65 -4.54 -4.72 -9.45
C LEU A 65 -5.55 -3.96 -10.31
N LYS A 66 -6.67 -4.63 -10.59
CA LYS A 66 -7.79 -4.08 -11.38
C LYS A 66 -8.56 -5.19 -12.10
N GLY A 67 -8.04 -6.42 -12.03
CA GLY A 67 -8.70 -7.54 -12.67
C GLY A 67 -8.31 -8.86 -12.04
N SER A 68 -8.22 -8.88 -10.71
CA SER A 68 -7.84 -10.09 -9.99
C SER A 68 -8.81 -10.36 -8.83
N ASN A 69 -8.48 -11.35 -8.01
CA ASN A 69 -9.30 -11.71 -6.86
C ASN A 69 -8.44 -12.20 -5.70
N SER A 70 -8.17 -11.30 -4.76
CA SER A 70 -7.35 -11.64 -3.59
C SER A 70 -7.82 -10.88 -2.36
N ILE A 1 25.64 -12.41 10.69
CA ILE A 1 25.55 -10.95 10.43
C ILE A 1 24.32 -10.34 11.10
N SER A 2 23.17 -10.49 10.45
CA SER A 2 21.93 -9.95 10.99
C SER A 2 20.72 -10.71 10.46
N SER A 3 20.94 -11.95 10.02
CA SER A 3 19.87 -12.78 9.49
C SER A 3 18.95 -11.99 8.56
N PRO A 4 19.42 -11.65 7.35
CA PRO A 4 18.64 -10.89 6.38
C PRO A 4 17.60 -11.76 5.68
N LYS A 5 16.47 -11.16 5.33
CA LYS A 5 15.40 -11.89 4.66
C LYS A 5 14.62 -10.96 3.73
N GLN A 6 13.51 -11.46 3.21
CA GLN A 6 12.67 -10.69 2.31
C GLN A 6 11.58 -9.96 3.08
N GLU A 7 10.48 -10.67 3.37
CA GLU A 7 9.36 -10.09 4.11
C GLU A 7 8.17 -11.03 4.06
N GLU A 8 7.82 -11.60 5.21
CA GLU A 8 6.69 -12.51 5.28
C GLU A 8 5.41 -11.83 4.82
N TYR A 9 4.28 -12.44 5.12
CA TYR A 9 2.98 -11.91 4.73
C TYR A 9 2.82 -10.45 5.20
N GLU A 10 3.03 -10.21 6.50
CA GLU A 10 2.90 -8.88 7.11
C GLU A 10 1.81 -8.05 6.42
N VAL A 11 2.19 -7.37 5.33
CA VAL A 11 1.26 -6.53 4.57
C VAL A 11 1.67 -6.49 3.10
N GLU A 12 0.95 -5.68 2.32
CA GLU A 12 1.23 -5.53 0.90
C GLU A 12 1.05 -4.07 0.51
N ARG A 13 2.17 -3.34 0.40
CA ARG A 13 2.14 -1.91 0.09
C ARG A 13 0.85 -1.49 -0.59
N ILE A 14 0.21 -0.46 -0.04
CA ILE A 14 -1.03 0.09 -0.61
C ILE A 14 -2.08 -0.95 -1.03
N VAL A 15 -3.27 -0.84 -0.46
CA VAL A 15 -4.39 -1.70 -0.82
C VAL A 15 -5.35 -0.93 -1.72
N ASP A 16 -5.18 0.40 -1.74
CA ASP A 16 -6.04 1.26 -2.55
C ASP A 16 -5.42 2.65 -2.66
N GLU A 17 -5.96 3.48 -3.53
CA GLU A 17 -5.40 4.81 -3.71
C GLU A 17 -6.43 5.81 -4.23
N LYS A 18 -6.24 7.07 -3.83
CA LYS A 18 -7.10 8.17 -4.26
C LYS A 18 -6.26 9.23 -4.94
N LEU A 19 -6.67 9.53 -6.18
CA LEU A 19 -6.02 10.56 -6.98
C LEU A 19 -6.96 11.74 -7.18
N ASP A 20 -6.40 12.86 -7.59
CA ASP A 20 -7.19 14.07 -7.81
C ASP A 20 -7.44 14.28 -9.30
N ARG A 21 -8.06 15.41 -9.65
CA ARG A 21 -8.35 15.72 -11.06
C ARG A 21 -7.07 16.00 -11.84
N ASN A 22 -5.94 16.03 -11.15
CA ASN A 22 -4.66 16.31 -11.76
C ASN A 22 -3.91 15.01 -12.02
N GLY A 23 -4.39 13.92 -11.43
CA GLY A 23 -3.76 12.64 -11.60
C GLY A 23 -2.72 12.39 -10.51
N ALA A 24 -2.64 13.33 -9.58
CA ALA A 24 -1.72 13.25 -8.48
C ALA A 24 -2.35 12.47 -7.36
N VAL A 25 -1.53 11.72 -6.64
CA VAL A 25 -2.01 10.91 -5.55
C VAL A 25 -2.15 11.73 -4.29
N LYS A 26 -3.37 11.82 -3.76
CA LYS A 26 -3.62 12.59 -2.56
C LYS A 26 -3.79 11.69 -1.35
N LEU A 27 -4.08 10.40 -1.57
CA LEU A 27 -4.25 9.50 -0.41
C LEU A 27 -4.12 8.03 -0.79
N TYR A 28 -3.92 7.17 0.21
CA TYR A 28 -3.77 5.73 0.00
C TYR A 28 -4.43 4.91 1.11
N ARG A 29 -4.79 3.68 0.76
CA ARG A 29 -5.37 2.73 1.69
C ARG A 29 -4.39 1.59 1.91
N ILE A 30 -4.17 1.23 3.19
CA ILE A 30 -3.25 0.16 3.58
C ILE A 30 -3.97 -0.94 4.37
N ARG A 31 -4.05 -2.13 3.79
CA ARG A 31 -4.69 -3.27 4.44
C ARG A 31 -3.68 -4.12 5.17
N TRP A 32 -4.01 -4.50 6.40
CA TRP A 32 -3.13 -5.37 7.18
C TRP A 32 -3.86 -6.68 7.51
N LEU A 33 -4.68 -6.65 8.56
CA LEU A 33 -5.48 -7.81 8.98
C LEU A 33 -4.63 -9.05 9.34
N ASN A 34 -3.68 -9.41 8.49
CA ASN A 34 -2.83 -10.58 8.75
C ASN A 34 -2.20 -10.51 10.14
N TYR A 35 -2.01 -9.30 10.65
CA TYR A 35 -1.41 -9.12 11.97
C TYR A 35 -2.17 -9.89 13.03
N SER A 36 -3.48 -9.78 12.98
CA SER A 36 -4.33 -10.45 13.95
C SER A 36 -5.81 -10.35 13.56
N SER A 37 -6.39 -9.17 13.77
CA SER A 37 -7.79 -8.94 13.43
C SER A 37 -7.98 -7.63 12.68
N ARG A 38 -9.17 -7.05 12.77
CA ARG A 38 -9.49 -5.79 12.09
C ARG A 38 -8.36 -4.77 12.23
N SER A 39 -7.79 -4.36 11.10
CA SER A 39 -6.71 -3.39 11.07
C SER A 39 -6.54 -2.83 9.66
N ASP A 40 -7.02 -1.61 9.44
CA ASP A 40 -6.94 -0.96 8.13
C ASP A 40 -7.19 0.54 8.24
N THR A 41 -6.30 1.34 7.67
CA THR A 41 -6.46 2.79 7.69
C THR A 41 -5.89 3.45 6.43
N TRP A 42 -6.19 4.74 6.29
CA TRP A 42 -5.74 5.52 5.14
C TRP A 42 -4.61 6.48 5.54
N GLU A 43 -3.57 6.50 4.73
CA GLU A 43 -2.42 7.35 4.94
C GLU A 43 -2.05 8.06 3.64
N PRO A 44 -1.35 9.19 3.70
CA PRO A 44 -0.95 9.92 2.51
C PRO A 44 0.37 9.43 1.90
N PRO A 45 0.66 9.86 0.66
CA PRO A 45 1.89 9.48 -0.06
C PRO A 45 3.14 10.04 0.58
N GLU A 46 3.11 11.32 0.83
CA GLU A 46 4.25 12.03 1.45
C GLU A 46 4.66 11.35 2.76
N ASN A 47 3.73 10.58 3.34
CA ASN A 47 3.98 9.83 4.57
C ASN A 47 4.78 8.58 4.24
N LEU A 48 4.62 8.12 3.00
CA LEU A 48 5.29 6.93 2.50
C LEU A 48 6.65 7.26 1.89
N SER A 49 7.25 8.34 2.34
CA SER A 49 8.55 8.76 1.79
C SER A 49 9.66 7.74 2.05
N GLY A 50 9.84 7.34 3.31
CA GLY A 50 10.90 6.39 3.65
C GLY A 50 10.59 4.94 3.33
N CYS A 51 9.50 4.70 2.60
CA CYS A 51 9.08 3.36 2.24
C CYS A 51 9.34 3.05 0.77
N SER A 52 10.28 3.78 0.22
CA SER A 52 10.67 3.65 -1.18
C SER A 52 10.37 2.23 -1.73
N ALA A 53 10.94 1.21 -1.08
CA ALA A 53 10.74 -0.19 -1.50
C ALA A 53 9.27 -0.61 -1.41
N VAL A 54 8.66 -0.38 -0.25
CA VAL A 54 7.25 -0.71 -0.06
C VAL A 54 6.45 -0.12 -1.23
N LEU A 55 6.68 1.19 -1.44
CA LEU A 55 6.06 1.90 -2.54
C LEU A 55 6.23 1.09 -3.80
N ALA A 56 7.45 0.60 -3.99
CA ALA A 56 7.80 -0.20 -5.14
C ALA A 56 6.89 -1.40 -5.29
N GLU A 57 6.50 -2.03 -4.16
CA GLU A 57 5.64 -3.19 -4.29
C GLU A 57 4.25 -2.76 -4.75
N TRP A 58 3.67 -1.68 -4.19
CA TRP A 58 2.33 -1.24 -4.70
C TRP A 58 2.39 -1.02 -6.21
N LYS A 59 3.27 -0.11 -6.64
CA LYS A 59 3.41 0.21 -8.06
C LYS A 59 3.44 -1.05 -8.93
N ARG A 60 4.31 -2.00 -8.57
CA ARG A 60 4.40 -3.24 -9.32
C ARG A 60 3.07 -4.00 -9.25
N ARG A 61 2.33 -3.80 -8.16
CA ARG A 61 1.06 -4.46 -7.96
C ARG A 61 -0.03 -3.83 -8.83
N LYS A 62 -0.07 -2.51 -8.87
CA LYS A 62 -1.05 -1.78 -9.67
C LYS A 62 -1.11 -2.36 -11.07
N ARG A 63 0.06 -2.70 -11.58
CA ARG A 63 0.25 -3.28 -12.91
C ARG A 63 -0.77 -4.38 -13.28
N ARG A 64 -1.66 -4.73 -12.38
CA ARG A 64 -2.68 -5.73 -12.68
C ARG A 64 -4.05 -5.23 -12.23
N LEU A 65 -4.15 -4.87 -10.94
CA LEU A 65 -5.39 -4.38 -10.37
C LEU A 65 -5.66 -2.94 -10.83
N LYS A 66 -6.94 -2.59 -10.96
CA LYS A 66 -7.34 -1.26 -11.40
C LYS A 66 -7.17 -1.10 -12.91
N GLY A 67 -7.27 -2.22 -13.61
CA GLY A 67 -7.11 -2.22 -15.05
C GLY A 67 -7.95 -3.30 -15.73
N SER A 68 -8.22 -4.37 -14.98
CA SER A 68 -9.01 -5.48 -15.49
C SER A 68 -10.04 -5.91 -14.45
N ASN A 69 -10.49 -7.17 -14.54
CA ASN A 69 -11.48 -7.70 -13.60
C ASN A 69 -12.74 -6.84 -13.59
N SER A 70 -13.79 -7.34 -14.24
CA SER A 70 -15.06 -6.62 -14.31
C SER A 70 -15.88 -6.87 -13.06
N ILE A 1 -13.73 -24.49 13.79
CA ILE A 1 -13.31 -24.70 12.38
C ILE A 1 -12.97 -23.37 11.71
N SER A 2 -11.77 -22.88 11.99
CA SER A 2 -11.31 -21.61 11.41
C SER A 2 -10.29 -21.86 10.30
N SER A 3 -9.79 -20.78 9.72
CA SER A 3 -8.81 -20.88 8.65
C SER A 3 -7.52 -20.14 9.02
N PRO A 4 -6.45 -20.88 9.37
CA PRO A 4 -5.18 -20.28 9.75
C PRO A 4 -4.31 -19.93 8.54
N LYS A 5 -3.49 -18.89 8.69
CA LYS A 5 -2.59 -18.44 7.63
C LYS A 5 -1.40 -17.70 8.22
N GLN A 6 -0.24 -18.35 8.22
CA GLN A 6 0.98 -17.76 8.76
C GLN A 6 1.21 -16.34 8.24
N GLU A 7 1.73 -16.24 7.01
CA GLU A 7 2.02 -14.94 6.40
C GLU A 7 2.73 -14.03 7.39
N GLU A 8 4.05 -14.14 7.45
CA GLU A 8 4.86 -13.35 8.36
C GLU A 8 4.64 -11.85 8.13
N TYR A 9 5.39 -11.03 8.87
CA TYR A 9 5.30 -9.58 8.77
C TYR A 9 4.93 -9.09 7.37
N GLU A 10 3.65 -8.79 7.17
CA GLU A 10 3.17 -8.30 5.88
C GLU A 10 3.23 -6.76 5.85
N VAL A 11 2.08 -6.10 5.70
CA VAL A 11 2.01 -4.65 5.67
C VAL A 11 3.15 -4.04 4.86
N GLU A 12 3.36 -2.74 5.03
CA GLU A 12 4.41 -2.04 4.30
C GLU A 12 4.21 -2.20 2.80
N ARG A 13 3.05 -1.75 2.31
CA ARG A 13 2.73 -1.86 0.89
C ARG A 13 1.29 -1.40 0.58
N ILE A 14 1.19 -0.55 -0.45
CA ILE A 14 -0.07 0.05 -0.88
C ILE A 14 -1.12 -0.95 -1.37
N VAL A 15 -2.30 -0.85 -0.79
CA VAL A 15 -3.44 -1.70 -1.14
C VAL A 15 -4.48 -0.94 -1.97
N ASP A 16 -4.48 0.40 -1.89
CA ASP A 16 -5.45 1.20 -2.65
C ASP A 16 -5.04 2.67 -2.67
N GLU A 17 -5.71 3.48 -3.48
CA GLU A 17 -5.33 4.89 -3.58
C GLU A 17 -6.50 5.80 -3.95
N LYS A 18 -6.46 7.02 -3.42
CA LYS A 18 -7.45 8.05 -3.71
C LYS A 18 -6.79 9.24 -4.39
N LEU A 19 -7.26 9.54 -5.60
CA LEU A 19 -6.76 10.69 -6.34
C LEU A 19 -7.81 11.78 -6.41
N ASP A 20 -7.38 12.98 -6.73
CA ASP A 20 -8.29 14.11 -6.81
C ASP A 20 -8.74 14.35 -8.25
N ARG A 21 -9.46 15.43 -8.48
CA ARG A 21 -9.93 15.78 -9.82
C ARG A 21 -8.75 16.19 -10.71
N ASN A 22 -7.62 16.46 -10.06
CA ASN A 22 -6.41 16.84 -10.74
C ASN A 22 -5.64 15.62 -11.18
N GLY A 23 -6.08 14.46 -10.70
CA GLY A 23 -5.45 13.22 -11.03
C GLY A 23 -4.25 12.94 -10.17
N ALA A 24 -4.03 13.82 -9.19
CA ALA A 24 -2.94 13.69 -8.27
C ALA A 24 -3.32 12.76 -7.14
N VAL A 25 -2.33 12.23 -6.46
CA VAL A 25 -2.57 11.29 -5.38
C VAL A 25 -2.65 12.02 -4.04
N LYS A 26 -3.86 12.12 -3.51
CA LYS A 26 -4.07 12.81 -2.25
C LYS A 26 -4.02 11.87 -1.06
N LEU A 27 -4.27 10.57 -1.29
CA LEU A 27 -4.23 9.61 -0.19
C LEU A 27 -4.03 8.17 -0.66
N TYR A 28 -3.64 7.29 0.26
CA TYR A 28 -3.44 5.87 -0.05
C TYR A 28 -4.00 5.01 1.07
N ARG A 29 -4.39 3.79 0.71
CA ARG A 29 -4.90 2.81 1.65
C ARG A 29 -3.87 1.72 1.85
N ILE A 30 -3.58 1.44 3.13
CA ILE A 30 -2.63 0.41 3.52
C ILE A 30 -3.29 -0.55 4.52
N ARG A 31 -3.40 -1.81 4.13
CA ARG A 31 -4.04 -2.81 4.97
C ARG A 31 -3.03 -3.64 5.74
N TRP A 32 -3.25 -3.77 7.05
CA TRP A 32 -2.34 -4.57 7.88
C TRP A 32 -2.95 -5.94 8.18
N LEU A 33 -3.95 -5.96 9.06
CA LEU A 33 -4.63 -7.19 9.48
C LEU A 33 -3.69 -8.08 10.30
N ASN A 34 -2.54 -8.43 9.73
CA ASN A 34 -1.56 -9.26 10.41
C ASN A 34 -1.27 -8.75 11.81
N TYR A 35 -1.35 -7.44 11.99
CA TYR A 35 -1.07 -6.82 13.27
C TYR A 35 -2.20 -7.09 14.27
N SER A 36 -3.27 -6.32 14.14
CA SER A 36 -4.41 -6.43 15.04
C SER A 36 -5.54 -7.26 14.41
N SER A 37 -6.76 -7.07 14.91
CA SER A 37 -7.93 -7.80 14.42
C SER A 37 -9.02 -6.85 13.92
N ARG A 38 -8.61 -5.72 13.35
CA ARG A 38 -9.57 -4.75 12.83
C ARG A 38 -9.30 -4.49 11.35
N SER A 39 -9.77 -3.35 10.84
CA SER A 39 -9.59 -3.02 9.43
C SER A 39 -8.31 -2.22 9.17
N ASP A 40 -8.08 -1.94 7.87
CA ASP A 40 -6.90 -1.18 7.43
C ASP A 40 -7.05 0.30 7.79
N THR A 41 -6.00 1.07 7.53
CA THR A 41 -6.04 2.51 7.77
C THR A 41 -5.50 3.23 6.55
N TRP A 42 -5.76 4.52 6.47
CA TRP A 42 -5.33 5.31 5.34
C TRP A 42 -4.21 6.28 5.73
N GLU A 43 -3.25 6.40 4.83
CA GLU A 43 -2.12 7.26 4.98
C GLU A 43 -1.83 7.97 3.65
N PRO A 44 -1.35 9.21 3.68
CA PRO A 44 -1.05 9.94 2.45
C PRO A 44 0.13 9.34 1.68
N PRO A 45 0.44 9.87 0.47
CA PRO A 45 1.56 9.41 -0.37
C PRO A 45 2.89 9.90 0.15
N GLU A 46 2.92 11.18 0.44
CA GLU A 46 4.13 11.82 0.93
C GLU A 46 4.68 11.08 2.14
N ASN A 47 3.80 10.43 2.89
CA ASN A 47 4.18 9.66 4.06
C ASN A 47 4.96 8.43 3.63
N LEU A 48 4.62 7.92 2.46
CA LEU A 48 5.26 6.73 1.92
C LEU A 48 6.72 6.97 1.61
N SER A 49 7.12 8.24 1.44
CA SER A 49 8.51 8.55 1.13
C SER A 49 9.46 7.57 1.81
N GLY A 50 9.45 7.58 3.14
CA GLY A 50 10.31 6.69 3.90
C GLY A 50 9.91 5.22 3.79
N CYS A 51 8.65 4.95 3.45
CA CYS A 51 8.18 3.57 3.33
C CYS A 51 9.14 2.74 2.49
N SER A 52 9.22 3.02 1.19
CA SER A 52 10.11 2.31 0.26
C SER A 52 9.54 0.97 -0.20
N ALA A 53 9.33 0.05 0.72
CA ALA A 53 8.78 -1.25 0.35
C ALA A 53 7.36 -1.08 -0.14
N VAL A 54 6.61 -0.29 0.62
CA VAL A 54 5.21 -0.03 0.30
C VAL A 54 5.05 0.44 -1.14
N LEU A 55 5.78 1.47 -1.52
CA LEU A 55 5.72 1.97 -2.88
C LEU A 55 6.09 0.87 -3.84
N ALA A 56 7.12 0.12 -3.49
CA ALA A 56 7.58 -0.96 -4.34
C ALA A 56 6.48 -1.99 -4.65
N GLU A 57 5.67 -2.40 -3.66
CA GLU A 57 4.64 -3.37 -3.98
C GLU A 57 3.67 -2.71 -4.92
N TRP A 58 3.31 -1.47 -4.62
CA TRP A 58 2.35 -0.74 -5.43
C TRP A 58 2.80 -0.67 -6.89
N LYS A 59 3.96 -0.08 -7.18
CA LYS A 59 4.45 0.01 -8.55
C LYS A 59 4.42 -1.36 -9.23
N ARG A 60 5.06 -2.33 -8.58
CA ARG A 60 5.13 -3.69 -9.10
C ARG A 60 3.75 -4.31 -9.37
N ARG A 61 2.74 -3.87 -8.63
CA ARG A 61 1.40 -4.44 -8.77
C ARG A 61 0.44 -3.57 -9.58
N LYS A 62 0.65 -2.27 -9.59
CA LYS A 62 -0.22 -1.37 -10.33
C LYS A 62 -0.35 -1.81 -11.78
N ARG A 63 0.79 -2.03 -12.39
CA ARG A 63 0.89 -2.46 -13.79
C ARG A 63 0.56 -3.94 -13.96
N ARG A 64 0.36 -4.65 -12.84
CA ARG A 64 0.03 -6.07 -12.92
C ARG A 64 -1.40 -6.28 -13.40
N LEU A 65 -2.36 -5.60 -12.77
CA LEU A 65 -3.76 -5.75 -13.14
C LEU A 65 -4.14 -4.94 -14.37
N LYS A 66 -5.41 -5.03 -14.74
CA LYS A 66 -5.95 -4.34 -15.91
C LYS A 66 -5.88 -2.82 -15.76
N GLY A 67 -6.87 -2.23 -15.08
CA GLY A 67 -6.91 -0.79 -14.90
C GLY A 67 -8.34 -0.26 -14.84
N SER A 68 -8.48 1.02 -14.53
CA SER A 68 -9.81 1.64 -14.45
C SER A 68 -10.53 1.60 -15.79
N ASN A 69 -11.39 0.61 -15.97
CA ASN A 69 -12.16 0.45 -17.20
C ASN A 69 -11.28 0.62 -18.43
N SER A 70 -10.00 0.27 -18.30
CA SER A 70 -9.06 0.39 -19.41
C SER A 70 -8.17 -0.85 -19.50
N ILE A 1 5.73 -19.19 12.38
CA ILE A 1 4.57 -19.50 11.51
C ILE A 1 3.80 -18.24 11.17
N SER A 2 4.07 -17.67 10.01
CA SER A 2 3.40 -16.45 9.57
C SER A 2 3.66 -15.30 10.55
N SER A 3 4.87 -15.26 11.08
CA SER A 3 5.24 -14.22 12.04
C SER A 3 6.48 -13.47 11.56
N PRO A 4 6.29 -12.38 10.80
CA PRO A 4 7.39 -11.58 10.27
C PRO A 4 7.87 -10.54 11.28
N LYS A 5 8.97 -9.85 10.95
CA LYS A 5 9.53 -8.83 11.84
C LYS A 5 8.92 -7.46 11.54
N GLN A 6 9.57 -6.66 10.69
CA GLN A 6 9.07 -5.35 10.36
C GLN A 6 7.72 -5.45 9.64
N GLU A 7 7.36 -4.44 8.86
CA GLU A 7 6.09 -4.44 8.16
C GLU A 7 5.99 -5.54 7.08
N GLU A 8 6.98 -6.41 6.99
CA GLU A 8 6.98 -7.46 5.99
C GLU A 8 5.78 -8.38 6.15
N TYR A 9 5.17 -8.75 5.02
CA TYR A 9 4.02 -9.65 5.00
C TYR A 9 3.06 -9.41 6.16
N GLU A 10 2.95 -8.17 6.62
CA GLU A 10 2.03 -7.85 7.71
C GLU A 10 0.97 -6.86 7.23
N VAL A 11 1.34 -5.96 6.32
CA VAL A 11 0.41 -4.98 5.77
C VAL A 11 0.30 -5.11 4.25
N GLU A 12 1.45 -5.29 3.60
CA GLU A 12 1.53 -5.44 2.13
C GLU A 12 1.92 -4.12 1.47
N ARG A 13 1.91 -4.13 0.14
CA ARG A 13 2.26 -2.95 -0.66
C ARG A 13 1.04 -2.10 -0.95
N ILE A 14 0.54 -1.35 0.02
CA ILE A 14 -0.64 -0.52 -0.23
C ILE A 14 -1.83 -1.40 -0.62
N VAL A 15 -3.04 -0.97 -0.26
CA VAL A 15 -4.24 -1.73 -0.62
C VAL A 15 -5.18 -0.92 -1.51
N ASP A 16 -5.00 0.42 -1.54
CA ASP A 16 -5.84 1.26 -2.41
C ASP A 16 -5.24 2.65 -2.55
N GLU A 17 -5.78 3.45 -3.46
CA GLU A 17 -5.22 4.78 -3.70
C GLU A 17 -6.27 5.76 -4.21
N LYS A 18 -6.14 7.03 -3.79
CA LYS A 18 -7.03 8.10 -4.22
C LYS A 18 -6.25 9.17 -4.95
N LEU A 19 -6.67 9.42 -6.18
CA LEU A 19 -6.08 10.43 -7.04
C LEU A 19 -6.94 11.68 -7.06
N ASP A 20 -6.48 12.69 -7.79
CA ASP A 20 -7.23 13.94 -7.91
C ASP A 20 -7.48 14.28 -9.37
N ARG A 21 -8.23 15.35 -9.61
CA ARG A 21 -8.53 15.80 -10.98
C ARG A 21 -7.25 16.13 -11.76
N ASN A 22 -6.11 16.05 -11.08
CA ASN A 22 -4.83 16.33 -11.68
C ASN A 22 -4.11 15.02 -12.04
N GLY A 23 -4.69 13.90 -11.60
CA GLY A 23 -4.11 12.59 -11.84
C GLY A 23 -3.08 12.23 -10.80
N ALA A 24 -2.86 13.16 -9.88
CA ALA A 24 -1.91 12.99 -8.82
C ALA A 24 -2.53 12.20 -7.69
N VAL A 25 -1.70 11.57 -6.89
CA VAL A 25 -2.16 10.76 -5.78
C VAL A 25 -2.24 11.58 -4.52
N LYS A 26 -3.46 11.75 -4.00
CA LYS A 26 -3.66 12.56 -2.80
C LYS A 26 -3.82 11.69 -1.56
N LEU A 27 -4.01 10.39 -1.72
CA LEU A 27 -4.16 9.53 -0.55
C LEU A 27 -4.02 8.04 -0.89
N TYR A 28 -3.95 7.20 0.14
CA TYR A 28 -3.84 5.75 -0.04
C TYR A 28 -4.54 4.99 1.08
N ARG A 29 -4.88 3.75 0.78
CA ARG A 29 -5.48 2.84 1.74
C ARG A 29 -4.47 1.77 2.07
N ILE A 30 -4.28 1.53 3.38
CA ILE A 30 -3.34 0.53 3.86
C ILE A 30 -3.98 -0.44 4.85
N ARG A 31 -3.98 -1.72 4.51
CA ARG A 31 -4.55 -2.75 5.38
C ARG A 31 -3.53 -3.19 6.43
N TRP A 32 -4.03 -3.62 7.59
CA TRP A 32 -3.17 -4.12 8.67
C TRP A 32 -4.02 -4.84 9.73
N LEU A 33 -4.30 -6.12 9.49
CA LEU A 33 -5.07 -6.92 10.44
C LEU A 33 -4.22 -7.33 11.63
N ASN A 34 -2.95 -7.64 11.36
CA ASN A 34 -2.02 -8.04 12.41
C ASN A 34 -2.03 -7.03 13.55
N TYR A 35 -2.13 -5.75 13.20
CA TYR A 35 -2.16 -4.68 14.20
C TYR A 35 -3.56 -4.48 14.75
N SER A 36 -4.40 -3.82 13.97
CA SER A 36 -5.78 -3.54 14.36
C SER A 36 -6.66 -4.76 14.17
N SER A 37 -7.97 -4.54 14.03
CA SER A 37 -8.91 -5.65 13.86
C SER A 37 -9.92 -5.36 12.74
N ARG A 38 -9.64 -5.89 11.55
CA ARG A 38 -10.54 -5.71 10.40
C ARG A 38 -10.47 -4.29 9.84
N SER A 39 -10.75 -3.30 10.68
CA SER A 39 -10.75 -1.91 10.27
C SER A 39 -9.36 -1.42 9.85
N ASP A 40 -9.26 -0.99 8.59
CA ASP A 40 -8.01 -0.47 8.04
C ASP A 40 -8.07 1.06 8.05
N THR A 41 -6.95 1.73 7.75
CA THR A 41 -6.96 3.19 7.74
C THR A 41 -6.31 3.75 6.47
N TRP A 42 -6.60 5.02 6.24
CA TRP A 42 -6.11 5.72 5.08
C TRP A 42 -5.01 6.73 5.45
N GLU A 43 -3.93 6.69 4.69
CA GLU A 43 -2.80 7.59 4.86
C GLU A 43 -2.35 8.13 3.52
N PRO A 44 -1.88 9.39 3.45
CA PRO A 44 -1.41 9.98 2.20
C PRO A 44 -0.09 9.36 1.73
N PRO A 45 0.42 9.80 0.55
CA PRO A 45 1.68 9.29 0.00
C PRO A 45 2.91 9.88 0.65
N GLU A 46 2.90 11.18 0.77
CA GLU A 46 4.02 11.92 1.33
C GLU A 46 4.51 11.31 2.65
N ASN A 47 3.65 10.57 3.34
CA ASN A 47 4.00 9.94 4.59
C ASN A 47 4.71 8.61 4.34
N LEU A 48 4.56 8.08 3.13
CA LEU A 48 5.19 6.82 2.79
C LEU A 48 6.60 7.07 2.22
N SER A 49 7.19 8.20 2.60
CA SER A 49 8.53 8.54 2.14
C SER A 49 9.60 7.79 2.94
N GLY A 50 9.23 6.59 3.40
CA GLY A 50 10.15 5.75 4.16
C GLY A 50 9.92 4.27 3.86
N CYS A 51 8.94 4.00 3.00
CA CYS A 51 8.57 2.65 2.60
C CYS A 51 8.95 2.41 1.15
N SER A 52 9.73 3.34 0.60
CA SER A 52 10.20 3.30 -0.80
C SER A 52 10.00 1.93 -1.45
N ALA A 53 10.63 0.89 -0.91
CA ALA A 53 10.52 -0.46 -1.46
C ALA A 53 9.07 -0.94 -1.50
N VAL A 54 8.34 -0.62 -0.44
CA VAL A 54 6.92 -0.97 -0.37
C VAL A 54 6.17 -0.20 -1.44
N LEU A 55 6.48 1.08 -1.58
CA LEU A 55 5.84 1.89 -2.59
C LEU A 55 6.05 1.21 -3.93
N ALA A 56 7.24 0.63 -4.08
CA ALA A 56 7.62 -0.08 -5.29
C ALA A 56 6.79 -1.34 -5.47
N GLU A 57 6.45 -2.03 -4.38
CA GLU A 57 5.69 -3.24 -4.51
C GLU A 57 4.26 -2.88 -4.98
N TRP A 58 3.68 -1.81 -4.43
CA TRP A 58 2.34 -1.37 -4.84
C TRP A 58 2.32 -1.04 -6.33
N LYS A 59 3.15 -0.09 -6.74
CA LYS A 59 3.19 0.30 -8.15
C LYS A 59 3.36 -0.92 -9.04
N ARG A 60 4.32 -1.77 -8.68
CA ARG A 60 4.58 -2.99 -9.43
C ARG A 60 3.29 -3.78 -9.57
N ARG A 61 2.47 -3.73 -8.53
CA ARG A 61 1.20 -4.43 -8.50
C ARG A 61 0.14 -3.71 -9.33
N LYS A 62 0.30 -2.39 -9.45
CA LYS A 62 -0.67 -1.55 -10.19
C LYS A 62 -0.55 -1.63 -11.70
N ARG A 63 0.61 -2.00 -12.22
CA ARG A 63 0.78 -2.02 -13.67
C ARG A 63 -0.44 -2.53 -14.41
N ARG A 64 -0.80 -3.76 -14.11
CA ARG A 64 -1.94 -4.45 -14.74
C ARG A 64 -1.61 -5.92 -14.99
N LEU A 65 -0.51 -6.39 -14.41
CA LEU A 65 -0.05 -7.78 -14.58
C LEU A 65 -1.21 -8.78 -14.64
N LYS A 66 -0.91 -9.98 -15.12
CA LYS A 66 -1.90 -11.04 -15.24
C LYS A 66 -2.82 -10.76 -16.42
N GLY A 67 -3.60 -11.77 -16.81
CA GLY A 67 -4.52 -11.60 -17.93
C GLY A 67 -3.85 -11.82 -19.26
N SER A 68 -2.87 -12.73 -19.29
CA SER A 68 -2.14 -13.04 -20.52
C SER A 68 -1.17 -11.91 -20.89
N ASN A 69 -0.53 -11.32 -19.88
CA ASN A 69 0.42 -10.24 -20.12
C ASN A 69 1.84 -10.68 -19.77
N SER A 70 2.54 -11.25 -20.73
CA SER A 70 3.91 -11.71 -20.53
C SER A 70 4.89 -10.55 -20.51
N ILE A 1 14.59 -13.12 5.10
CA ILE A 1 15.51 -14.04 5.83
C ILE A 1 14.98 -15.48 5.79
N SER A 2 13.70 -15.66 6.12
CA SER A 2 13.09 -17.00 6.11
C SER A 2 11.66 -17.00 6.66
N SER A 3 11.20 -15.87 7.18
CA SER A 3 9.84 -15.76 7.72
C SER A 3 9.71 -16.46 9.07
N PRO A 4 9.62 -15.70 10.17
CA PRO A 4 9.47 -16.27 11.51
C PRO A 4 8.25 -17.17 11.61
N LYS A 5 7.99 -17.69 12.80
CA LYS A 5 6.83 -18.55 13.01
C LYS A 5 5.54 -17.81 12.69
N GLN A 6 5.38 -16.62 13.25
CA GLN A 6 4.18 -15.83 13.01
C GLN A 6 4.04 -15.47 11.54
N GLU A 7 4.70 -14.40 11.11
CA GLU A 7 4.65 -13.97 9.72
C GLU A 7 5.46 -12.70 9.50
N GLU A 8 6.56 -12.84 8.76
CA GLU A 8 7.45 -11.74 8.46
C GLU A 8 6.70 -10.58 7.80
N TYR A 9 7.46 -9.64 7.25
CA TYR A 9 6.89 -8.49 6.57
C TYR A 9 5.82 -8.94 5.58
N GLU A 10 4.57 -8.99 6.04
CA GLU A 10 3.46 -9.39 5.20
C GLU A 10 2.58 -8.20 4.85
N VAL A 11 1.58 -7.92 5.70
CA VAL A 11 0.67 -6.79 5.48
C VAL A 11 0.35 -6.67 3.97
N GLU A 12 0.34 -5.46 3.43
CA GLU A 12 0.04 -5.27 2.01
C GLU A 12 0.39 -3.86 1.54
N ARG A 13 1.66 -3.68 1.16
CA ARG A 13 2.17 -2.40 0.69
C ARG A 13 1.19 -1.73 -0.29
N ILE A 14 0.36 -0.85 0.27
CA ILE A 14 -0.66 -0.11 -0.47
C ILE A 14 -1.78 -1.03 -0.97
N VAL A 15 -2.93 -0.95 -0.31
CA VAL A 15 -4.08 -1.78 -0.67
C VAL A 15 -5.06 -1.03 -1.58
N ASP A 16 -5.00 0.30 -1.57
CA ASP A 16 -5.90 1.09 -2.40
C ASP A 16 -5.40 2.51 -2.50
N GLU A 17 -6.01 3.33 -3.34
CA GLU A 17 -5.53 4.69 -3.51
C GLU A 17 -6.62 5.66 -3.97
N LYS A 18 -6.46 6.92 -3.57
CA LYS A 18 -7.34 8.01 -3.94
C LYS A 18 -6.56 9.10 -4.68
N LEU A 19 -6.96 9.34 -5.91
CA LEU A 19 -6.35 10.38 -6.73
C LEU A 19 -7.32 11.55 -6.88
N ASP A 20 -6.82 12.67 -7.37
CA ASP A 20 -7.67 13.85 -7.54
C ASP A 20 -8.10 14.02 -9.00
N ARG A 21 -8.63 15.20 -9.33
CA ARG A 21 -9.09 15.48 -10.69
C ARG A 21 -7.92 15.66 -11.66
N ASN A 22 -6.73 15.86 -11.11
CA ASN A 22 -5.54 16.07 -11.90
C ASN A 22 -4.78 14.77 -12.08
N GLY A 23 -5.18 13.74 -11.33
CA GLY A 23 -4.52 12.47 -11.40
C GLY A 23 -3.35 12.39 -10.44
N ALA A 24 -3.36 13.26 -9.46
CA ALA A 24 -2.33 13.32 -8.45
C ALA A 24 -2.77 12.53 -7.24
N VAL A 25 -1.91 11.67 -6.75
CA VAL A 25 -2.22 10.84 -5.61
C VAL A 25 -2.23 11.65 -4.32
N LYS A 26 -3.42 11.84 -3.77
CA LYS A 26 -3.57 12.62 -2.55
C LYS A 26 -3.61 11.72 -1.32
N LEU A 27 -4.09 10.48 -1.47
CA LEU A 27 -4.16 9.59 -0.31
C LEU A 27 -4.08 8.13 -0.70
N TYR A 28 -3.66 7.28 0.23
CA TYR A 28 -3.53 5.84 -0.02
C TYR A 28 -4.14 5.03 1.12
N ARG A 29 -4.67 3.87 0.79
CA ARG A 29 -5.25 2.95 1.76
C ARG A 29 -4.28 1.82 2.02
N ILE A 30 -3.95 1.62 3.30
CA ILE A 30 -3.02 0.56 3.72
C ILE A 30 -3.70 -0.38 4.72
N ARG A 31 -3.69 -1.68 4.41
CA ARG A 31 -4.30 -2.70 5.26
C ARG A 31 -3.23 -3.37 6.12
N TRP A 32 -3.58 -3.63 7.37
CA TRP A 32 -2.67 -4.29 8.31
C TRP A 32 -3.34 -4.47 9.67
N LEU A 33 -4.31 -5.35 9.71
CA LEU A 33 -5.06 -5.65 10.93
C LEU A 33 -4.23 -6.39 11.97
N ASN A 34 -3.31 -7.23 11.51
CA ASN A 34 -2.46 -8.01 12.42
C ASN A 34 -1.81 -7.14 13.50
N TYR A 35 -1.27 -5.99 13.10
CA TYR A 35 -0.61 -5.09 14.04
C TYR A 35 -1.46 -4.86 15.29
N SER A 36 -2.44 -3.98 15.16
CA SER A 36 -3.33 -3.66 16.27
C SER A 36 -4.77 -4.08 15.97
N SER A 37 -5.65 -3.94 16.96
CA SER A 37 -7.04 -4.31 16.81
C SER A 37 -7.81 -3.24 16.03
N ARG A 38 -7.76 -3.32 14.71
CA ARG A 38 -8.43 -2.36 13.86
C ARG A 38 -8.81 -2.99 12.51
N SER A 39 -9.02 -2.16 11.49
CA SER A 39 -9.39 -2.65 10.17
C SER A 39 -8.95 -1.68 9.08
N ASP A 40 -7.67 -1.76 8.71
CA ASP A 40 -7.11 -0.90 7.67
C ASP A 40 -7.30 0.58 7.99
N THR A 41 -6.32 1.39 7.60
CA THR A 41 -6.39 2.82 7.82
C THR A 41 -5.86 3.55 6.59
N TRP A 42 -6.08 4.85 6.54
CA TRP A 42 -5.64 5.65 5.40
C TRP A 42 -4.50 6.58 5.79
N GLU A 43 -3.58 6.73 4.85
CA GLU A 43 -2.42 7.59 5.02
C GLU A 43 -2.07 8.23 3.68
N PRO A 44 -1.63 9.49 3.69
CA PRO A 44 -1.24 10.17 2.45
C PRO A 44 -0.11 9.42 1.73
N PRO A 45 0.33 9.93 0.57
CA PRO A 45 1.41 9.33 -0.22
C PRO A 45 2.77 9.83 0.20
N GLU A 46 2.83 11.11 0.48
CA GLU A 46 4.07 11.76 0.90
C GLU A 46 4.63 11.08 2.14
N ASN A 47 3.75 10.57 2.98
CA ASN A 47 4.16 9.88 4.19
C ASN A 47 4.92 8.62 3.81
N LEU A 48 4.46 7.97 2.75
CA LEU A 48 5.09 6.75 2.28
C LEU A 48 6.55 6.97 1.90
N SER A 49 6.99 8.23 1.79
CA SER A 49 8.37 8.51 1.43
C SER A 49 9.26 7.54 2.21
N GLY A 50 9.13 7.59 3.53
CA GLY A 50 9.89 6.72 4.39
C GLY A 50 9.39 5.27 4.36
N CYS A 51 9.24 4.71 3.15
CA CYS A 51 8.80 3.32 3.02
C CYS A 51 9.74 2.58 2.08
N SER A 52 9.72 2.93 0.80
CA SER A 52 10.58 2.33 -0.24
C SER A 52 10.10 0.96 -0.72
N ALA A 53 10.09 -0.02 0.17
CA ALA A 53 9.64 -1.35 -0.21
C ALA A 53 8.17 -1.30 -0.57
N VAL A 54 7.41 -0.68 0.31
CA VAL A 54 5.98 -0.57 0.13
C VAL A 54 5.60 0.08 -1.20
N LEU A 55 6.17 1.24 -1.48
CA LEU A 55 5.86 1.92 -2.74
C LEU A 55 6.22 1.05 -3.91
N ALA A 56 7.33 0.35 -3.79
CA ALA A 56 7.80 -0.49 -4.87
C ALA A 56 6.84 -1.64 -5.17
N GLU A 57 6.24 -2.29 -4.15
CA GLU A 57 5.34 -3.38 -4.47
C GLU A 57 4.13 -2.78 -5.16
N TRP A 58 3.66 -1.65 -4.63
CA TRP A 58 2.50 -1.00 -5.20
C TRP A 58 2.72 -0.66 -6.67
N LYS A 59 3.73 0.16 -6.98
CA LYS A 59 3.97 0.52 -8.37
C LYS A 59 4.02 -0.71 -9.27
N ARG A 60 4.89 -1.65 -8.93
CA ARG A 60 5.03 -2.86 -9.74
C ARG A 60 3.72 -3.65 -9.85
N ARG A 61 2.88 -3.52 -8.83
CA ARG A 61 1.62 -4.24 -8.77
C ARG A 61 0.46 -3.51 -9.43
N LYS A 62 0.49 -2.19 -9.40
CA LYS A 62 -0.58 -1.38 -9.99
C LYS A 62 -0.91 -1.89 -11.38
N ARG A 63 0.10 -2.40 -12.04
CA ARG A 63 0.05 -2.94 -13.40
C ARG A 63 -1.28 -3.50 -13.90
N ARG A 64 -2.33 -3.63 -13.07
CA ARG A 64 -3.58 -4.14 -13.61
C ARG A 64 -3.43 -5.56 -14.12
N LEU A 65 -2.34 -6.23 -13.73
CA LEU A 65 -2.05 -7.58 -14.15
C LEU A 65 -3.25 -8.53 -13.98
N LYS A 66 -2.99 -9.83 -13.85
CA LYS A 66 -4.05 -10.82 -13.72
C LYS A 66 -4.38 -11.10 -12.25
N GLY A 67 -3.76 -12.14 -11.67
CA GLY A 67 -4.03 -12.47 -10.28
C GLY A 67 -4.10 -13.97 -10.04
N SER A 68 -5.23 -14.43 -9.50
CA SER A 68 -5.41 -15.85 -9.22
C SER A 68 -6.88 -16.26 -9.38
N ASN A 69 -7.62 -15.50 -10.16
CA ASN A 69 -9.04 -15.79 -10.40
C ASN A 69 -9.77 -16.09 -9.09
N SER A 70 -9.78 -15.10 -8.19
CA SER A 70 -10.45 -15.26 -6.90
C SER A 70 -11.94 -15.01 -7.02
N ILE A 1 20.96 -16.55 15.38
CA ILE A 1 19.81 -16.64 16.30
C ILE A 1 18.67 -17.47 15.72
N SER A 2 18.57 -17.48 14.39
CA SER A 2 17.54 -18.24 13.69
C SER A 2 16.17 -17.62 13.94
N SER A 3 15.37 -17.51 12.89
CA SER A 3 14.04 -16.93 12.98
C SER A 3 13.06 -17.63 12.04
N PRO A 4 11.97 -18.19 12.58
CA PRO A 4 10.96 -18.88 11.77
C PRO A 4 9.91 -17.92 11.23
N LYS A 5 10.36 -16.78 10.71
CA LYS A 5 9.45 -15.77 10.17
C LYS A 5 8.39 -15.37 11.19
N GLN A 6 8.58 -14.20 11.80
CA GLN A 6 7.63 -13.70 12.79
C GLN A 6 6.52 -12.90 12.13
N GLU A 7 6.77 -11.62 11.89
CA GLU A 7 5.79 -10.76 11.25
C GLU A 7 6.33 -9.35 11.07
N GLU A 8 7.54 -9.25 10.51
CA GLU A 8 8.16 -7.95 10.27
C GLU A 8 7.20 -7.05 9.50
N TYR A 9 7.64 -5.83 9.20
CA TYR A 9 6.82 -4.87 8.45
C TYR A 9 6.24 -5.49 7.17
N GLU A 10 5.37 -6.47 7.32
CA GLU A 10 4.75 -7.12 6.18
C GLU A 10 3.57 -6.29 5.68
N VAL A 11 2.45 -6.35 6.39
CA VAL A 11 1.25 -5.60 6.02
C VAL A 11 0.92 -5.79 4.54
N GLU A 12 0.33 -4.78 3.91
CA GLU A 12 -0.03 -4.88 2.50
C GLU A 12 0.42 -3.63 1.74
N ARG A 13 1.73 -3.54 1.48
CA ARG A 13 2.32 -2.40 0.76
C ARG A 13 1.27 -1.72 -0.13
N ILE A 14 0.57 -0.74 0.44
CA ILE A 14 -0.50 -0.04 -0.27
C ILE A 14 -1.59 -0.99 -0.74
N VAL A 15 -2.79 -0.83 -0.18
CA VAL A 15 -3.93 -1.67 -0.55
C VAL A 15 -4.92 -0.89 -1.42
N ASP A 16 -4.78 0.43 -1.47
CA ASP A 16 -5.69 1.23 -2.29
C ASP A 16 -5.15 2.65 -2.49
N GLU A 17 -5.78 3.41 -3.36
CA GLU A 17 -5.31 4.76 -3.64
C GLU A 17 -6.45 5.67 -4.10
N LYS A 18 -6.31 6.95 -3.76
CA LYS A 18 -7.27 7.97 -4.15
C LYS A 18 -6.57 9.07 -4.91
N LEU A 19 -7.02 9.26 -6.13
CA LEU A 19 -6.50 10.30 -6.99
C LEU A 19 -7.50 11.43 -7.07
N ASP A 20 -7.06 12.58 -7.53
CA ASP A 20 -7.94 13.73 -7.66
C ASP A 20 -8.39 13.89 -9.11
N ARG A 21 -9.14 14.96 -9.39
CA ARG A 21 -9.62 15.23 -10.73
C ARG A 21 -8.46 15.60 -11.66
N ASN A 22 -7.27 15.71 -11.10
CA ASN A 22 -6.08 16.05 -11.83
C ASN A 22 -5.25 14.82 -12.17
N GLY A 23 -5.59 13.69 -11.53
CA GLY A 23 -4.87 12.46 -11.75
C GLY A 23 -3.70 12.33 -10.80
N ALA A 24 -3.69 13.19 -9.78
CA ALA A 24 -2.66 13.22 -8.79
C ALA A 24 -3.08 12.41 -7.58
N VAL A 25 -2.14 11.71 -6.99
CA VAL A 25 -2.40 10.87 -5.84
C VAL A 25 -2.52 11.71 -4.58
N LYS A 26 -3.71 11.73 -4.00
CA LYS A 26 -3.96 12.52 -2.80
C LYS A 26 -3.92 11.66 -1.54
N LEU A 27 -4.21 10.35 -1.67
CA LEU A 27 -4.20 9.50 -0.48
C LEU A 27 -4.05 8.02 -0.82
N TYR A 28 -3.70 7.20 0.17
CA TYR A 28 -3.53 5.75 -0.03
C TYR A 28 -4.13 4.97 1.13
N ARG A 29 -4.60 3.76 0.84
CA ARG A 29 -5.14 2.86 1.85
C ARG A 29 -4.15 1.75 2.13
N ILE A 30 -3.89 1.50 3.42
CA ILE A 30 -2.94 0.48 3.85
C ILE A 30 -3.58 -0.50 4.85
N ARG A 31 -3.66 -1.77 4.45
CA ARG A 31 -4.24 -2.82 5.30
C ARG A 31 -3.18 -3.43 6.21
N TRP A 32 -3.62 -3.86 7.40
CA TRP A 32 -2.72 -4.49 8.37
C TRP A 32 -3.44 -4.86 9.65
N LEU A 33 -4.27 -5.89 9.61
CA LEU A 33 -4.98 -6.35 10.81
C LEU A 33 -4.01 -6.50 11.97
N ASN A 34 -2.79 -6.94 11.63
CA ASN A 34 -1.72 -7.12 12.61
C ASN A 34 -1.87 -6.15 13.77
N TYR A 35 -2.21 -4.91 13.44
CA TYR A 35 -2.40 -3.87 14.44
C TYR A 35 -3.66 -4.15 15.26
N SER A 36 -4.81 -3.92 14.64
CA SER A 36 -6.09 -4.13 15.30
C SER A 36 -6.79 -5.41 14.80
N SER A 37 -7.56 -5.29 13.72
CA SER A 37 -8.28 -6.44 13.18
C SER A 37 -8.64 -6.21 11.71
N ARG A 38 -9.91 -6.43 11.34
CA ARG A 38 -10.33 -6.24 9.95
C ARG A 38 -10.74 -4.80 9.71
N SER A 39 -9.76 -3.90 9.69
CA SER A 39 -10.02 -2.48 9.47
C SER A 39 -8.74 -1.71 9.16
N ASP A 40 -8.42 -1.61 7.88
CA ASP A 40 -7.23 -0.88 7.45
C ASP A 40 -7.38 0.59 7.82
N THR A 41 -6.39 1.41 7.50
CA THR A 41 -6.49 2.84 7.79
C THR A 41 -5.98 3.62 6.58
N TRP A 42 -6.29 4.90 6.54
CA TRP A 42 -5.89 5.74 5.43
C TRP A 42 -4.74 6.67 5.82
N GLU A 43 -3.73 6.69 4.96
CA GLU A 43 -2.56 7.52 5.13
C GLU A 43 -2.25 8.25 3.83
N PRO A 44 -1.40 9.28 3.87
CA PRO A 44 -1.03 10.04 2.67
C PRO A 44 0.05 9.34 1.85
N PRO A 45 0.35 9.84 0.64
CA PRO A 45 1.37 9.27 -0.23
C PRO A 45 2.76 9.73 0.16
N GLU A 46 2.85 11.01 0.44
CA GLU A 46 4.11 11.61 0.85
C GLU A 46 4.65 10.91 2.10
N ASN A 47 3.73 10.38 2.91
CA ASN A 47 4.10 9.65 4.12
C ASN A 47 4.90 8.41 3.73
N LEU A 48 4.48 7.81 2.62
CA LEU A 48 5.10 6.59 2.12
C LEU A 48 6.58 6.80 1.80
N SER A 49 7.06 8.05 1.77
CA SER A 49 8.47 8.29 1.50
C SER A 49 9.28 7.44 2.48
N GLY A 50 8.68 7.25 3.66
CA GLY A 50 9.27 6.45 4.71
C GLY A 50 8.91 4.99 4.57
N CYS A 51 8.73 4.52 3.33
CA CYS A 51 8.40 3.11 3.10
C CYS A 51 9.45 2.46 2.20
N SER A 52 9.47 2.80 0.92
CA SER A 52 10.43 2.27 -0.06
C SER A 52 10.00 0.91 -0.63
N ALA A 53 9.93 -0.10 0.23
CA ALA A 53 9.52 -1.42 -0.22
C ALA A 53 8.05 -1.42 -0.55
N VAL A 54 7.30 -0.71 0.27
CA VAL A 54 5.86 -0.63 0.10
C VAL A 54 5.48 0.10 -1.18
N LEU A 55 6.21 1.16 -1.53
CA LEU A 55 5.92 1.89 -2.74
C LEU A 55 6.27 1.02 -3.92
N ALA A 56 7.39 0.33 -3.80
CA ALA A 56 7.85 -0.54 -4.88
C ALA A 56 6.87 -1.67 -5.20
N GLU A 57 6.25 -2.32 -4.19
CA GLU A 57 5.36 -3.40 -4.53
C GLU A 57 4.09 -2.78 -5.09
N TRP A 58 3.70 -1.61 -4.56
CA TRP A 58 2.51 -0.96 -5.06
C TRP A 58 2.69 -0.68 -6.54
N LYS A 59 3.69 0.12 -6.92
CA LYS A 59 3.91 0.42 -8.33
C LYS A 59 3.90 -0.86 -9.17
N ARG A 60 4.81 -1.78 -8.85
CA ARG A 60 4.88 -3.04 -9.58
C ARG A 60 3.50 -3.66 -9.74
N ARG A 61 2.62 -3.37 -8.77
CA ARG A 61 1.25 -3.88 -8.77
C ARG A 61 0.27 -2.85 -9.32
N LYS A 62 0.64 -1.56 -9.18
CA LYS A 62 -0.20 -0.45 -9.63
C LYS A 62 -0.68 -0.62 -11.05
N ARG A 63 0.09 -1.35 -11.85
CA ARG A 63 -0.22 -1.48 -13.26
C ARG A 63 -1.69 -1.59 -13.58
N ARG A 64 -2.35 -2.62 -13.09
CA ARG A 64 -3.75 -2.82 -13.49
C ARG A 64 -4.46 -4.01 -12.84
N LEU A 65 -3.99 -4.61 -11.75
CA LEU A 65 -4.71 -5.76 -11.19
C LEU A 65 -6.11 -5.39 -10.70
N LYS A 66 -6.76 -6.34 -10.02
CA LYS A 66 -8.10 -6.14 -9.48
C LYS A 66 -9.06 -5.64 -10.54
N GLY A 67 -9.41 -6.53 -11.47
CA GLY A 67 -10.33 -6.17 -12.53
C GLY A 67 -11.72 -5.93 -12.02
N SER A 68 -12.69 -6.70 -12.52
CA SER A 68 -14.08 -6.56 -12.11
C SER A 68 -14.50 -5.10 -12.07
N ASN A 69 -14.76 -4.54 -13.25
CA ASN A 69 -15.16 -3.14 -13.35
C ASN A 69 -16.49 -2.90 -12.63
N SER A 70 -17.60 -3.05 -13.35
CA SER A 70 -18.93 -2.84 -12.78
C SER A 70 -19.00 -1.50 -12.04
N ILE A 1 17.38 -18.67 10.47
CA ILE A 1 18.40 -18.10 11.40
C ILE A 1 19.04 -16.86 10.79
N SER A 2 20.15 -16.41 11.39
CA SER A 2 20.86 -15.23 10.89
C SER A 2 20.04 -13.97 11.14
N SER A 3 20.47 -12.86 10.55
CA SER A 3 19.78 -11.59 10.72
C SER A 3 18.29 -11.73 10.41
N PRO A 4 17.43 -10.96 11.10
CA PRO A 4 15.98 -11.01 10.90
C PRO A 4 15.52 -10.05 9.80
N LYS A 5 16.19 -10.11 8.65
CA LYS A 5 15.85 -9.24 7.52
C LYS A 5 14.74 -9.86 6.68
N GLN A 6 14.51 -11.16 6.86
CA GLN A 6 13.47 -11.87 6.11
C GLN A 6 12.16 -11.08 6.07
N GLU A 7 11.46 -11.06 7.20
CA GLU A 7 10.19 -10.35 7.32
C GLU A 7 9.27 -10.66 6.14
N GLU A 8 8.45 -11.69 6.29
CA GLU A 8 7.52 -12.10 5.25
C GLU A 8 6.64 -10.93 4.82
N TYR A 9 5.66 -11.22 3.98
CA TYR A 9 4.74 -10.18 3.52
C TYR A 9 3.99 -9.57 4.69
N GLU A 10 4.61 -8.58 5.33
CA GLU A 10 4.02 -7.92 6.48
C GLU A 10 2.80 -7.10 6.09
N VAL A 11 1.64 -7.65 6.39
CA VAL A 11 0.35 -7.00 6.11
C VAL A 11 0.13 -6.83 4.60
N GLU A 12 1.01 -6.05 3.96
CA GLU A 12 0.94 -5.78 2.52
C GLU A 12 1.44 -4.36 2.23
N ARG A 13 1.86 -4.13 0.99
CA ARG A 13 2.35 -2.82 0.58
C ARG A 13 1.26 -2.05 -0.18
N ILE A 14 0.59 -1.15 0.52
CA ILE A 14 -0.50 -0.36 -0.05
C ILE A 14 -1.66 -1.25 -0.51
N VAL A 15 -2.85 -0.97 0.01
CA VAL A 15 -4.04 -1.75 -0.34
C VAL A 15 -4.95 -1.00 -1.31
N ASP A 16 -4.84 0.34 -1.38
CA ASP A 16 -5.70 1.12 -2.27
C ASP A 16 -5.19 2.54 -2.41
N GLU A 17 -5.77 3.29 -3.34
CA GLU A 17 -5.32 4.66 -3.59
C GLU A 17 -6.44 5.56 -4.11
N LYS A 18 -6.38 6.83 -3.71
CA LYS A 18 -7.33 7.84 -4.16
C LYS A 18 -6.58 8.91 -4.92
N LEU A 19 -6.95 9.07 -6.19
CA LEU A 19 -6.34 10.07 -7.04
C LEU A 19 -7.34 11.19 -7.29
N ASP A 20 -6.83 12.31 -7.76
CA ASP A 20 -7.67 13.46 -8.04
C ASP A 20 -8.01 13.54 -9.53
N ARG A 21 -8.61 14.66 -9.93
CA ARG A 21 -8.98 14.86 -11.34
C ARG A 21 -7.73 15.18 -12.18
N ASN A 22 -6.60 15.30 -11.50
CA ASN A 22 -5.33 15.61 -12.14
C ASN A 22 -4.54 14.33 -12.40
N GLY A 23 -4.98 13.25 -11.79
CA GLY A 23 -4.30 11.99 -11.94
C GLY A 23 -3.18 11.85 -10.93
N ALA A 24 -3.16 12.79 -9.99
CA ALA A 24 -2.17 12.83 -8.94
C ALA A 24 -2.68 12.06 -7.74
N VAL A 25 -1.77 11.47 -7.00
CA VAL A 25 -2.14 10.68 -5.84
C VAL A 25 -2.31 11.55 -4.60
N LYS A 26 -3.56 11.70 -4.15
CA LYS A 26 -3.85 12.53 -2.98
C LYS A 26 -3.85 11.71 -1.70
N LEU A 27 -4.20 10.43 -1.78
CA LEU A 27 -4.23 9.59 -0.57
C LEU A 27 -4.10 8.11 -0.88
N TYR A 28 -3.78 7.31 0.14
CA TYR A 28 -3.63 5.85 -0.02
C TYR A 28 -4.25 5.10 1.16
N ARG A 29 -4.67 3.86 0.90
CA ARG A 29 -5.24 2.98 1.90
C ARG A 29 -4.23 1.89 2.21
N ILE A 30 -3.98 1.66 3.51
CA ILE A 30 -3.02 0.63 3.94
C ILE A 30 -3.65 -0.28 5.00
N ARG A 31 -3.89 -1.55 4.65
CA ARG A 31 -4.47 -2.48 5.59
C ARG A 31 -3.37 -3.24 6.35
N TRP A 32 -3.63 -3.56 7.62
CA TRP A 32 -2.67 -4.27 8.46
C TRP A 32 -3.35 -4.91 9.67
N LEU A 33 -3.48 -6.23 9.65
CA LEU A 33 -4.10 -6.94 10.76
C LEU A 33 -3.12 -7.14 11.91
N ASN A 34 -1.85 -7.34 11.56
CA ASN A 34 -0.79 -7.53 12.55
C ASN A 34 -0.68 -6.35 13.50
N TYR A 35 -1.24 -5.21 13.10
CA TYR A 35 -1.21 -4.00 13.92
C TYR A 35 -2.64 -3.55 14.24
N SER A 36 -2.84 -2.99 15.43
CA SER A 36 -4.16 -2.55 15.83
C SER A 36 -5.06 -3.74 16.14
N SER A 37 -5.21 -4.63 15.16
CA SER A 37 -6.04 -5.82 15.31
C SER A 37 -7.52 -5.46 15.35
N ARG A 38 -7.88 -4.41 14.62
CA ARG A 38 -9.26 -3.97 14.57
C ARG A 38 -9.68 -3.60 13.15
N SER A 39 -9.01 -2.60 12.57
CA SER A 39 -9.33 -2.16 11.22
C SER A 39 -8.14 -1.48 10.55
N ASP A 40 -8.27 -1.23 9.26
CA ASP A 40 -7.24 -0.57 8.46
C ASP A 40 -7.45 0.94 8.48
N THR A 41 -6.48 1.72 8.01
CA THR A 41 -6.63 3.17 7.98
C THR A 41 -6.00 3.74 6.72
N TRP A 42 -6.22 5.03 6.52
CA TRP A 42 -5.72 5.73 5.35
C TRP A 42 -4.57 6.67 5.72
N GLU A 43 -3.59 6.70 4.85
CA GLU A 43 -2.41 7.53 5.00
C GLU A 43 -2.11 8.18 3.66
N PRO A 44 -1.38 9.31 3.64
CA PRO A 44 -1.04 9.97 2.39
C PRO A 44 0.16 9.31 1.71
N PRO A 45 0.46 9.74 0.48
CA PRO A 45 1.60 9.21 -0.28
C PRO A 45 2.93 9.69 0.26
N GLU A 46 2.97 10.98 0.49
CA GLU A 46 4.17 11.62 1.02
C GLU A 46 4.62 10.95 2.31
N ASN A 47 3.66 10.36 3.03
CA ASN A 47 3.96 9.67 4.28
C ASN A 47 4.75 8.40 3.96
N LEU A 48 4.43 7.81 2.80
CA LEU A 48 5.10 6.59 2.35
C LEU A 48 6.41 6.93 1.66
N SER A 49 6.99 8.06 2.00
CA SER A 49 8.24 8.47 1.38
C SER A 49 9.34 7.48 1.72
N GLY A 50 9.51 7.23 3.02
CA GLY A 50 10.54 6.31 3.47
C GLY A 50 10.17 4.85 3.29
N CYS A 51 8.95 4.55 2.83
CA CYS A 51 8.54 3.17 2.64
C CYS A 51 9.58 2.43 1.81
N SER A 52 9.68 2.74 0.53
CA SER A 52 10.65 2.15 -0.38
C SER A 52 10.23 0.77 -0.90
N ALA A 53 10.13 -0.21 -0.01
CA ALA A 53 9.72 -1.54 -0.42
C ALA A 53 8.24 -1.56 -0.70
N VAL A 54 7.50 -0.94 0.22
CA VAL A 54 6.07 -0.86 0.11
C VAL A 54 5.65 -0.14 -1.16
N LEU A 55 6.28 1.00 -1.42
CA LEU A 55 5.97 1.77 -2.60
C LEU A 55 6.28 0.96 -3.84
N ALA A 56 7.43 0.31 -3.83
CA ALA A 56 7.84 -0.46 -4.99
C ALA A 56 6.89 -1.61 -5.31
N GLU A 57 6.30 -2.30 -4.32
CA GLU A 57 5.43 -3.40 -4.69
C GLU A 57 4.15 -2.80 -5.21
N TRP A 58 3.71 -1.71 -4.60
CA TRP A 58 2.49 -1.06 -5.01
C TRP A 58 2.60 -0.60 -6.46
N LYS A 59 3.57 0.26 -6.77
CA LYS A 59 3.73 0.73 -8.15
C LYS A 59 3.79 -0.45 -9.11
N ARG A 60 4.70 -1.38 -8.84
CA ARG A 60 4.85 -2.54 -9.70
C ARG A 60 3.52 -3.27 -9.90
N ARG A 61 2.66 -3.20 -8.89
CA ARG A 61 1.34 -3.83 -8.96
C ARG A 61 0.32 -2.87 -9.56
N LYS A 62 0.52 -1.58 -9.32
CA LYS A 62 -0.37 -0.53 -9.79
C LYS A 62 -0.43 -0.43 -11.31
N ARG A 63 0.72 -0.58 -11.94
CA ARG A 63 0.89 -0.46 -13.38
C ARG A 63 -0.15 -1.14 -14.26
N ARG A 64 -1.11 -1.88 -13.73
CA ARG A 64 -2.09 -2.54 -14.59
C ARG A 64 -3.45 -1.83 -14.55
N LEU A 65 -3.60 -0.84 -13.67
CA LEU A 65 -4.88 -0.12 -13.51
C LEU A 65 -5.53 0.23 -14.85
N LYS A 66 -6.67 0.92 -14.76
CA LYS A 66 -7.44 1.34 -15.93
C LYS A 66 -8.33 0.21 -16.42
N GLY A 67 -9.57 0.22 -15.98
CA GLY A 67 -10.52 -0.82 -16.36
C GLY A 67 -11.32 -1.36 -15.18
N SER A 68 -10.99 -0.89 -13.98
CA SER A 68 -11.68 -1.33 -12.78
C SER A 68 -11.92 -0.17 -11.82
N ASN A 69 -12.29 -0.49 -10.58
CA ASN A 69 -12.55 0.53 -9.57
C ASN A 69 -11.23 1.12 -9.05
N SER A 70 -11.35 1.97 -8.04
CA SER A 70 -10.17 2.61 -7.44
C SER A 70 -9.58 3.65 -8.38
N ILE A 1 8.20 4.81 7.54
CA ILE A 1 7.63 6.13 7.95
C ILE A 1 8.64 6.93 8.76
N SER A 2 9.28 6.28 9.73
CA SER A 2 10.27 6.94 10.57
C SER A 2 11.32 5.96 11.08
N SER A 3 10.88 4.98 11.86
CA SER A 3 11.79 3.98 12.42
C SER A 3 11.21 2.57 12.27
N PRO A 4 11.96 1.65 11.64
CA PRO A 4 11.49 0.28 11.43
C PRO A 4 11.65 -0.57 12.68
N LYS A 5 10.89 -1.66 12.73
CA LYS A 5 10.94 -2.58 13.87
C LYS A 5 10.64 -4.02 13.40
N GLN A 6 10.59 -4.95 14.34
CA GLN A 6 10.31 -6.35 14.02
C GLN A 6 8.92 -6.50 13.38
N GLU A 7 8.06 -7.39 13.94
CA GLU A 7 6.73 -7.63 13.39
C GLU A 7 6.79 -7.89 11.89
N GLU A 8 6.60 -9.16 11.52
CA GLU A 8 6.62 -9.59 10.12
C GLU A 8 5.93 -8.59 9.19
N TYR A 9 6.02 -8.84 7.88
CA TYR A 9 5.41 -7.98 6.88
C TYR A 9 4.12 -7.34 7.36
N GLU A 10 3.31 -8.13 8.07
CA GLU A 10 2.04 -7.66 8.60
C GLU A 10 1.15 -7.12 7.48
N VAL A 11 1.38 -5.86 7.10
CA VAL A 11 0.59 -5.20 6.06
C VAL A 11 1.09 -5.55 4.65
N GLU A 12 1.05 -4.58 3.72
CA GLU A 12 1.50 -4.82 2.35
C GLU A 12 1.59 -3.53 1.54
N ARG A 13 2.16 -3.65 0.35
CA ARG A 13 2.35 -2.52 -0.56
C ARG A 13 1.08 -1.77 -0.92
N ILE A 14 0.47 -1.07 0.01
CA ILE A 14 -0.70 -0.30 -0.35
C ILE A 14 -1.85 -1.21 -0.80
N VAL A 15 -3.04 -0.92 -0.34
CA VAL A 15 -4.21 -1.69 -0.74
C VAL A 15 -5.14 -0.85 -1.62
N ASP A 16 -4.93 0.46 -1.65
CA ASP A 16 -5.75 1.33 -2.49
C ASP A 16 -5.10 2.69 -2.63
N GLU A 17 -5.64 3.51 -3.51
CA GLU A 17 -5.07 4.83 -3.73
C GLU A 17 -6.14 5.83 -4.18
N LYS A 18 -5.94 7.07 -3.78
CA LYS A 18 -6.83 8.18 -4.10
C LYS A 18 -6.06 9.31 -4.74
N LEU A 19 -6.55 9.71 -5.91
CA LEU A 19 -5.97 10.80 -6.68
C LEU A 19 -6.95 11.96 -6.76
N ASP A 20 -6.44 13.11 -7.15
CA ASP A 20 -7.25 14.31 -7.27
C ASP A 20 -7.58 14.57 -8.75
N ARG A 21 -8.28 15.67 -9.01
CA ARG A 21 -8.66 16.04 -10.38
C ARG A 21 -7.43 16.36 -11.23
N ASN A 22 -6.25 16.35 -10.61
CA ASN A 22 -5.01 16.65 -11.30
C ASN A 22 -4.21 15.38 -11.58
N GLY A 23 -4.64 14.28 -10.97
CA GLY A 23 -3.94 13.03 -11.13
C GLY A 23 -2.84 12.89 -10.10
N ALA A 24 -2.87 13.79 -9.13
CA ALA A 24 -1.91 13.80 -8.04
C ALA A 24 -2.43 12.94 -6.91
N VAL A 25 -1.60 12.01 -6.47
CA VAL A 25 -1.98 11.11 -5.39
C VAL A 25 -2.09 11.87 -4.08
N LYS A 26 -3.28 11.89 -3.49
CA LYS A 26 -3.49 12.61 -2.24
C LYS A 26 -3.65 11.66 -1.06
N LEU A 27 -3.95 10.39 -1.33
CA LEU A 27 -4.14 9.44 -0.24
C LEU A 27 -3.96 8.00 -0.66
N TYR A 28 -3.72 7.12 0.31
CA TYR A 28 -3.53 5.70 0.04
C TYR A 28 -4.23 4.88 1.12
N ARG A 29 -4.70 3.70 0.74
CA ARG A 29 -5.33 2.78 1.64
C ARG A 29 -4.36 1.68 1.98
N ILE A 30 -4.17 1.45 3.29
CA ILE A 30 -3.23 0.43 3.77
C ILE A 30 -3.92 -0.59 4.69
N ARG A 31 -4.12 -1.78 4.16
CA ARG A 31 -4.74 -2.88 4.89
C ARG A 31 -3.88 -3.35 6.05
N TRP A 32 -4.17 -2.91 7.28
CA TRP A 32 -3.38 -3.36 8.42
C TRP A 32 -3.92 -4.64 9.03
N LEU A 33 -5.16 -4.57 9.51
CA LEU A 33 -5.79 -5.73 10.15
C LEU A 33 -5.01 -6.07 11.42
N ASN A 34 -3.88 -6.75 11.24
CA ASN A 34 -3.01 -7.15 12.34
C ASN A 34 -3.01 -6.11 13.47
N TYR A 35 -3.13 -4.84 13.10
CA TYR A 35 -3.15 -3.72 14.06
C TYR A 35 -4.57 -3.46 14.57
N SER A 36 -4.71 -2.34 15.30
CA SER A 36 -6.01 -1.93 15.84
C SER A 36 -6.87 -3.12 16.29
N SER A 37 -7.67 -3.67 15.37
CA SER A 37 -8.52 -4.79 15.70
C SER A 37 -8.89 -5.59 14.45
N ARG A 38 -9.61 -4.95 13.54
CA ARG A 38 -10.05 -5.59 12.31
C ARG A 38 -10.52 -4.56 11.30
N SER A 39 -9.85 -3.40 11.26
CA SER A 39 -10.22 -2.33 10.35
C SER A 39 -8.99 -1.55 9.88
N ASP A 40 -8.77 -1.58 8.56
CA ASP A 40 -7.65 -0.87 7.95
C ASP A 40 -7.86 0.62 8.03
N THR A 41 -6.89 1.42 7.59
CA THR A 41 -7.03 2.86 7.62
C THR A 41 -6.37 3.51 6.42
N TRP A 42 -6.59 4.81 6.29
CA TRP A 42 -6.03 5.57 5.18
C TRP A 42 -4.89 6.47 5.65
N GLU A 43 -3.83 6.46 4.87
CA GLU A 43 -2.65 7.26 5.12
C GLU A 43 -2.25 7.97 3.84
N PRO A 44 -1.86 9.25 3.90
CA PRO A 44 -1.46 9.97 2.71
C PRO A 44 -0.24 9.35 2.05
N PRO A 45 0.14 9.85 0.86
CA PRO A 45 1.32 9.36 0.13
C PRO A 45 2.60 9.97 0.66
N GLU A 46 2.52 11.26 0.90
CA GLU A 46 3.65 12.01 1.41
C GLU A 46 4.23 11.32 2.65
N ASN A 47 3.37 10.59 3.36
CA ASN A 47 3.76 9.85 4.54
C ASN A 47 4.66 8.69 4.12
N LEU A 48 4.45 8.23 2.91
CA LEU A 48 5.22 7.12 2.36
C LEU A 48 6.44 7.65 1.63
N SER A 49 6.90 8.84 1.99
CA SER A 49 8.07 9.42 1.37
C SER A 49 9.32 8.76 1.93
N GLY A 50 9.18 7.48 2.27
CA GLY A 50 10.29 6.73 2.80
C GLY A 50 10.05 5.23 2.73
N CYS A 51 8.83 4.80 2.33
CA CYS A 51 8.55 3.38 2.24
C CYS A 51 9.62 2.69 1.41
N SER A 52 9.66 2.95 0.11
CA SER A 52 10.65 2.39 -0.80
C SER A 52 10.29 0.98 -1.29
N ALA A 53 10.22 0.02 -0.38
CA ALA A 53 9.88 -1.35 -0.76
C ALA A 53 8.38 -1.46 -0.99
N VAL A 54 7.65 -0.83 -0.10
CA VAL A 54 6.20 -0.83 -0.15
C VAL A 54 5.68 -0.06 -1.35
N LEU A 55 6.28 1.10 -1.63
CA LEU A 55 5.84 1.89 -2.75
C LEU A 55 6.18 1.20 -4.03
N ALA A 56 7.41 0.70 -4.12
CA ALA A 56 7.85 0.03 -5.31
C ALA A 56 7.08 -1.26 -5.59
N GLU A 57 6.70 -2.02 -4.55
CA GLU A 57 6.01 -3.23 -4.83
C GLU A 57 4.57 -2.87 -5.22
N TRP A 58 3.98 -1.82 -4.59
CA TRP A 58 2.61 -1.40 -4.96
C TRP A 58 2.57 -1.10 -6.46
N LYS A 59 3.39 -0.16 -6.89
CA LYS A 59 3.46 0.22 -8.31
C LYS A 59 3.57 -1.02 -9.19
N ARG A 60 4.53 -1.89 -8.89
CA ARG A 60 4.71 -3.10 -9.68
C ARG A 60 3.45 -3.99 -9.65
N ARG A 61 2.71 -3.88 -8.55
CA ARG A 61 1.50 -4.70 -8.31
C ARG A 61 0.26 -4.15 -9.01
N LYS A 62 0.23 -2.84 -9.25
CA LYS A 62 -0.91 -2.21 -9.93
C LYS A 62 -1.35 -3.01 -11.16
N ARG A 63 -0.45 -3.86 -11.66
CA ARG A 63 -0.73 -4.70 -12.81
C ARG A 63 -1.59 -5.92 -12.42
N ARG A 64 -1.78 -6.10 -11.12
CA ARG A 64 -2.56 -7.21 -10.59
C ARG A 64 -4.06 -6.97 -10.74
N LEU A 65 -4.58 -5.95 -10.05
CA LEU A 65 -6.01 -5.65 -10.13
C LEU A 65 -6.32 -4.64 -11.24
N LYS A 66 -7.50 -4.76 -11.82
CA LYS A 66 -7.94 -3.86 -12.89
C LYS A 66 -6.79 -3.58 -13.88
N GLY A 67 -6.95 -2.53 -14.69
CA GLY A 67 -5.93 -2.19 -15.65
C GLY A 67 -5.37 -0.79 -15.42
N SER A 68 -4.99 -0.12 -16.50
CA SER A 68 -4.43 1.22 -16.41
C SER A 68 -5.22 2.18 -17.32
N ASN A 69 -4.55 2.86 -18.24
CA ASN A 69 -5.23 3.78 -19.15
C ASN A 69 -5.99 4.87 -18.41
N SER A 70 -7.20 4.53 -17.96
CA SER A 70 -8.03 5.49 -17.23
C SER A 70 -8.43 6.66 -18.12
N ILE A 1 8.81 -12.04 16.46
CA ILE A 1 9.65 -12.50 15.32
C ILE A 1 11.07 -12.82 15.79
N SER A 2 11.28 -14.08 16.17
CA SER A 2 12.58 -14.54 16.64
C SER A 2 13.10 -13.68 17.79
N SER A 3 13.73 -12.56 17.45
CA SER A 3 14.28 -11.65 18.46
C SER A 3 13.38 -10.44 18.64
N PRO A 4 13.45 -9.78 19.81
CA PRO A 4 12.66 -8.60 20.11
C PRO A 4 13.31 -7.32 19.57
N LYS A 5 12.57 -6.57 18.78
CA LYS A 5 13.07 -5.33 18.20
C LYS A 5 11.93 -4.57 17.49
N GLN A 6 12.23 -3.96 16.34
CA GLN A 6 11.22 -3.21 15.59
C GLN A 6 10.10 -4.15 15.08
N GLU A 7 10.21 -4.58 13.83
CA GLU A 7 9.22 -5.47 13.22
C GLU A 7 9.48 -5.66 11.73
N GLU A 8 10.20 -6.74 11.39
CA GLU A 8 10.51 -7.03 9.99
C GLU A 8 9.25 -7.07 9.14
N TYR A 9 9.42 -7.44 7.87
CA TYR A 9 8.31 -7.52 6.93
C TYR A 9 7.09 -8.24 7.54
N GLU A 10 5.92 -7.66 7.32
CA GLU A 10 4.67 -8.25 7.84
C GLU A 10 3.47 -7.71 7.06
N VAL A 11 3.11 -6.46 7.31
CA VAL A 11 1.97 -5.86 6.63
C VAL A 11 2.24 -5.73 5.14
N GLU A 12 1.17 -5.66 4.36
CA GLU A 12 1.32 -5.53 2.92
C GLU A 12 1.83 -4.14 2.59
N ARG A 13 1.95 -3.86 1.30
CA ARG A 13 2.43 -2.57 0.84
C ARG A 13 1.36 -1.90 -0.01
N ILE A 14 0.73 -0.88 0.56
CA ILE A 14 -0.39 -0.16 -0.05
C ILE A 14 -1.49 -1.14 -0.44
N VAL A 15 -2.71 -0.78 -0.10
CA VAL A 15 -3.86 -1.63 -0.43
C VAL A 15 -4.80 -0.89 -1.39
N ASP A 16 -4.69 0.43 -1.44
CA ASP A 16 -5.55 1.22 -2.32
C ASP A 16 -5.03 2.63 -2.45
N GLU A 17 -5.59 3.39 -3.38
CA GLU A 17 -5.13 4.76 -3.58
C GLU A 17 -6.23 5.65 -4.14
N LYS A 18 -6.19 6.91 -3.74
CA LYS A 18 -7.14 7.90 -4.21
C LYS A 18 -6.42 9.01 -4.96
N LEU A 19 -6.79 9.14 -6.23
CA LEU A 19 -6.22 10.16 -7.10
C LEU A 19 -7.30 11.16 -7.46
N ASP A 20 -6.87 12.33 -7.91
CA ASP A 20 -7.80 13.40 -8.28
C ASP A 20 -7.99 13.44 -9.79
N ARG A 21 -8.67 14.48 -10.29
CA ARG A 21 -8.90 14.64 -11.73
C ARG A 21 -7.63 15.04 -12.47
N ASN A 22 -6.56 15.26 -11.70
CA ASN A 22 -5.29 15.64 -12.23
C ASN A 22 -4.40 14.41 -12.41
N GLY A 23 -4.84 13.30 -11.85
CA GLY A 23 -4.08 12.07 -11.93
C GLY A 23 -3.06 11.99 -10.81
N ALA A 24 -3.03 13.04 -10.00
CA ALA A 24 -2.13 13.15 -8.88
C ALA A 24 -2.69 12.37 -7.71
N VAL A 25 -1.80 11.88 -6.87
CA VAL A 25 -2.21 11.10 -5.72
C VAL A 25 -2.54 11.99 -4.54
N LYS A 26 -3.79 11.90 -4.08
CA LYS A 26 -4.25 12.71 -2.97
C LYS A 26 -4.30 11.90 -1.68
N LEU A 27 -4.35 10.57 -1.79
CA LEU A 27 -4.40 9.73 -0.59
C LEU A 27 -4.14 8.25 -0.89
N TYR A 28 -3.99 7.44 0.17
CA TYR A 28 -3.72 5.99 0.04
C TYR A 28 -4.35 5.16 1.18
N ARG A 29 -4.54 3.87 0.91
CA ARG A 29 -5.08 2.90 1.88
C ARG A 29 -4.00 1.86 2.18
N ILE A 30 -3.81 1.57 3.49
CA ILE A 30 -2.80 0.59 3.95
C ILE A 30 -3.40 -0.48 4.87
N ARG A 31 -3.56 -1.69 4.33
CA ARG A 31 -4.09 -2.80 5.09
C ARG A 31 -3.06 -3.43 6.00
N TRP A 32 -3.54 -3.88 7.16
CA TRP A 32 -2.70 -4.55 8.14
C TRP A 32 -3.35 -5.85 8.58
N LEU A 33 -3.53 -6.78 7.64
CA LEU A 33 -4.15 -8.07 7.94
C LEU A 33 -3.43 -8.73 9.11
N ASN A 34 -2.23 -9.21 8.82
CA ASN A 34 -1.40 -9.89 9.83
C ASN A 34 -1.63 -9.35 11.25
N TYR A 35 -1.84 -8.04 11.36
CA TYR A 35 -2.08 -7.40 12.67
C TYR A 35 -3.56 -7.45 13.04
N SER A 36 -4.40 -7.18 12.06
CA SER A 36 -5.85 -7.15 12.26
C SER A 36 -6.57 -7.50 10.95
N SER A 37 -7.50 -8.43 11.03
CA SER A 37 -8.26 -8.84 9.84
C SER A 37 -9.65 -8.22 9.85
N ARG A 38 -9.73 -6.94 9.50
CA ARG A 38 -11.00 -6.23 9.47
C ARG A 38 -10.94 -5.03 8.55
N SER A 39 -10.24 -3.99 8.97
CA SER A 39 -10.11 -2.78 8.17
C SER A 39 -8.77 -2.10 8.37
N ASP A 40 -8.49 -1.12 7.52
CA ASP A 40 -7.24 -0.38 7.58
C ASP A 40 -7.48 1.12 7.75
N THR A 41 -6.40 1.87 7.63
CA THR A 41 -6.47 3.32 7.73
C THR A 41 -5.85 3.95 6.48
N TRP A 42 -6.22 5.21 6.24
CA TRP A 42 -5.75 5.93 5.05
C TRP A 42 -4.70 6.99 5.41
N GLU A 43 -3.60 6.96 4.68
CA GLU A 43 -2.49 7.90 4.85
C GLU A 43 -2.15 8.54 3.51
N PRO A 44 -1.43 9.68 3.50
CA PRO A 44 -1.03 10.34 2.25
C PRO A 44 0.17 9.65 1.59
N PRO A 45 0.59 10.08 0.37
CA PRO A 45 1.73 9.48 -0.31
C PRO A 45 3.04 9.85 0.35
N GLU A 46 3.21 11.15 0.55
CA GLU A 46 4.43 11.68 1.14
C GLU A 46 4.72 11.03 2.50
N ASN A 47 3.69 10.47 3.13
CA ASN A 47 3.83 9.80 4.41
C ASN A 47 4.46 8.42 4.23
N LEU A 48 4.46 7.96 2.98
CA LEU A 48 5.02 6.66 2.66
C LEU A 48 6.45 6.80 2.15
N SER A 49 7.07 7.93 2.44
CA SER A 49 8.43 8.20 2.00
C SER A 49 9.38 7.10 2.46
N GLY A 50 9.31 6.78 3.74
CA GLY A 50 10.17 5.75 4.31
C GLY A 50 9.68 4.33 4.01
N CYS A 51 8.65 4.23 3.17
CA CYS A 51 8.07 2.95 2.80
C CYS A 51 8.47 2.56 1.38
N SER A 52 9.46 3.29 0.86
CA SER A 52 9.97 3.09 -0.51
C SER A 52 9.68 1.69 -1.07
N ALA A 53 10.19 0.64 -0.42
CA ALA A 53 9.96 -0.73 -0.89
C ALA A 53 8.47 -1.03 -0.99
N VAL A 54 7.74 -0.56 0.01
CA VAL A 54 6.30 -0.72 0.06
C VAL A 54 5.67 -0.12 -1.19
N LEU A 55 6.05 1.12 -1.46
CA LEU A 55 5.58 1.81 -2.64
C LEU A 55 5.93 1.02 -3.87
N ALA A 56 7.05 0.31 -3.79
CA ALA A 56 7.53 -0.49 -4.90
C ALA A 56 6.61 -1.67 -5.20
N GLU A 57 6.13 -2.40 -4.18
CA GLU A 57 5.28 -3.53 -4.49
C GLU A 57 3.98 -2.98 -5.06
N TRP A 58 3.55 -1.85 -4.51
CA TRP A 58 2.32 -1.22 -4.96
C TRP A 58 2.40 -0.84 -6.43
N LYS A 59 3.37 0.00 -6.78
CA LYS A 59 3.53 0.44 -8.17
C LYS A 59 3.61 -0.74 -9.14
N ARG A 60 4.45 -1.72 -8.81
CA ARG A 60 4.61 -2.89 -9.67
C ARG A 60 3.26 -3.57 -9.88
N ARG A 61 2.51 -3.73 -8.80
CA ARG A 61 1.19 -4.34 -8.84
C ARG A 61 0.21 -3.50 -9.67
N LYS A 62 0.48 -2.21 -9.71
CA LYS A 62 -0.36 -1.24 -10.40
C LYS A 62 0.05 -0.93 -11.83
N ARG A 63 1.28 -1.22 -12.20
CA ARG A 63 1.76 -0.90 -13.54
C ARG A 63 1.20 -1.77 -14.65
N ARG A 64 0.47 -2.82 -14.34
CA ARG A 64 -0.07 -3.69 -15.37
C ARG A 64 -1.59 -3.82 -15.25
N LEU A 65 -2.03 -4.41 -14.14
CA LEU A 65 -3.44 -4.63 -13.85
C LEU A 65 -4.19 -5.19 -15.07
N LYS A 66 -5.50 -5.36 -14.94
CA LYS A 66 -6.33 -5.89 -16.02
C LYS A 66 -5.95 -5.25 -17.36
N GLY A 67 -5.16 -5.96 -18.16
CA GLY A 67 -4.75 -5.43 -19.45
C GLY A 67 -3.38 -5.93 -19.88
N SER A 68 -2.48 -5.00 -20.21
CA SER A 68 -1.13 -5.36 -20.65
C SER A 68 -0.07 -4.50 -19.97
N ASN A 69 -0.11 -3.19 -20.21
CA ASN A 69 0.86 -2.27 -19.63
C ASN A 69 0.14 -1.07 -18.99
N SER A 70 0.54 0.15 -19.34
CA SER A 70 -0.08 1.34 -18.77
C SER A 70 -1.55 1.41 -19.18
N ILE A 1 16.72 -25.86 3.97
CA ILE A 1 16.86 -25.03 2.74
C ILE A 1 15.79 -25.40 1.71
N SER A 2 14.65 -24.74 1.79
CA SER A 2 13.55 -25.00 0.87
C SER A 2 12.59 -23.81 0.84
N SER A 3 13.14 -22.61 0.64
CA SER A 3 12.33 -21.40 0.60
C SER A 3 11.41 -21.32 1.81
N PRO A 4 11.96 -20.98 2.98
CA PRO A 4 11.20 -20.87 4.21
C PRO A 4 10.58 -19.48 4.38
N LYS A 5 9.38 -19.42 4.92
CA LYS A 5 8.69 -18.15 5.13
C LYS A 5 8.73 -17.31 3.86
N GLN A 6 7.90 -17.68 2.88
CA GLN A 6 7.85 -16.95 1.62
C GLN A 6 6.90 -15.76 1.74
N GLU A 7 5.60 -16.04 1.65
CA GLU A 7 4.56 -15.01 1.75
C GLU A 7 4.90 -13.83 0.86
N GLU A 8 4.25 -13.78 -0.31
CA GLU A 8 4.46 -12.69 -1.26
C GLU A 8 4.46 -11.35 -0.53
N TYR A 9 4.92 -10.30 -1.22
CA TYR A 9 4.98 -8.96 -0.63
C TYR A 9 3.74 -8.66 0.21
N GLU A 10 3.83 -8.93 1.51
CA GLU A 10 2.72 -8.67 2.42
C GLU A 10 2.93 -7.34 3.16
N VAL A 11 2.77 -7.32 4.48
CA VAL A 11 2.94 -6.10 5.28
C VAL A 11 2.16 -4.92 4.69
N GLU A 12 2.36 -3.76 5.28
CA GLU A 12 1.74 -2.50 4.88
C GLU A 12 1.47 -2.43 3.37
N ARG A 13 2.36 -1.76 2.64
CA ARG A 13 2.26 -1.60 1.18
C ARG A 13 0.89 -1.06 0.72
N ILE A 14 0.91 -0.28 -0.35
CA ILE A 14 -0.30 0.34 -0.90
C ILE A 14 -1.35 -0.68 -1.34
N VAL A 15 -2.51 -0.63 -0.70
CA VAL A 15 -3.60 -1.53 -1.03
C VAL A 15 -4.71 -0.80 -1.82
N ASP A 16 -4.88 0.52 -1.62
CA ASP A 16 -5.92 1.23 -2.40
C ASP A 16 -5.82 2.72 -2.28
N GLU A 17 -5.66 3.36 -3.39
CA GLU A 17 -5.51 4.81 -3.38
C GLU A 17 -6.60 5.61 -4.05
N LYS A 18 -6.58 6.90 -3.72
CA LYS A 18 -7.49 7.89 -4.26
C LYS A 18 -6.70 9.03 -4.88
N LEU A 19 -7.00 9.30 -6.15
CA LEU A 19 -6.37 10.38 -6.86
C LEU A 19 -7.35 11.52 -7.04
N ASP A 20 -6.86 12.67 -7.49
CA ASP A 20 -7.71 13.83 -7.70
C ASP A 20 -7.97 14.04 -9.20
N ARG A 21 -8.53 15.20 -9.54
CA ARG A 21 -8.82 15.52 -10.94
C ARG A 21 -7.56 15.93 -11.70
N ASN A 22 -6.44 16.01 -11.00
CA ASN A 22 -5.17 16.39 -11.60
C ASN A 22 -4.23 15.19 -11.68
N GLY A 23 -4.78 13.99 -11.46
CA GLY A 23 -3.97 12.81 -11.47
C GLY A 23 -2.96 12.86 -10.35
N ALA A 24 -3.30 13.64 -9.34
CA ALA A 24 -2.46 13.83 -8.17
C ALA A 24 -2.93 12.93 -7.04
N VAL A 25 -2.00 12.21 -6.43
CA VAL A 25 -2.33 11.29 -5.37
C VAL A 25 -2.69 12.01 -4.08
N LYS A 26 -3.94 11.90 -3.67
CA LYS A 26 -4.42 12.56 -2.46
C LYS A 26 -4.35 11.63 -1.25
N LEU A 27 -4.63 10.34 -1.44
CA LEU A 27 -4.61 9.40 -0.31
C LEU A 27 -4.26 7.98 -0.71
N TYR A 28 -3.72 7.20 0.22
CA TYR A 28 -3.36 5.80 -0.02
C TYR A 28 -3.88 4.92 1.12
N ARG A 29 -4.20 3.68 0.79
CA ARG A 29 -4.67 2.69 1.74
C ARG A 29 -3.59 1.68 1.89
N ILE A 30 -3.25 1.39 3.14
CA ILE A 30 -2.20 0.43 3.47
C ILE A 30 -2.70 -0.69 4.38
N ARG A 31 -2.72 -1.90 3.85
CA ARG A 31 -3.15 -3.06 4.61
C ARG A 31 -1.95 -3.71 5.30
N TRP A 32 -2.13 -4.17 6.54
CA TRP A 32 -1.05 -4.81 7.28
C TRP A 32 -1.59 -5.83 8.27
N LEU A 33 -1.67 -7.08 7.82
CA LEU A 33 -2.15 -8.16 8.67
C LEU A 33 -1.12 -8.52 9.73
N ASN A 34 0.15 -8.38 9.38
CA ASN A 34 1.26 -8.69 10.27
C ASN A 34 0.98 -8.27 11.72
N TYR A 35 0.46 -7.05 11.89
CA TYR A 35 0.16 -6.54 13.22
C TYR A 35 -0.92 -7.35 13.90
N SER A 36 -2.00 -7.63 13.17
CA SER A 36 -3.12 -8.38 13.70
C SER A 36 -3.75 -9.24 12.60
N SER A 37 -4.58 -8.61 11.78
CA SER A 37 -5.25 -9.33 10.69
C SER A 37 -5.91 -8.35 9.72
N ARG A 38 -6.90 -7.63 10.22
CA ARG A 38 -7.61 -6.65 9.40
C ARG A 38 -7.24 -5.22 9.80
N SER A 39 -6.05 -5.08 10.38
CA SER A 39 -5.57 -3.77 10.81
C SER A 39 -5.03 -2.99 9.63
N ASP A 40 -5.87 -2.15 9.03
CA ASP A 40 -5.48 -1.34 7.89
C ASP A 40 -5.98 0.10 8.04
N THR A 41 -5.14 1.07 7.69
CA THR A 41 -5.52 2.47 7.78
C THR A 41 -5.08 3.26 6.56
N TRP A 42 -5.55 4.50 6.48
CA TRP A 42 -5.24 5.37 5.37
C TRP A 42 -4.16 6.38 5.75
N GLU A 43 -3.23 6.56 4.83
CA GLU A 43 -2.11 7.47 5.01
C GLU A 43 -1.93 8.28 3.74
N PRO A 44 -1.20 9.39 3.81
CA PRO A 44 -0.91 10.19 2.63
C PRO A 44 0.24 9.57 1.85
N PRO A 45 0.55 10.11 0.66
CA PRO A 45 1.64 9.60 -0.18
C PRO A 45 3.01 10.06 0.30
N GLU A 46 3.06 11.32 0.64
CA GLU A 46 4.29 11.95 1.13
C GLU A 46 4.82 11.20 2.34
N ASN A 47 3.93 10.55 3.07
CA ASN A 47 4.31 9.79 4.26
C ASN A 47 5.12 8.55 3.87
N LEU A 48 4.75 7.96 2.74
CA LEU A 48 5.41 6.75 2.25
C LEU A 48 6.86 7.00 1.83
N SER A 49 7.28 8.26 1.77
CA SER A 49 8.64 8.58 1.34
C SER A 49 9.65 7.59 1.94
N GLY A 50 9.61 7.45 3.25
CA GLY A 50 10.54 6.54 3.92
C GLY A 50 10.12 5.09 3.80
N CYS A 51 8.83 4.84 3.54
CA CYS A 51 8.33 3.48 3.43
C CYS A 51 9.23 2.62 2.54
N SER A 52 9.26 2.90 1.25
CA SER A 52 10.09 2.16 0.29
C SER A 52 9.45 0.85 -0.15
N ALA A 53 9.24 -0.07 0.79
CA ALA A 53 8.62 -1.34 0.48
C ALA A 53 7.22 -1.13 -0.08
N VAL A 54 6.45 -0.34 0.67
CA VAL A 54 5.09 -0.02 0.29
C VAL A 54 5.00 0.45 -1.16
N LEU A 55 5.82 1.44 -1.50
CA LEU A 55 5.84 1.94 -2.86
C LEU A 55 6.17 0.81 -3.81
N ALA A 56 7.06 -0.08 -3.38
CA ALA A 56 7.44 -1.22 -4.20
C ALA A 56 6.25 -2.09 -4.57
N GLU A 57 5.37 -2.43 -3.60
CA GLU A 57 4.22 -3.24 -3.92
C GLU A 57 3.39 -2.50 -4.94
N TRP A 58 3.14 -1.24 -4.66
CA TRP A 58 2.31 -0.43 -5.53
C TRP A 58 2.83 -0.44 -6.97
N LYS A 59 4.08 -0.03 -7.20
CA LYS A 59 4.62 -0.03 -8.56
C LYS A 59 4.44 -1.39 -9.24
N ARG A 60 4.96 -2.44 -8.61
CA ARG A 60 4.89 -3.80 -9.17
C ARG A 60 3.44 -4.27 -9.41
N ARG A 61 2.53 -3.75 -8.60
CA ARG A 61 1.12 -4.15 -8.66
C ARG A 61 0.27 -3.22 -9.50
N LYS A 62 0.70 -1.97 -9.64
CA LYS A 62 -0.04 -0.98 -10.43
C LYS A 62 -0.70 -1.62 -11.65
N ARG A 63 -0.05 -2.64 -12.17
CA ARG A 63 -0.56 -3.38 -13.32
C ARG A 63 -1.97 -3.93 -13.09
N ARG A 64 -2.49 -3.83 -11.86
CA ARG A 64 -3.84 -4.30 -11.59
C ARG A 64 -4.64 -3.34 -10.70
N LEU A 65 -4.26 -3.17 -9.41
CA LEU A 65 -4.97 -2.31 -8.47
C LEU A 65 -6.49 -2.48 -8.46
N LYS A 66 -6.94 -3.69 -8.82
CA LYS A 66 -8.36 -4.03 -8.80
C LYS A 66 -8.56 -5.48 -8.35
N GLY A 67 -9.80 -5.86 -8.06
CA GLY A 67 -10.08 -7.22 -7.63
C GLY A 67 -11.53 -7.44 -7.27
N SER A 68 -11.79 -7.84 -6.02
CA SER A 68 -13.14 -8.08 -5.57
C SER A 68 -13.29 -7.75 -4.08
N ASN A 69 -12.52 -8.44 -3.24
CA ASN A 69 -12.56 -8.22 -1.81
C ASN A 69 -13.98 -8.36 -1.27
N SER A 70 -14.80 -9.15 -1.96
CA SER A 70 -16.18 -9.37 -1.56
C SER A 70 -16.92 -8.05 -1.40
N ILE A 1 19.28 -11.77 11.18
CA ILE A 1 18.05 -12.08 11.96
C ILE A 1 18.41 -12.65 13.33
N SER A 2 18.26 -11.82 14.37
CA SER A 2 18.55 -12.24 15.73
C SER A 2 17.38 -13.02 16.32
N SER A 3 16.18 -12.48 16.14
CA SER A 3 14.98 -13.13 16.65
C SER A 3 14.29 -13.93 15.55
N PRO A 4 13.36 -14.82 15.92
CA PRO A 4 12.64 -15.64 14.95
C PRO A 4 11.52 -14.87 14.27
N LYS A 5 11.71 -14.56 13.00
CA LYS A 5 10.71 -13.83 12.23
C LYS A 5 10.66 -14.34 10.79
N GLN A 6 9.94 -15.44 10.59
CA GLN A 6 9.79 -16.03 9.26
C GLN A 6 8.86 -15.18 8.42
N GLU A 7 7.72 -14.85 9.01
CA GLU A 7 6.70 -14.05 8.34
C GLU A 7 7.17 -12.61 8.18
N GLU A 8 8.28 -12.44 7.46
CA GLU A 8 8.83 -11.12 7.23
C GLU A 8 7.79 -10.20 6.60
N TYR A 9 8.19 -8.96 6.35
CA TYR A 9 7.35 -7.95 5.73
C TYR A 9 6.22 -8.55 4.88
N GLU A 10 5.06 -8.81 5.50
CA GLU A 10 3.92 -9.35 4.75
C GLU A 10 2.99 -8.22 4.34
N VAL A 11 1.92 -7.98 5.12
CA VAL A 11 0.96 -6.92 4.82
C VAL A 11 0.67 -6.84 3.31
N GLU A 12 0.26 -5.66 2.83
CA GLU A 12 -0.05 -5.48 1.42
C GLU A 12 0.54 -4.17 0.92
N ARG A 13 1.16 -4.22 -0.25
CA ARG A 13 1.75 -3.03 -0.84
C ARG A 13 0.65 -2.06 -1.25
N ILE A 14 0.04 -1.39 -0.27
CA ILE A 14 -1.04 -0.48 -0.59
C ILE A 14 -2.23 -1.24 -1.20
N VAL A 15 -3.38 -1.13 -0.56
CA VAL A 15 -4.59 -1.82 -1.03
C VAL A 15 -5.47 -0.91 -1.89
N ASP A 16 -5.15 0.37 -1.99
CA ASP A 16 -5.96 1.28 -2.77
C ASP A 16 -5.29 2.64 -2.89
N GLU A 17 -5.86 3.48 -3.71
CA GLU A 17 -5.32 4.80 -3.93
C GLU A 17 -6.42 5.81 -4.20
N LYS A 18 -6.18 7.03 -3.76
CA LYS A 18 -7.10 8.12 -3.92
C LYS A 18 -6.43 9.29 -4.61
N LEU A 19 -6.97 9.62 -5.76
CA LEU A 19 -6.50 10.73 -6.57
C LEU A 19 -7.51 11.86 -6.54
N ASP A 20 -7.07 13.03 -6.98
CA ASP A 20 -7.94 14.20 -6.98
C ASP A 20 -8.42 14.54 -8.40
N ARG A 21 -9.02 15.72 -8.56
CA ARG A 21 -9.54 16.17 -9.86
C ARG A 21 -8.42 16.50 -10.85
N ASN A 22 -7.19 16.43 -10.39
CA ASN A 22 -6.04 16.72 -11.22
C ASN A 22 -5.29 15.46 -11.62
N GLY A 23 -5.63 14.34 -10.96
CA GLY A 23 -4.95 13.10 -11.21
C GLY A 23 -3.75 12.96 -10.30
N ALA A 24 -3.73 13.80 -9.27
CA ALA A 24 -2.67 13.82 -8.29
C ALA A 24 -3.06 12.96 -7.10
N VAL A 25 -2.19 12.03 -6.75
CA VAL A 25 -2.43 11.12 -5.65
C VAL A 25 -2.39 11.85 -4.31
N LYS A 26 -3.54 11.86 -3.62
CA LYS A 26 -3.64 12.56 -2.33
C LYS A 26 -3.62 11.60 -1.15
N LEU A 27 -4.06 10.35 -1.32
CA LEU A 27 -4.07 9.41 -0.21
C LEU A 27 -4.01 7.97 -0.68
N TYR A 28 -3.65 7.02 0.20
CA TYR A 28 -3.56 5.62 -0.19
C TYR A 28 -4.17 4.74 0.88
N ARG A 29 -4.75 3.63 0.46
CA ARG A 29 -5.32 2.68 1.40
C ARG A 29 -4.35 1.54 1.57
N ILE A 30 -3.95 1.29 2.83
CA ILE A 30 -2.97 0.24 3.13
C ILE A 30 -3.55 -0.84 4.04
N ARG A 31 -3.58 -2.07 3.55
CA ARG A 31 -4.06 -3.21 4.32
C ARG A 31 -2.89 -3.83 5.09
N TRP A 32 -3.16 -4.22 6.33
CA TRP A 32 -2.15 -4.84 7.18
C TRP A 32 -2.77 -5.37 8.46
N LEU A 33 -3.56 -4.54 9.12
CA LEU A 33 -4.26 -4.94 10.34
C LEU A 33 -3.30 -5.25 11.49
N ASN A 34 -2.60 -6.37 11.41
CA ASN A 34 -1.67 -6.80 12.46
C ASN A 34 -0.84 -5.67 13.07
N TYR A 35 -0.29 -4.79 12.22
CA TYR A 35 0.55 -3.70 12.71
C TYR A 35 -0.12 -2.97 13.87
N SER A 36 -1.10 -2.15 13.54
CA SER A 36 -1.83 -1.39 14.54
C SER A 36 -3.14 -2.07 14.91
N SER A 37 -4.01 -1.33 15.58
CA SER A 37 -5.31 -1.85 15.99
C SER A 37 -6.31 -1.73 14.84
N ARG A 38 -7.59 -1.62 15.16
CA ARG A 38 -8.64 -1.49 14.13
C ARG A 38 -8.34 -2.38 12.92
N SER A 39 -8.82 -2.00 11.73
CA SER A 39 -8.60 -2.79 10.53
C SER A 39 -8.46 -1.90 9.30
N ASP A 40 -7.26 -1.93 8.70
CA ASP A 40 -6.97 -1.14 7.50
C ASP A 40 -7.20 0.35 7.73
N THR A 41 -6.29 1.18 7.22
CA THR A 41 -6.41 2.63 7.37
C THR A 41 -5.85 3.34 6.15
N TRP A 42 -5.96 4.68 6.13
CA TRP A 42 -5.50 5.49 5.02
C TRP A 42 -4.28 6.32 5.41
N GLU A 43 -3.34 6.40 4.49
CA GLU A 43 -2.10 7.13 4.63
C GLU A 43 -1.77 7.85 3.34
N PRO A 44 -1.50 9.16 3.38
CA PRO A 44 -1.15 9.89 2.17
C PRO A 44 0.00 9.22 1.41
N PRO A 45 0.42 9.82 0.29
CA PRO A 45 1.52 9.31 -0.52
C PRO A 45 2.86 9.82 -0.06
N GLU A 46 2.86 11.07 0.35
CA GLU A 46 4.05 11.75 0.82
C GLU A 46 4.76 10.96 1.93
N ASN A 47 3.99 10.46 2.88
CA ASN A 47 4.54 9.68 3.98
C ASN A 47 5.27 8.44 3.46
N LEU A 48 4.74 7.89 2.38
CA LEU A 48 5.32 6.68 1.78
C LEU A 48 6.78 6.90 1.40
N SER A 49 7.20 8.17 1.30
CA SER A 49 8.59 8.46 0.98
C SER A 49 9.48 7.71 1.96
N GLY A 50 8.94 7.54 3.17
CA GLY A 50 9.61 6.82 4.21
C GLY A 50 9.61 5.33 3.94
N CYS A 51 8.44 4.83 3.52
CA CYS A 51 8.30 3.41 3.22
C CYS A 51 9.38 2.95 2.26
N SER A 52 9.31 3.40 1.01
CA SER A 52 10.28 3.06 -0.03
C SER A 52 10.04 1.66 -0.60
N ALA A 53 10.23 0.62 0.21
CA ALA A 53 10.01 -0.73 -0.26
C ALA A 53 8.55 -0.93 -0.57
N VAL A 54 7.71 -0.53 0.38
CA VAL A 54 6.28 -0.64 0.24
C VAL A 54 5.78 0.16 -0.95
N LEU A 55 6.51 1.23 -1.29
CA LEU A 55 6.13 2.04 -2.43
C LEU A 55 6.39 1.25 -3.69
N ALA A 56 7.53 0.58 -3.69
CA ALA A 56 7.93 -0.22 -4.83
C ALA A 56 7.00 -1.43 -5.03
N GLU A 57 6.46 -1.98 -3.93
CA GLU A 57 5.59 -3.09 -4.03
C GLU A 57 4.27 -2.61 -4.62
N TRP A 58 3.74 -1.50 -4.07
CA TRP A 58 2.48 -0.95 -4.58
C TRP A 58 2.57 -0.70 -6.07
N LYS A 59 3.54 0.11 -6.47
CA LYS A 59 3.71 0.42 -7.90
C LYS A 59 3.70 -0.85 -8.72
N ARG A 60 4.56 -1.80 -8.36
CA ARG A 60 4.64 -3.06 -9.07
C ARG A 60 3.28 -3.78 -9.10
N ARG A 61 2.47 -3.51 -8.09
CA ARG A 61 1.15 -4.14 -7.96
C ARG A 61 0.04 -3.34 -8.62
N LYS A 62 0.22 -2.02 -8.71
CA LYS A 62 -0.78 -1.15 -9.33
C LYS A 62 -1.37 -1.79 -10.58
N ARG A 63 -0.51 -2.46 -11.31
CA ARG A 63 -0.90 -3.17 -12.53
C ARG A 63 -1.61 -2.28 -13.57
N ARG A 64 -2.16 -1.17 -13.11
CA ARG A 64 -2.89 -0.23 -13.96
C ARG A 64 -2.02 0.97 -14.33
N LEU A 65 -0.74 0.90 -14.02
CA LEU A 65 0.18 2.00 -14.29
C LEU A 65 0.41 2.17 -15.80
N LYS A 66 1.37 3.02 -16.15
CA LYS A 66 1.67 3.31 -17.55
C LYS A 66 2.66 2.30 -18.17
N GLY A 67 2.24 1.03 -18.25
CA GLY A 67 3.07 0.01 -18.86
C GLY A 67 3.74 -0.90 -17.85
N SER A 68 3.09 -2.02 -17.54
CA SER A 68 3.64 -2.98 -16.58
C SER A 68 4.21 -4.19 -17.29
N ASN A 69 5.16 -4.86 -16.64
CA ASN A 69 5.79 -6.04 -17.21
C ASN A 69 6.66 -6.76 -16.16
N SER A 70 6.20 -7.91 -15.71
CA SER A 70 6.93 -8.68 -14.71
C SER A 70 8.01 -9.54 -15.37
N ILE A 1 24.15 -14.24 4.15
CA ILE A 1 24.89 -14.52 5.40
C ILE A 1 23.94 -14.86 6.55
N SER A 2 24.52 -15.16 7.71
CA SER A 2 23.73 -15.50 8.89
C SER A 2 22.99 -14.28 9.43
N SER A 3 21.71 -14.44 9.70
CA SER A 3 20.89 -13.36 10.22
C SER A 3 19.53 -13.88 10.69
N PRO A 4 19.10 -13.52 11.91
CA PRO A 4 17.82 -13.97 12.46
C PRO A 4 16.68 -13.78 11.45
N LYS A 5 15.62 -14.57 11.62
CA LYS A 5 14.47 -14.48 10.74
C LYS A 5 13.83 -13.10 10.83
N GLN A 6 13.85 -12.36 9.74
CA GLN A 6 13.28 -11.01 9.73
C GLN A 6 11.75 -11.08 9.80
N GLU A 7 11.06 -10.78 8.70
CA GLU A 7 9.61 -10.81 8.65
C GLU A 7 9.10 -10.13 7.39
N GLU A 8 8.60 -10.93 6.45
CA GLU A 8 8.11 -10.41 5.19
C GLU A 8 7.10 -9.28 5.42
N TYR A 9 6.70 -8.63 4.34
CA TYR A 9 5.75 -7.52 4.41
C TYR A 9 4.37 -8.00 4.86
N GLU A 10 4.25 -8.37 6.14
CA GLU A 10 2.97 -8.81 6.68
C GLU A 10 1.89 -7.78 6.38
N VAL A 11 2.30 -6.52 6.42
CA VAL A 11 1.41 -5.39 6.13
C VAL A 11 1.13 -5.34 4.62
N GLU A 12 1.69 -4.35 3.90
CA GLU A 12 1.48 -4.26 2.46
C GLU A 12 2.02 -2.95 1.89
N ARG A 13 1.82 -2.81 0.58
CA ARG A 13 2.28 -1.64 -0.18
C ARG A 13 1.15 -0.74 -0.63
N ILE A 14 0.00 -0.85 0.00
CA ILE A 14 -1.17 -0.06 -0.37
C ILE A 14 -2.26 -1.04 -0.80
N VAL A 15 -3.42 -0.95 -0.19
CA VAL A 15 -4.51 -1.82 -0.55
C VAL A 15 -5.45 -1.10 -1.51
N ASP A 16 -5.32 0.23 -1.57
CA ASP A 16 -6.14 1.04 -2.45
C ASP A 16 -5.54 2.44 -2.53
N GLU A 17 -6.05 3.28 -3.42
CA GLU A 17 -5.47 4.62 -3.56
C GLU A 17 -6.49 5.64 -4.09
N LYS A 18 -6.33 6.90 -3.68
CA LYS A 18 -7.19 7.99 -4.10
C LYS A 18 -6.41 9.09 -4.80
N LEU A 19 -6.80 9.38 -6.04
CA LEU A 19 -6.18 10.43 -6.83
C LEU A 19 -7.17 11.58 -7.03
N ASP A 20 -6.66 12.75 -7.41
CA ASP A 20 -7.50 13.92 -7.61
C ASP A 20 -7.75 14.19 -9.09
N ARG A 21 -8.36 15.34 -9.39
CA ARG A 21 -8.66 15.72 -10.78
C ARG A 21 -7.39 16.00 -11.56
N ASN A 22 -6.27 16.11 -10.84
CA ASN A 22 -4.99 16.38 -11.44
C ASN A 22 -4.29 15.07 -11.79
N GLY A 23 -4.86 13.98 -11.29
CA GLY A 23 -4.28 12.68 -11.53
C GLY A 23 -3.18 12.39 -10.53
N ALA A 24 -3.03 13.29 -9.58
CA ALA A 24 -2.04 13.18 -8.55
C ALA A 24 -2.60 12.38 -7.39
N VAL A 25 -1.71 11.80 -6.61
CA VAL A 25 -2.11 10.98 -5.49
C VAL A 25 -2.27 11.82 -4.23
N LYS A 26 -3.51 11.95 -3.77
CA LYS A 26 -3.82 12.74 -2.58
C LYS A 26 -3.92 11.88 -1.34
N LEU A 27 -4.24 10.60 -1.51
CA LEU A 27 -4.37 9.72 -0.36
C LEU A 27 -4.21 8.26 -0.76
N TYR A 28 -3.96 7.41 0.22
CA TYR A 28 -3.78 5.99 0.00
C TYR A 28 -4.47 5.16 1.09
N ARG A 29 -4.88 3.97 0.72
CA ARG A 29 -5.50 3.02 1.62
C ARG A 29 -4.48 1.94 1.94
N ILE A 30 -4.19 1.76 3.24
CA ILE A 30 -3.20 0.77 3.69
C ILE A 30 -3.79 -0.18 4.73
N ARG A 31 -3.81 -1.47 4.39
CA ARG A 31 -4.35 -2.48 5.29
C ARG A 31 -3.26 -3.05 6.20
N TRP A 32 -3.32 -2.67 7.47
CA TRP A 32 -2.37 -3.14 8.47
C TRP A 32 -2.88 -2.88 9.88
N LEU A 33 -2.65 -1.69 10.41
CA LEU A 33 -3.11 -1.35 11.74
C LEU A 33 -2.46 -2.28 12.76
N ASN A 34 -3.02 -3.47 12.91
CA ASN A 34 -2.51 -4.46 13.85
C ASN A 34 -1.33 -5.23 13.27
N TYR A 35 -1.08 -5.05 11.96
CA TYR A 35 0.00 -5.73 11.24
C TYR A 35 -0.44 -7.08 10.70
N SER A 36 -1.71 -7.41 10.90
CA SER A 36 -2.23 -8.69 10.44
C SER A 36 -3.71 -8.81 10.77
N SER A 37 -4.54 -8.96 9.73
CA SER A 37 -5.97 -9.09 9.92
C SER A 37 -6.54 -7.83 10.57
N ARG A 38 -7.81 -7.89 10.95
CA ARG A 38 -8.49 -6.76 11.59
C ARG A 38 -8.79 -5.66 10.57
N SER A 39 -8.98 -4.42 11.05
CA SER A 39 -9.29 -3.31 10.16
C SER A 39 -8.05 -2.57 9.66
N ASP A 40 -8.27 -1.60 8.78
CA ASP A 40 -7.18 -0.82 8.18
C ASP A 40 -7.47 0.68 8.24
N THR A 41 -6.46 1.50 7.92
CA THR A 41 -6.62 2.95 7.91
C THR A 41 -6.03 3.59 6.65
N TRP A 42 -6.32 4.87 6.48
CA TRP A 42 -5.86 5.63 5.33
C TRP A 42 -4.73 6.58 5.71
N GLU A 43 -3.71 6.61 4.85
CA GLU A 43 -2.55 7.45 5.03
C GLU A 43 -2.24 8.15 3.72
N PRO A 44 -1.54 9.30 3.75
CA PRO A 44 -1.17 10.01 2.54
C PRO A 44 0.01 9.36 1.82
N PRO A 45 0.39 9.88 0.63
CA PRO A 45 1.52 9.34 -0.13
C PRO A 45 2.86 9.75 0.46
N GLU A 46 2.95 11.04 0.72
CA GLU A 46 4.18 11.64 1.27
C GLU A 46 4.62 10.92 2.54
N ASN A 47 3.71 10.21 3.20
CA ASN A 47 4.03 9.47 4.41
C ASN A 47 4.78 8.20 4.05
N LEU A 48 4.52 7.72 2.83
CA LEU A 48 5.17 6.51 2.34
C LEU A 48 6.52 6.82 1.73
N SER A 49 7.14 7.91 2.13
CA SER A 49 8.45 8.28 1.61
C SER A 49 9.46 7.21 2.01
N GLY A 50 9.56 6.97 3.33
CA GLY A 50 10.47 5.96 3.82
C GLY A 50 10.00 4.55 3.47
N CYS A 51 8.84 4.46 2.82
CA CYS A 51 8.27 3.21 2.40
C CYS A 51 8.69 2.88 0.97
N SER A 52 9.78 3.52 0.55
CA SER A 52 10.32 3.35 -0.80
C SER A 52 10.09 1.94 -1.32
N ALA A 53 10.62 0.94 -0.61
CA ALA A 53 10.44 -0.45 -1.02
C ALA A 53 8.96 -0.80 -1.12
N VAL A 54 8.21 -0.48 -0.06
CA VAL A 54 6.79 -0.75 -0.03
C VAL A 54 6.11 -0.16 -1.25
N LEU A 55 6.33 1.14 -1.46
CA LEU A 55 5.76 1.81 -2.61
C LEU A 55 6.12 1.09 -3.88
N ALA A 56 7.35 0.60 -3.92
CA ALA A 56 7.87 -0.11 -5.08
C ALA A 56 7.09 -1.37 -5.38
N GLU A 57 6.69 -2.12 -4.36
CA GLU A 57 5.95 -3.32 -4.64
C GLU A 57 4.55 -2.92 -5.13
N TRP A 58 3.95 -1.89 -4.52
CA TRP A 58 2.62 -1.40 -4.96
C TRP A 58 2.65 -1.03 -6.44
N LYS A 59 3.52 -0.08 -6.78
CA LYS A 59 3.63 0.36 -8.18
C LYS A 59 3.75 -0.85 -9.10
N ARG A 60 4.66 -1.75 -8.76
CA ARG A 60 4.86 -2.96 -9.57
C ARG A 60 3.57 -3.77 -9.64
N ARG A 61 2.76 -3.66 -8.59
CA ARG A 61 1.49 -4.39 -8.50
C ARG A 61 0.40 -3.70 -9.29
N LYS A 62 0.41 -2.37 -9.26
CA LYS A 62 -0.57 -1.57 -9.99
C LYS A 62 -0.56 -1.94 -11.45
N ARG A 63 0.64 -2.04 -11.99
CA ARG A 63 0.91 -2.36 -13.40
C ARG A 63 -0.04 -3.34 -14.08
N ARG A 64 -1.01 -3.93 -13.36
CA ARG A 64 -1.94 -4.87 -13.99
C ARG A 64 -2.41 -4.32 -15.34
N LEU A 65 -2.87 -3.08 -15.33
CA LEU A 65 -3.33 -2.42 -16.54
C LEU A 65 -2.21 -1.61 -17.19
N LYS A 66 -2.50 -1.01 -18.35
CA LYS A 66 -1.50 -0.22 -19.07
C LYS A 66 -0.21 -1.01 -19.30
N GLY A 67 0.66 -1.03 -18.31
CA GLY A 67 1.92 -1.75 -18.44
C GLY A 67 1.75 -3.25 -18.24
N SER A 68 1.62 -3.97 -19.35
CA SER A 68 1.47 -5.42 -19.30
C SER A 68 1.40 -5.99 -20.73
N ASN A 69 0.44 -6.87 -20.99
CA ASN A 69 0.29 -7.46 -22.31
C ASN A 69 1.57 -8.18 -22.73
N SER A 70 1.53 -8.82 -23.89
CA SER A 70 2.69 -9.54 -24.40
C SER A 70 2.48 -9.94 -25.87
N ILE A 1 11.55 -22.02 -6.84
CA ILE A 1 10.71 -21.51 -5.72
C ILE A 1 11.40 -21.72 -4.38
N SER A 2 11.58 -20.63 -3.64
CA SER A 2 12.23 -20.69 -2.33
C SER A 2 11.42 -19.93 -1.29
N SER A 3 11.08 -18.68 -1.62
CA SER A 3 10.30 -17.85 -0.71
C SER A 3 8.95 -17.51 -1.34
N PRO A 4 7.91 -18.32 -1.05
CA PRO A 4 6.57 -18.10 -1.59
C PRO A 4 5.93 -16.82 -1.06
N LYS A 5 5.06 -16.23 -1.86
CA LYS A 5 4.36 -15.00 -1.49
C LYS A 5 2.98 -15.33 -0.92
N GLN A 6 2.90 -15.45 0.40
CA GLN A 6 1.65 -15.77 1.07
C GLN A 6 0.79 -14.53 1.27
N GLU A 7 1.39 -13.48 1.79
CA GLU A 7 0.69 -12.24 2.04
C GLU A 7 0.51 -11.43 0.76
N GLU A 8 -0.16 -12.04 -0.22
CA GLU A 8 -0.39 -11.40 -1.49
C GLU A 8 -1.50 -10.35 -1.38
N TYR A 9 -1.19 -9.13 -1.81
CA TYR A 9 -2.15 -8.03 -1.78
C TYR A 9 -3.03 -8.04 -0.52
N GLU A 10 -2.49 -8.55 0.58
CA GLU A 10 -3.24 -8.60 1.83
C GLU A 10 -2.56 -7.79 2.94
N VAL A 11 -1.44 -7.15 2.63
CA VAL A 11 -0.71 -6.34 3.62
C VAL A 11 0.49 -5.66 2.97
N GLU A 12 1.08 -4.74 3.71
CA GLU A 12 2.26 -4.03 3.24
C GLU A 12 1.91 -3.24 1.98
N ARG A 13 2.90 -2.52 1.47
CA ARG A 13 2.72 -1.71 0.27
C ARG A 13 1.38 -0.97 0.31
N ILE A 14 0.72 -0.89 -0.84
CA ILE A 14 -0.52 -0.18 -0.96
C ILE A 14 -1.68 -1.09 -1.36
N VAL A 15 -2.84 -0.89 -0.74
CA VAL A 15 -4.03 -1.68 -1.06
C VAL A 15 -5.02 -0.84 -1.88
N ASP A 16 -4.81 0.49 -1.89
CA ASP A 16 -5.65 1.39 -2.66
C ASP A 16 -4.99 2.76 -2.75
N GLU A 17 -5.52 3.66 -3.58
CA GLU A 17 -4.90 4.97 -3.65
C GLU A 17 -5.67 6.05 -4.40
N LYS A 18 -6.30 6.89 -3.65
CA LYS A 18 -7.11 8.00 -4.17
C LYS A 18 -6.27 9.08 -4.82
N LEU A 19 -6.78 9.52 -5.96
CA LEU A 19 -6.16 10.60 -6.72
C LEU A 19 -7.10 11.78 -6.77
N ASP A 20 -6.60 12.90 -7.27
CA ASP A 20 -7.42 14.11 -7.38
C ASP A 20 -7.78 14.38 -8.84
N ARG A 21 -8.42 15.52 -9.09
CA ARG A 21 -8.84 15.89 -10.44
C ARG A 21 -7.63 16.17 -11.35
N ASN A 22 -6.44 16.22 -10.77
CA ASN A 22 -5.22 16.50 -11.50
C ASN A 22 -4.37 15.24 -11.63
N GLY A 23 -4.94 14.10 -11.27
CA GLY A 23 -4.21 12.85 -11.33
C GLY A 23 -3.10 12.81 -10.30
N ALA A 24 -3.25 13.63 -9.27
CA ALA A 24 -2.28 13.73 -8.20
C ALA A 24 -2.74 12.89 -7.02
N VAL A 25 -1.83 12.07 -6.53
CA VAL A 25 -2.12 11.20 -5.41
C VAL A 25 -2.39 12.00 -4.15
N LYS A 26 -3.60 11.88 -3.61
CA LYS A 26 -3.98 12.61 -2.42
C LYS A 26 -4.09 11.72 -1.19
N LEU A 27 -4.47 10.46 -1.37
CA LEU A 27 -4.60 9.56 -0.22
C LEU A 27 -4.37 8.11 -0.59
N TYR A 28 -3.91 7.32 0.34
CA TYR A 28 -3.64 5.91 0.08
C TYR A 28 -4.25 5.00 1.13
N ARG A 29 -4.70 3.84 0.69
CA ARG A 29 -5.25 2.84 1.59
C ARG A 29 -4.24 1.73 1.77
N ILE A 30 -3.95 1.43 3.05
CA ILE A 30 -2.99 0.38 3.41
C ILE A 30 -3.59 -0.59 4.42
N ARG A 31 -3.74 -1.85 4.02
CA ARG A 31 -4.32 -2.86 4.90
C ARG A 31 -3.22 -3.65 5.63
N TRP A 32 -3.57 -4.19 6.79
CA TRP A 32 -2.62 -4.98 7.59
C TRP A 32 -3.31 -5.73 8.73
N LEU A 33 -3.77 -6.95 8.44
CA LEU A 33 -4.41 -7.75 9.48
C LEU A 33 -3.37 -8.14 10.53
N ASN A 34 -2.16 -8.43 10.05
CA ASN A 34 -1.05 -8.78 10.92
C ASN A 34 -0.78 -7.66 11.91
N TYR A 35 -0.78 -6.43 11.40
CA TYR A 35 -0.55 -5.24 12.23
C TYR A 35 -1.86 -4.60 12.64
N SER A 36 -1.76 -3.47 13.36
CA SER A 36 -2.93 -2.72 13.81
C SER A 36 -4.08 -3.64 14.22
N SER A 37 -5.31 -3.10 14.18
CA SER A 37 -6.50 -3.86 14.55
C SER A 37 -7.35 -4.18 13.32
N ARG A 38 -8.47 -4.83 13.55
CA ARG A 38 -9.40 -5.21 12.48
C ARG A 38 -9.57 -4.10 11.44
N SER A 39 -9.77 -4.50 10.18
CA SER A 39 -9.96 -3.57 9.08
C SER A 39 -8.69 -2.77 8.77
N ASP A 40 -8.59 -2.29 7.54
CA ASP A 40 -7.45 -1.50 7.09
C ASP A 40 -7.65 -0.03 7.48
N THR A 41 -6.69 0.83 7.15
CA THR A 41 -6.80 2.24 7.47
C THR A 41 -6.25 3.08 6.31
N TRP A 42 -6.50 4.38 6.36
CA TRP A 42 -6.05 5.28 5.31
C TRP A 42 -5.00 6.26 5.84
N GLU A 43 -4.03 6.53 4.99
CA GLU A 43 -2.93 7.42 5.30
C GLU A 43 -2.56 8.25 4.08
N PRO A 44 -1.88 9.38 4.28
CA PRO A 44 -1.44 10.21 3.17
C PRO A 44 -0.27 9.54 2.45
N PRO A 45 0.19 10.10 1.32
CA PRO A 45 1.30 9.53 0.55
C PRO A 45 2.65 10.06 0.98
N GLU A 46 2.67 11.33 1.27
CA GLU A 46 3.89 12.03 1.69
C GLU A 46 4.64 11.27 2.79
N ASN A 47 3.90 10.57 3.65
CA ASN A 47 4.49 9.82 4.74
C ASN A 47 5.22 8.60 4.21
N LEU A 48 4.81 8.12 3.04
CA LEU A 48 5.42 6.95 2.44
C LEU A 48 6.63 7.33 1.61
N SER A 49 7.16 8.53 1.83
CA SER A 49 8.32 8.98 1.08
C SER A 49 9.49 8.03 1.28
N GLY A 50 9.78 7.71 2.52
CA GLY A 50 10.89 6.82 2.82
C GLY A 50 10.52 5.35 2.73
N CYS A 51 9.25 5.03 2.46
CA CYS A 51 8.84 3.63 2.37
C CYS A 51 9.78 2.87 1.46
N SER A 52 9.75 3.14 0.16
CA SER A 52 10.62 2.52 -0.83
C SER A 52 10.17 1.11 -1.23
N ALA A 53 10.18 0.17 -0.29
CA ALA A 53 9.76 -1.19 -0.59
C ALA A 53 8.25 -1.25 -0.76
N VAL A 54 7.58 -0.63 0.18
CA VAL A 54 6.13 -0.58 0.21
C VAL A 54 5.56 0.07 -1.05
N LEU A 55 6.04 1.26 -1.37
CA LEU A 55 5.58 1.96 -2.57
C LEU A 55 5.93 1.17 -3.80
N ALA A 56 7.17 0.68 -3.83
CA ALA A 56 7.65 -0.06 -4.96
C ALA A 56 6.85 -1.31 -5.25
N GLU A 57 6.34 -2.01 -4.22
CA GLU A 57 5.62 -3.20 -4.50
C GLU A 57 4.23 -2.78 -4.97
N TRP A 58 3.66 -1.72 -4.39
CA TRP A 58 2.35 -1.22 -4.84
C TRP A 58 2.38 -0.99 -6.35
N LYS A 59 3.29 -0.12 -6.78
CA LYS A 59 3.43 0.21 -8.20
C LYS A 59 3.57 -1.04 -9.05
N ARG A 60 4.55 -1.89 -8.71
CA ARG A 60 4.77 -3.11 -9.47
C ARG A 60 3.55 -4.03 -9.50
N ARG A 61 2.72 -3.93 -8.46
CA ARG A 61 1.53 -4.77 -8.32
C ARG A 61 0.30 -4.22 -9.04
N LYS A 62 0.24 -2.92 -9.22
CA LYS A 62 -0.91 -2.30 -9.90
C LYS A 62 -1.31 -3.07 -11.15
N ARG A 63 -0.33 -3.77 -11.72
CA ARG A 63 -0.55 -4.57 -12.93
C ARG A 63 -1.26 -5.89 -12.62
N ARG A 64 -1.41 -6.19 -11.33
CA ARG A 64 -2.05 -7.43 -10.91
C ARG A 64 -3.57 -7.36 -11.04
N LEU A 65 -4.21 -6.47 -10.28
CA LEU A 65 -5.65 -6.34 -10.33
C LEU A 65 -6.10 -5.21 -11.27
N LYS A 66 -7.31 -5.37 -11.82
CA LYS A 66 -7.88 -4.40 -12.77
C LYS A 66 -7.53 -2.96 -12.39
N GLY A 67 -6.52 -2.42 -13.04
CA GLY A 67 -6.10 -1.04 -12.79
C GLY A 67 -6.12 -0.68 -11.31
N SER A 68 -7.21 -0.04 -10.88
CA SER A 68 -7.35 0.36 -9.49
C SER A 68 -8.39 -0.52 -8.78
N ASN A 69 -9.64 -0.06 -8.74
CA ASN A 69 -10.71 -0.82 -8.10
C ASN A 69 -12.08 -0.32 -8.53
N SER A 70 -13.03 -1.25 -8.68
CA SER A 70 -14.39 -0.89 -9.08
C SER A 70 -15.38 -1.98 -8.70
N ILE A 1 -5.52 -17.89 23.98
CA ILE A 1 -6.86 -18.41 23.55
C ILE A 1 -6.93 -18.52 22.03
N SER A 2 -6.40 -17.52 21.34
CA SER A 2 -6.41 -17.51 19.88
C SER A 2 -5.00 -17.27 19.34
N SER A 3 -4.37 -16.19 19.79
CA SER A 3 -3.01 -15.84 19.38
C SER A 3 -2.83 -16.02 17.87
N PRO A 4 -2.88 -14.92 17.11
CA PRO A 4 -2.72 -14.96 15.66
C PRO A 4 -1.27 -15.16 15.22
N LYS A 5 -0.67 -16.27 15.65
CA LYS A 5 0.72 -16.57 15.30
C LYS A 5 0.86 -16.77 13.80
N GLN A 6 0.02 -17.63 13.23
CA GLN A 6 0.06 -17.92 11.81
C GLN A 6 -0.13 -16.64 10.99
N GLU A 7 -1.29 -16.47 10.34
CA GLU A 7 -1.57 -15.30 9.52
C GLU A 7 -0.41 -14.97 8.59
N GLU A 8 -0.56 -15.35 7.33
CA GLU A 8 0.46 -15.10 6.32
C GLU A 8 0.80 -13.61 6.26
N TYR A 9 1.52 -13.22 5.23
CA TYR A 9 1.93 -11.82 5.05
C TYR A 9 0.78 -10.87 5.37
N GLU A 10 -0.19 -10.77 4.45
CA GLU A 10 -1.36 -9.90 4.61
C GLU A 10 -1.02 -8.63 5.39
N VAL A 11 -0.20 -7.77 4.78
CA VAL A 11 0.21 -6.52 5.42
C VAL A 11 1.25 -5.79 4.60
N GLU A 12 1.59 -4.60 5.05
CA GLU A 12 2.61 -3.80 4.43
C GLU A 12 2.28 -3.48 2.99
N ARG A 13 3.03 -2.55 2.44
CA ARG A 13 2.86 -2.10 1.07
C ARG A 13 1.44 -1.61 0.79
N ILE A 14 1.31 -0.81 -0.27
CA ILE A 14 0.01 -0.23 -0.64
C ILE A 14 -1.06 -1.32 -0.75
N VAL A 15 -2.24 -0.95 -1.22
CA VAL A 15 -3.35 -1.88 -1.38
C VAL A 15 -4.50 -1.19 -2.11
N ASP A 16 -4.60 0.14 -1.92
CA ASP A 16 -5.62 0.94 -2.61
C ASP A 16 -5.16 2.39 -2.63
N GLU A 17 -5.82 3.25 -3.41
CA GLU A 17 -5.37 4.64 -3.50
C GLU A 17 -6.47 5.60 -3.93
N LYS A 18 -6.34 6.86 -3.49
CA LYS A 18 -7.28 7.93 -3.80
C LYS A 18 -6.59 9.10 -4.50
N LEU A 19 -7.07 9.44 -5.69
CA LEU A 19 -6.53 10.55 -6.45
C LEU A 19 -7.55 11.67 -6.58
N ASP A 20 -7.08 12.84 -6.99
CA ASP A 20 -7.93 14.01 -7.15
C ASP A 20 -8.28 14.23 -8.63
N ARG A 21 -8.88 15.38 -8.92
CA ARG A 21 -9.25 15.73 -10.29
C ARG A 21 -8.02 16.09 -11.13
N ASN A 22 -6.87 16.16 -10.48
CA ASN A 22 -5.62 16.50 -11.12
C ASN A 22 -4.75 15.26 -11.29
N GLY A 23 -5.37 14.09 -11.12
CA GLY A 23 -4.64 12.85 -11.23
C GLY A 23 -3.54 12.76 -10.20
N ALA A 24 -3.60 13.65 -9.22
CA ALA A 24 -2.65 13.71 -8.15
C ALA A 24 -3.10 12.81 -7.02
N VAL A 25 -2.15 12.16 -6.37
CA VAL A 25 -2.48 11.26 -5.28
C VAL A 25 -2.64 12.03 -3.98
N LYS A 26 -3.86 12.06 -3.46
CA LYS A 26 -4.14 12.78 -2.21
C LYS A 26 -4.11 11.84 -1.02
N LEU A 27 -4.37 10.56 -1.25
CA LEU A 27 -4.39 9.60 -0.15
C LEU A 27 -4.15 8.19 -0.64
N TYR A 28 -3.75 7.31 0.27
CA TYR A 28 -3.49 5.91 -0.04
C TYR A 28 -4.07 5.01 1.04
N ARG A 29 -4.46 3.81 0.63
CA ARG A 29 -4.96 2.81 1.54
C ARG A 29 -3.90 1.75 1.75
N ILE A 30 -3.53 1.55 3.01
CA ILE A 30 -2.56 0.54 3.39
C ILE A 30 -3.13 -0.37 4.48
N ARG A 31 -3.17 -1.65 4.18
CA ARG A 31 -3.71 -2.63 5.12
C ARG A 31 -2.64 -3.25 6.03
N TRP A 32 -3.10 -3.74 7.17
CA TRP A 32 -2.25 -4.39 8.18
C TRP A 32 -3.11 -5.13 9.16
N LEU A 33 -2.51 -5.59 10.23
CA LEU A 33 -3.23 -6.37 11.22
C LEU A 33 -2.34 -6.65 12.40
N ASN A 34 -1.28 -7.40 12.13
CA ASN A 34 -0.32 -7.78 13.16
C ASN A 34 0.18 -6.57 13.93
N TYR A 35 0.44 -5.48 13.20
CA TYR A 35 0.93 -4.24 13.79
C TYR A 35 0.19 -3.89 15.08
N SER A 36 -1.11 -4.14 15.07
CA SER A 36 -1.93 -3.82 16.23
C SER A 36 -3.40 -4.08 15.91
N SER A 37 -4.05 -4.89 16.75
CA SER A 37 -5.47 -5.23 16.58
C SER A 37 -6.27 -4.07 16.01
N ARG A 38 -6.36 -4.02 14.69
CA ARG A 38 -7.09 -2.95 13.99
C ARG A 38 -7.66 -3.49 12.69
N SER A 39 -7.96 -2.60 11.73
CA SER A 39 -8.53 -3.03 10.46
C SER A 39 -8.21 -2.04 9.34
N ASP A 40 -7.01 -2.17 8.76
CA ASP A 40 -6.56 -1.32 7.65
C ASP A 40 -6.85 0.16 7.89
N THR A 41 -5.88 1.00 7.54
CA THR A 41 -6.03 2.45 7.69
C THR A 41 -5.49 3.17 6.46
N TRP A 42 -5.77 4.46 6.39
CA TRP A 42 -5.33 5.27 5.26
C TRP A 42 -4.21 6.24 5.68
N GLU A 43 -3.25 6.37 4.79
CA GLU A 43 -2.11 7.24 4.98
C GLU A 43 -1.86 8.01 3.69
N PRO A 44 -1.25 9.20 3.74
CA PRO A 44 -0.97 9.98 2.54
C PRO A 44 0.31 9.56 1.84
N PRO A 45 0.53 10.07 0.62
CA PRO A 45 1.73 9.76 -0.17
C PRO A 45 2.99 10.35 0.43
N GLU A 46 2.87 11.61 0.77
CA GLU A 46 3.98 12.36 1.36
C GLU A 46 4.52 11.64 2.60
N ASN A 47 3.69 10.78 3.19
CA ASN A 47 4.08 10.01 4.35
C ASN A 47 4.97 8.86 3.89
N LEU A 48 4.71 8.40 2.67
CA LEU A 48 5.48 7.32 2.08
C LEU A 48 6.74 7.86 1.43
N SER A 49 7.27 8.92 1.98
CA SER A 49 8.51 9.51 1.47
C SER A 49 9.71 8.74 2.01
N GLY A 50 9.49 7.46 2.28
CA GLY A 50 10.54 6.59 2.79
C GLY A 50 10.14 5.13 2.78
N CYS A 51 8.86 4.86 2.52
CA CYS A 51 8.36 3.49 2.48
C CYS A 51 9.28 2.60 1.67
N SER A 52 9.35 2.85 0.36
CA SER A 52 10.18 2.10 -0.56
C SER A 52 9.60 0.72 -0.86
N ALA A 53 9.50 -0.14 0.15
CA ALA A 53 8.94 -1.46 -0.07
C ALA A 53 7.48 -1.35 -0.42
N VAL A 54 6.75 -0.62 0.42
CA VAL A 54 5.32 -0.40 0.23
C VAL A 54 5.03 0.07 -1.21
N LEU A 55 5.72 1.13 -1.59
CA LEU A 55 5.58 1.66 -2.93
C LEU A 55 5.97 0.57 -3.91
N ALA A 56 6.88 -0.30 -3.47
CA ALA A 56 7.35 -1.40 -4.30
C ALA A 56 6.23 -2.37 -4.65
N GLU A 57 5.43 -2.82 -3.67
CA GLU A 57 4.37 -3.75 -4.00
C GLU A 57 3.43 -3.05 -4.97
N TRP A 58 3.14 -1.79 -4.67
CA TRP A 58 2.25 -1.04 -5.53
C TRP A 58 2.78 -1.03 -6.96
N LYS A 59 3.99 -0.49 -7.22
CA LYS A 59 4.53 -0.49 -8.58
C LYS A 59 4.36 -1.86 -9.24
N ARG A 60 4.55 -2.92 -8.45
CA ARG A 60 4.37 -4.28 -8.97
C ARG A 60 2.94 -4.46 -9.47
N ARG A 61 2.00 -3.89 -8.71
CA ARG A 61 0.58 -3.92 -9.05
C ARG A 61 0.27 -2.81 -10.06
N LYS A 62 0.96 -1.70 -9.83
CA LYS A 62 0.90 -0.47 -10.63
C LYS A 62 1.54 -0.65 -12.01
N ARG A 63 2.24 -1.77 -12.20
CA ARG A 63 2.87 -2.07 -13.49
C ARG A 63 1.79 -2.11 -14.59
N ARG A 64 0.54 -2.23 -14.14
CA ARG A 64 -0.62 -2.27 -15.02
C ARG A 64 -0.78 -0.97 -15.83
N LEU A 65 0.24 -0.11 -15.80
CA LEU A 65 0.18 1.14 -16.55
C LEU A 65 1.17 1.15 -17.71
N LYS A 66 1.77 2.31 -17.98
CA LYS A 66 2.73 2.45 -19.08
C LYS A 66 2.05 2.34 -20.43
N GLY A 67 0.81 2.81 -20.51
CA GLY A 67 0.07 2.75 -21.75
C GLY A 67 -1.43 2.77 -21.53
N SER A 68 -2.05 1.60 -21.59
CA SER A 68 -3.50 1.49 -21.40
C SER A 68 -3.83 1.17 -19.95
N ASN A 69 -4.22 2.21 -19.19
CA ASN A 69 -4.57 2.04 -17.79
C ASN A 69 -5.55 3.11 -17.34
N SER A 70 -5.22 4.37 -17.63
CA SER A 70 -6.08 5.49 -17.25
C SER A 70 -6.38 5.48 -15.76
#